data_5UK2
#
_entry.id   5UK2
#
_cell.length_a   1
_cell.length_b   1
_cell.length_c   1
_cell.angle_alpha   90.00
_cell.angle_beta   90.00
_cell.angle_gamma   90.00
#
_symmetry.space_group_name_H-M   'P 1'
#
loop_
_entity.id
_entity.type
_entity.pdbx_description
1 polymer 'Hemagglutinin HA1'
2 polymer 'Hemagglutinin HA2'
3 polymer scFv
4 branched beta-D-mannopyranose-(1-4)-2-acetamido-2-deoxy-beta-D-glucopyranose-(1-4)-2-acetamido-2-deoxy-beta-D-glucopyranose
5 branched 2-acetamido-2-deoxy-beta-D-glucopyranose-(1-4)-2-acetamido-2-deoxy-beta-D-glucopyranose
6 non-polymer 2-acetamido-2-deoxy-beta-D-glucopyranose
#
loop_
_entity_poly.entity_id
_entity_poly.type
_entity_poly.pdbx_seq_one_letter_code
_entity_poly.pdbx_strand_id
1 'polypeptide(L)'
;EDTICIGYHANNSTDTVDTVLEKNVTVTHSVNLLEDSHNGKLCLLKGIAPLQLGNCSVAGWILGNPECELLISRESWSYI
VEKPNPENGTCYPGHFADYEELREQLSSVSSFERFEIFPKESSWPNHTTTGVSASCSHNGESSFYKNLLWLTGKNGLYPN
LSKSYANNKEKEVLVLWGVHHPPNIGDQRALYHTENAYVSVVSSHYSRKFTPEIAKRPKVRDREGRINYYWTLLEPGDTI
IFEANGNLIAPRYAFALSRGFGSGIINSNAPMDECDAKCQTPQGAINSSLPFQNVHPVTIGECPKYVRSAKLRMVTGLRN
IPS
;
A,C,E
2 'polypeptide(L)'
;GLFGAIAGFIEGGWTGMVDGWYGYHHQNEQGSGYAADQKSTQNAINGITNKVNSVIEKMNTQFTAVGKEFNKLERRMENL
NKKVDDGFIDIWTYNAELLVLLENERTLDFHDSNVKNLYEKVKSQLKNNAKEIGNGCFEFYHKCNDECMESVKNGTYDYP
KYSEESKLNREKI
;
B,D,F
3 'polypeptide(L)'
;EIVLTQSPGTLSLSPGERATLSCRASQSISGYYLTWYQQKPGQAPRLLIYGASSRATGIPDRFSGSGSGTDFTLTISRLE
PEDFAVYYCQQYGISPVITFGGGTNVEIKGGGGGSGGGGSGGGGSEVQLVESGGGLVQPGGSLRLSCAASGFTFNIYDMH
WVRQAPGKGLEWVSGLTTGGDTSYSGSVRGRFSISRENAKNSLYLQMNNLRAGDTAAYFCVRGVREVGATGGDPFYYAMA
VWGQGTTVTVSSASGSSGSGHHHHHH
;
G,H,I
#
loop_
_chem_comp.id
_chem_comp.type
_chem_comp.name
_chem_comp.formula
BMA D-saccharide, beta linking beta-D-mannopyranose 'C6 H12 O6'
NAG D-saccharide, beta linking 2-acetamido-2-deoxy-beta-D-glucopyranose 'C8 H15 N O6'
#
# COMPACT_ATOMS: atom_id res chain seq x y z
N GLU A 1 76.38 21.34 30.81
CA GLU A 1 76.72 19.94 30.58
C GLU A 1 75.59 19.31 29.76
N ASP A 2 75.69 18.01 29.50
CA ASP A 2 74.82 17.38 28.52
C ASP A 2 73.40 17.24 29.04
N THR A 3 72.49 16.96 28.11
CA THR A 3 71.09 16.78 28.40
C THR A 3 70.48 15.89 27.35
N ILE A 4 69.50 15.10 27.78
CA ILE A 4 68.62 14.33 26.92
C ILE A 4 67.22 14.86 27.12
N CYS A 5 66.44 14.91 26.04
CA CYS A 5 65.05 15.30 26.12
C CYS A 5 64.20 14.43 25.22
N ILE A 6 62.90 14.43 25.53
CA ILE A 6 61.88 13.88 24.66
C ILE A 6 61.77 14.76 23.42
N GLY A 7 60.98 14.31 22.44
CA GLY A 7 60.55 15.18 21.37
C GLY A 7 59.38 14.61 20.61
N TYR A 8 58.65 15.51 19.94
CA TYR A 8 57.56 15.08 19.08
C TYR A 8 57.24 16.20 18.08
N HIS A 9 56.34 15.88 17.16
CA HIS A 9 56.11 16.70 15.98
C HIS A 9 55.09 17.78 16.22
N ALA A 10 55.39 18.97 15.71
CA ALA A 10 54.41 20.00 15.44
C ALA A 10 54.68 20.47 14.02
N ASN A 11 53.85 21.38 13.53
CA ASN A 11 54.09 21.93 12.20
C ASN A 11 53.44 23.31 12.11
N ASN A 12 53.32 23.81 10.88
CA ASN A 12 52.61 25.06 10.62
C ASN A 12 51.11 24.87 10.49
N SER A 13 50.60 23.65 10.67
CA SER A 13 49.24 23.36 10.23
C SER A 13 48.23 23.96 11.19
N THR A 14 47.03 24.20 10.67
CA THR A 14 45.90 24.73 11.42
C THR A 14 44.58 24.08 11.03
N ASP A 15 44.59 22.85 10.52
CA ASP A 15 43.35 22.11 10.28
C ASP A 15 42.82 21.54 11.59
N THR A 16 41.49 21.43 11.68
CA THR A 16 40.79 21.33 12.96
C THR A 16 39.66 20.32 12.94
N VAL A 17 39.27 19.89 14.17
CA VAL A 17 38.06 19.10 14.42
C VAL A 17 37.14 19.82 15.38
N ASP A 18 35.98 19.25 15.63
CA ASP A 18 35.25 19.41 16.88
C ASP A 18 35.46 18.15 17.69
N THR A 19 35.48 18.31 19.02
CA THR A 19 35.81 17.20 19.91
C THR A 19 35.10 17.42 21.23
N VAL A 20 34.80 16.29 21.90
CA VAL A 20 34.05 16.11 23.16
C VAL A 20 34.39 17.18 24.19
N LEU A 21 35.68 17.47 24.29
CA LEU A 21 36.26 18.28 25.34
C LEU A 21 36.80 19.60 24.84
N GLU A 22 36.89 19.82 23.53
CA GLU A 22 37.23 21.15 23.04
C GLU A 22 36.84 21.22 21.56
N LYS A 23 36.56 22.44 21.11
CA LYS A 23 36.09 22.72 19.75
C LYS A 23 37.13 23.50 18.95
N ASN A 24 36.97 23.40 17.62
CA ASN A 24 37.93 23.85 16.57
C ASN A 24 39.37 23.43 16.86
N VAL A 25 39.51 22.23 17.38
CA VAL A 25 40.77 21.80 18.00
C VAL A 25 41.77 21.50 16.91
N THR A 26 42.91 22.16 17.03
CA THR A 26 43.95 22.20 16.02
C THR A 26 44.89 21.04 16.17
N VAL A 27 45.33 20.51 15.04
CA VAL A 27 46.28 19.41 14.98
C VAL A 27 47.25 19.59 13.83
N THR A 28 48.22 18.70 13.76
CA THR A 28 49.20 18.70 12.68
C THR A 28 48.61 18.07 11.44
N HIS A 29 48.29 16.80 11.54
CA HIS A 29 47.77 16.00 10.44
C HIS A 29 46.34 15.64 10.77
N SER A 30 45.55 15.47 9.73
CA SER A 30 44.15 15.11 9.83
C SER A 30 43.82 14.19 8.68
N VAL A 31 42.55 13.79 8.63
CA VAL A 31 41.98 13.18 7.44
C VAL A 31 40.49 13.46 7.46
N ASN A 32 40.00 14.02 6.36
CA ASN A 32 38.58 14.19 6.15
C ASN A 32 38.01 12.84 5.78
N LEU A 33 37.08 12.34 6.60
CA LEU A 33 36.30 11.19 6.19
C LEU A 33 35.43 11.51 4.99
N LEU A 34 34.94 12.73 4.92
CA LEU A 34 33.79 13.05 4.12
C LEU A 34 34.17 13.28 2.67
N GLU A 35 33.21 13.04 1.80
CA GLU A 35 33.22 13.55 0.43
C GLU A 35 32.14 14.60 0.34
N ASP A 36 32.50 15.83 0.67
CA ASP A 36 31.56 16.94 0.62
C ASP A 36 31.28 17.45 -0.78
N SER A 37 31.97 16.92 -1.80
CA SER A 37 32.08 17.55 -3.10
C SER A 37 31.33 16.74 -4.13
N HIS A 38 30.90 17.43 -5.16
CA HIS A 38 30.29 16.84 -6.33
C HIS A 38 30.89 17.50 -7.56
N ASN A 39 31.14 16.70 -8.57
CA ASN A 39 31.82 17.19 -9.76
C ASN A 39 30.91 18.02 -10.67
N GLY A 40 29.61 18.10 -10.40
CA GLY A 40 28.74 18.91 -11.24
C GLY A 40 28.53 18.31 -12.60
N LYS A 41 28.53 16.98 -12.70
CA LYS A 41 28.49 16.26 -13.95
C LYS A 41 27.53 15.09 -13.84
N LEU A 42 27.16 14.59 -15.00
CA LEU A 42 26.51 13.30 -15.14
C LEU A 42 27.47 12.48 -15.98
N CYS A 43 28.40 11.87 -15.28
CA CYS A 43 29.25 10.78 -15.73
C CYS A 43 28.42 9.52 -15.83
N LEU A 44 29.07 8.42 -16.16
CA LEU A 44 28.44 7.13 -16.38
C LEU A 44 29.14 6.10 -15.51
N LEU A 45 28.41 5.07 -15.10
CA LEU A 45 29.05 3.99 -14.37
C LEU A 45 30.03 3.25 -15.26
N LYS A 46 31.21 2.95 -14.73
CA LYS A 46 31.97 1.72 -15.10
C LYS A 46 32.49 1.67 -16.56
N GLY A 47 32.10 2.59 -17.45
CA GLY A 47 32.08 2.38 -18.88
C GLY A 47 30.73 2.02 -19.47
N ILE A 48 29.68 1.87 -18.66
CA ILE A 48 28.31 1.62 -19.13
C ILE A 48 27.58 2.94 -19.07
N ALA A 49 27.12 3.42 -20.22
CA ALA A 49 26.44 4.70 -20.29
C ALA A 49 25.10 4.62 -19.55
N PRO A 50 24.52 5.75 -19.13
CA PRO A 50 23.12 5.75 -18.69
C PRO A 50 22.16 6.03 -19.85
N LEU A 51 20.90 5.76 -19.56
CA LEU A 51 19.81 6.17 -20.41
C LEU A 51 19.48 7.63 -20.16
N GLN A 52 19.35 8.35 -21.27
CA GLN A 52 18.98 9.75 -21.30
C GLN A 52 17.64 9.87 -22.00
N LEU A 53 16.70 10.51 -21.34
CA LEU A 53 15.43 10.90 -21.93
C LEU A 53 15.48 12.29 -22.55
N GLY A 54 16.44 13.10 -22.17
CA GLY A 54 16.45 14.47 -22.63
C GLY A 54 15.28 15.21 -22.02
N ASN A 55 14.31 15.50 -22.87
CA ASN A 55 13.09 16.18 -22.47
C ASN A 55 11.94 15.24 -22.19
N CYS A 56 12.09 13.95 -22.46
CA CYS A 56 10.92 13.10 -22.54
C CYS A 56 10.41 12.70 -21.17
N SER A 57 9.16 12.24 -21.17
CA SER A 57 8.62 11.46 -20.08
C SER A 57 8.98 9.99 -20.25
N VAL A 58 8.76 9.25 -19.17
CA VAL A 58 8.87 7.80 -19.25
C VAL A 58 7.79 7.24 -20.14
N ALA A 59 6.63 7.89 -20.16
CA ALA A 59 5.59 7.54 -21.10
C ALA A 59 6.05 7.76 -22.53
N GLY A 60 6.64 8.93 -22.78
CA GLY A 60 7.15 9.26 -24.09
C GLY A 60 8.29 8.35 -24.52
N TRP A 61 9.02 7.79 -23.55
CA TRP A 61 10.09 6.87 -23.86
C TRP A 61 9.53 5.51 -24.21
N ILE A 62 8.66 4.99 -23.35
CA ILE A 62 8.25 3.61 -23.50
C ILE A 62 7.32 3.42 -24.69
N LEU A 63 6.48 4.41 -24.96
CA LEU A 63 5.40 4.18 -25.89
C LEU A 63 5.84 4.29 -27.33
N GLY A 64 6.73 5.23 -27.62
CA GLY A 64 7.24 5.46 -28.95
C GLY A 64 6.94 6.82 -29.50
N ASN A 65 6.92 7.84 -28.66
CA ASN A 65 6.70 9.20 -29.10
C ASN A 65 7.81 9.59 -30.08
N PRO A 66 7.52 10.01 -31.32
CA PRO A 66 8.62 10.12 -32.32
C PRO A 66 9.66 11.16 -32.00
N GLU A 67 9.32 12.17 -31.20
CA GLU A 67 10.31 13.10 -30.68
C GLU A 67 11.02 12.57 -29.44
N CYS A 68 10.64 11.39 -28.96
CA CYS A 68 11.49 10.59 -28.08
C CYS A 68 12.17 9.56 -28.95
N GLU A 69 13.49 9.72 -29.12
CA GLU A 69 14.26 8.77 -29.90
C GLU A 69 14.21 7.41 -29.23
N LEU A 70 13.81 6.41 -30.02
CA LEU A 70 13.44 5.10 -29.49
C LEU A 70 14.64 4.42 -28.88
N LEU A 71 15.76 4.43 -29.59
CA LEU A 71 17.05 4.00 -29.09
C LEU A 71 17.04 2.52 -28.72
N ILE A 72 16.62 1.69 -29.67
CA ILE A 72 16.56 0.24 -29.46
C ILE A 72 17.91 -0.36 -29.17
N SER A 73 18.97 0.25 -29.71
CA SER A 73 20.34 -0.13 -29.40
C SER A 73 20.64 -0.07 -27.91
N ARG A 74 20.00 0.84 -27.18
CA ARG A 74 20.16 0.92 -25.74
C ARG A 74 19.47 -0.30 -25.15
N GLU A 75 20.29 -1.26 -24.72
CA GLU A 75 19.87 -2.61 -24.36
C GLU A 75 19.89 -2.83 -22.86
N SER A 76 20.77 -2.15 -22.16
CA SER A 76 20.83 -2.16 -20.71
C SER A 76 21.79 -1.03 -20.40
N TRP A 77 21.74 -0.47 -19.21
CA TRP A 77 22.47 0.75 -18.96
C TRP A 77 22.67 0.92 -17.46
N SER A 78 23.42 1.97 -17.13
CA SER A 78 23.80 2.22 -15.75
C SER A 78 22.60 2.69 -14.93
N TYR A 79 21.94 3.73 -15.41
CA TYR A 79 20.86 4.33 -14.66
C TYR A 79 20.04 5.20 -15.59
N ILE A 80 18.87 5.57 -15.10
CA ILE A 80 17.93 6.40 -15.84
C ILE A 80 18.14 7.84 -15.40
N VAL A 81 18.08 8.73 -16.38
CA VAL A 81 18.09 10.17 -16.17
C VAL A 81 16.77 10.73 -16.65
N GLU A 82 16.25 11.68 -15.87
CA GLU A 82 15.15 12.54 -16.25
C GLU A 82 15.57 13.97 -15.95
N LYS A 83 14.69 14.90 -16.26
CA LYS A 83 14.56 16.15 -15.55
C LYS A 83 13.42 16.06 -14.55
N PRO A 84 13.29 17.03 -13.64
CA PRO A 84 12.13 16.99 -12.73
C PRO A 84 10.81 17.25 -13.41
N ASN A 85 10.79 18.15 -14.39
CA ASN A 85 9.58 18.69 -15.00
C ASN A 85 9.57 18.26 -16.46
N PRO A 86 9.36 16.98 -16.74
CA PRO A 86 9.55 16.48 -18.11
C PRO A 86 8.52 17.03 -19.06
N GLU A 87 9.00 17.51 -20.20
CA GLU A 87 8.18 18.13 -21.21
C GLU A 87 7.16 17.16 -21.76
N ASN A 88 7.63 16.13 -22.45
CA ASN A 88 6.79 15.36 -23.35
C ASN A 88 6.15 14.24 -22.58
N GLY A 89 5.02 14.56 -21.96
CA GLY A 89 3.99 13.59 -21.66
C GLY A 89 3.27 13.16 -22.92
N THR A 90 2.15 12.49 -22.76
CA THR A 90 1.52 11.84 -23.89
C THR A 90 0.82 12.83 -24.78
N CYS A 91 0.97 12.66 -26.08
CA CYS A 91 0.35 13.56 -27.05
C CYS A 91 -1.17 13.43 -27.09
N TYR A 92 -1.72 12.31 -26.64
CA TYR A 92 -3.16 12.12 -26.48
C TYR A 92 -3.33 11.73 -25.02
N PRO A 93 -3.86 12.58 -24.13
CA PRO A 93 -3.81 12.23 -22.71
C PRO A 93 -4.77 11.11 -22.35
N GLY A 94 -4.73 10.75 -21.09
CA GLY A 94 -5.31 9.54 -20.59
C GLY A 94 -4.69 9.17 -19.27
N HIS A 95 -5.48 8.55 -18.42
CA HIS A 95 -4.94 8.12 -17.15
C HIS A 95 -3.99 6.96 -17.38
N PHE A 96 -2.86 7.01 -16.70
CA PHE A 96 -1.77 6.05 -16.86
C PHE A 96 -1.54 5.43 -15.51
N ALA A 97 -2.27 4.37 -15.23
CA ALA A 97 -2.29 3.84 -13.88
C ALA A 97 -1.00 3.13 -13.56
N ASP A 98 -0.71 3.10 -12.26
CA ASP A 98 0.41 2.36 -11.67
C ASP A 98 1.76 2.82 -12.22
N TYR A 99 1.84 4.13 -12.44
CA TYR A 99 3.06 4.83 -12.84
C TYR A 99 4.22 4.50 -11.90
N GLU A 100 3.92 4.45 -10.60
CA GLU A 100 4.86 4.08 -9.55
C GLU A 100 5.44 2.71 -9.79
N GLU A 101 4.52 1.76 -9.99
CA GLU A 101 4.90 0.36 -10.03
C GLU A 101 5.72 0.05 -11.27
N LEU A 102 5.35 0.68 -12.38
CA LEU A 102 6.14 0.49 -13.59
C LEU A 102 7.52 1.08 -13.42
N ARG A 103 7.61 2.21 -12.72
CA ARG A 103 8.90 2.85 -12.54
C ARG A 103 9.81 2.01 -11.68
N GLU A 104 9.26 1.45 -10.62
CA GLU A 104 10.05 0.59 -9.76
C GLU A 104 10.45 -0.67 -10.49
N GLN A 105 9.58 -1.17 -11.36
CA GLN A 105 9.96 -2.33 -12.14
C GLN A 105 11.04 -2.02 -13.13
N LEU A 106 11.01 -0.81 -13.67
CA LEU A 106 12.04 -0.29 -14.53
C LEU A 106 13.04 0.55 -13.78
N SER A 107 13.19 0.33 -12.48
CA SER A 107 14.38 0.79 -11.78
C SER A 107 15.63 0.29 -12.44
N SER A 108 15.64 -0.98 -12.84
CA SER A 108 16.86 -1.72 -13.09
C SER A 108 16.69 -2.59 -14.32
N VAL A 109 17.80 -2.78 -15.03
CA VAL A 109 17.88 -3.65 -16.19
C VAL A 109 18.97 -4.66 -15.91
N SER A 110 18.67 -5.93 -16.20
CA SER A 110 19.69 -6.93 -16.50
C SER A 110 19.69 -7.24 -17.98
N SER A 111 18.51 -7.22 -18.60
CA SER A 111 18.38 -7.33 -20.04
C SER A 111 17.12 -6.59 -20.42
N PHE A 112 17.15 -5.95 -21.57
CA PHE A 112 16.03 -5.13 -22.01
C PHE A 112 16.16 -4.90 -23.49
N GLU A 113 15.07 -5.13 -24.20
CA GLU A 113 15.10 -4.97 -25.63
C GLU A 113 13.65 -4.88 -26.11
N ARG A 114 13.52 -4.65 -27.40
CA ARG A 114 12.26 -4.41 -28.06
C ARG A 114 12.12 -5.43 -29.17
N PHE A 115 10.95 -6.04 -29.25
CA PHE A 115 10.64 -6.99 -30.30
C PHE A 115 9.23 -6.70 -30.78
N GLU A 116 8.77 -7.53 -31.71
CA GLU A 116 7.54 -7.31 -32.45
C GLU A 116 6.63 -8.49 -32.15
N ILE A 117 5.89 -8.38 -31.03
CA ILE A 117 5.02 -9.45 -30.58
C ILE A 117 3.96 -9.78 -31.61
N PHE A 118 3.34 -8.76 -32.17
CA PHE A 118 2.23 -8.84 -33.13
C PHE A 118 2.66 -7.86 -34.22
N PRO A 119 3.31 -8.31 -35.30
CA PRO A 119 3.63 -7.38 -36.39
C PRO A 119 2.40 -6.73 -36.99
N LYS A 120 2.51 -5.43 -37.25
CA LYS A 120 1.39 -4.64 -37.75
C LYS A 120 0.85 -5.21 -39.04
N GLU A 121 1.74 -5.48 -39.97
CA GLU A 121 1.43 -6.35 -41.08
C GLU A 121 1.03 -7.72 -40.54
N SER A 122 -0.12 -8.21 -41.01
CA SER A 122 -0.64 -9.57 -40.80
C SER A 122 -1.23 -9.83 -39.42
N SER A 123 -1.13 -8.89 -38.47
CA SER A 123 -1.84 -9.07 -37.21
C SER A 123 -3.33 -8.84 -37.42
N TRP A 124 -3.68 -7.65 -37.89
CA TRP A 124 -5.07 -7.20 -37.99
C TRP A 124 -5.46 -6.89 -39.43
N PRO A 125 -5.60 -7.91 -40.29
CA PRO A 125 -6.37 -7.72 -41.53
C PRO A 125 -7.78 -7.20 -41.32
N ASN A 126 -8.56 -7.82 -40.43
CA ASN A 126 -9.97 -7.51 -40.31
C ASN A 126 -10.27 -6.27 -39.48
N HIS A 127 -9.29 -5.46 -39.16
CA HIS A 127 -9.51 -4.11 -38.68
C HIS A 127 -8.53 -3.21 -39.39
N THR A 128 -9.03 -2.09 -39.86
CA THR A 128 -8.16 -1.10 -40.47
C THR A 128 -7.35 -0.48 -39.35
N THR A 129 -6.05 -0.41 -39.55
CA THR A 129 -5.10 -0.23 -38.47
C THR A 129 -4.45 1.14 -38.46
N THR A 130 -4.20 1.69 -39.63
CA THR A 130 -3.20 2.72 -39.81
C THR A 130 -3.62 4.10 -39.32
N GLY A 131 -4.81 4.25 -38.77
CA GLY A 131 -5.24 5.56 -38.34
C GLY A 131 -4.44 6.07 -37.16
N VAL A 132 -4.13 7.36 -37.22
CA VAL A 132 -3.37 8.08 -36.21
C VAL A 132 -4.03 9.43 -35.97
N SER A 133 -3.37 10.29 -35.20
CA SER A 133 -3.82 11.63 -34.88
C SER A 133 -2.66 12.59 -35.03
N ALA A 134 -2.99 13.88 -34.93
CA ALA A 134 -2.09 14.94 -35.35
C ALA A 134 -1.35 15.60 -34.19
N SER A 135 -1.71 15.30 -32.94
CA SER A 135 -0.93 15.79 -31.81
C SER A 135 0.31 14.95 -31.66
N CYS A 136 0.14 13.65 -31.75
CA CYS A 136 1.25 12.73 -31.84
C CYS A 136 1.85 12.96 -33.21
N SER A 137 2.93 13.75 -33.24
CA SER A 137 3.47 14.26 -34.48
C SER A 137 4.97 14.24 -34.46
N HIS A 138 5.53 14.38 -35.65
CA HIS A 138 6.96 14.28 -35.88
C HIS A 138 7.35 15.32 -36.91
N ASN A 139 8.07 16.35 -36.45
CA ASN A 139 8.55 17.45 -37.28
C ASN A 139 7.41 18.13 -38.03
N GLY A 140 6.31 18.36 -37.32
CA GLY A 140 5.16 19.01 -37.89
C GLY A 140 4.30 18.14 -38.77
N GLU A 141 4.38 16.82 -38.64
CA GLU A 141 3.61 15.87 -39.41
C GLU A 141 3.07 14.83 -38.47
N SER A 142 1.85 14.37 -38.74
CA SER A 142 1.13 13.56 -37.77
C SER A 142 1.77 12.21 -37.58
N SER A 143 1.36 11.53 -36.53
CA SER A 143 1.88 10.20 -36.23
C SER A 143 1.13 9.56 -35.09
N PHE A 144 1.64 8.42 -34.65
CA PHE A 144 1.23 7.80 -33.42
C PHE A 144 2.44 7.01 -32.95
N TYR A 145 2.42 6.64 -31.67
CA TYR A 145 3.44 5.86 -31.00
C TYR A 145 3.87 4.64 -31.78
N LYS A 146 5.17 4.40 -31.78
CA LYS A 146 5.78 3.29 -32.50
C LYS A 146 5.25 1.96 -32.04
N ASN A 147 5.22 1.74 -30.74
CA ASN A 147 5.13 0.39 -30.19
C ASN A 147 3.73 -0.19 -30.24
N LEU A 148 2.72 0.58 -30.66
CA LEU A 148 1.32 0.27 -30.40
C LEU A 148 0.55 0.43 -31.69
N LEU A 149 -0.74 0.12 -31.63
CA LEU A 149 -1.67 0.32 -32.74
C LEU A 149 -3.01 0.85 -32.28
N TRP A 150 -3.62 1.63 -33.17
CA TRP A 150 -5.06 1.76 -33.29
C TRP A 150 -5.61 0.59 -34.10
N LEU A 151 -6.88 0.24 -33.85
CA LEU A 151 -7.67 -0.58 -34.75
C LEU A 151 -9.04 0.03 -34.98
N THR A 152 -9.51 -0.03 -36.23
CA THR A 152 -10.89 0.33 -36.56
C THR A 152 -11.36 -0.52 -37.73
N GLY A 153 -12.61 -0.30 -38.13
CA GLY A 153 -13.31 -1.20 -39.03
C GLY A 153 -12.76 -1.19 -40.43
N LYS A 154 -13.26 -2.14 -41.23
CA LYS A 154 -12.95 -2.25 -42.65
C LYS A 154 -14.06 -1.54 -43.41
N ASN A 155 -13.93 -0.23 -43.54
CA ASN A 155 -15.01 0.64 -44.03
C ASN A 155 -16.24 0.44 -43.15
N GLY A 156 -16.08 0.86 -41.90
CA GLY A 156 -17.13 0.78 -40.90
C GLY A 156 -17.58 -0.62 -40.59
N LEU A 157 -16.68 -1.60 -40.71
CA LEU A 157 -16.97 -3.01 -40.50
C LEU A 157 -16.16 -3.53 -39.35
N TYR A 158 -16.76 -3.51 -38.15
CA TYR A 158 -16.12 -4.02 -36.94
C TYR A 158 -16.55 -5.46 -36.69
N PRO A 159 -15.65 -6.43 -36.79
CA PRO A 159 -15.79 -7.66 -36.01
C PRO A 159 -15.09 -7.53 -34.68
N ASN A 160 -15.50 -8.37 -33.72
CA ASN A 160 -14.90 -8.34 -32.38
C ASN A 160 -13.89 -9.46 -32.27
N LEU A 161 -12.91 -9.24 -31.38
CA LEU A 161 -11.65 -9.97 -31.42
C LEU A 161 -11.47 -10.82 -30.20
N SER A 162 -10.68 -11.88 -30.43
CA SER A 162 -10.04 -12.66 -29.40
C SER A 162 -8.65 -13.00 -29.91
N LYS A 163 -7.62 -12.62 -29.16
CA LYS A 163 -6.24 -12.96 -29.50
C LYS A 163 -5.48 -13.21 -28.21
N SER A 164 -4.25 -13.71 -28.36
CA SER A 164 -3.50 -14.18 -27.20
C SER A 164 -2.03 -14.24 -27.54
N TYR A 165 -1.24 -14.50 -26.52
CA TYR A 165 0.17 -14.81 -26.68
C TYR A 165 0.65 -15.46 -25.39
N ALA A 166 1.68 -16.29 -25.52
CA ALA A 166 2.44 -16.71 -24.35
C ALA A 166 3.88 -16.85 -24.79
N ASN A 167 4.75 -16.94 -23.80
CA ASN A 167 6.17 -16.80 -24.03
C ASN A 167 6.70 -18.07 -24.67
N ASN A 168 7.52 -17.87 -25.70
CA ASN A 168 8.49 -18.86 -26.14
C ASN A 168 9.91 -18.42 -25.84
N LYS A 169 10.14 -17.11 -25.72
CA LYS A 169 11.49 -16.58 -25.55
C LYS A 169 12.16 -17.00 -24.26
N GLU A 170 11.39 -17.41 -23.24
CA GLU A 170 11.83 -17.81 -21.92
C GLU A 170 12.40 -16.66 -21.08
N LYS A 171 12.33 -15.42 -21.54
CA LYS A 171 12.62 -14.23 -20.77
C LYS A 171 11.31 -13.62 -20.30
N GLU A 172 11.40 -12.66 -19.36
CA GLU A 172 10.20 -11.95 -18.95
C GLU A 172 9.85 -10.84 -19.92
N VAL A 173 8.58 -10.50 -19.92
CA VAL A 173 7.96 -9.74 -21.00
C VAL A 173 7.18 -8.63 -20.35
N LEU A 174 7.13 -7.49 -21.05
CA LEU A 174 6.48 -6.28 -20.58
C LEU A 174 5.57 -5.77 -21.68
N VAL A 175 4.28 -5.65 -21.33
CA VAL A 175 3.20 -5.46 -22.30
C VAL A 175 2.32 -4.29 -21.89
N LEU A 176 1.90 -3.53 -22.89
CA LEU A 176 1.13 -2.31 -22.76
C LEU A 176 -0.06 -2.35 -23.70
N TRP A 177 -1.13 -1.68 -23.28
CA TRP A 177 -2.34 -1.59 -24.08
C TRP A 177 -3.15 -0.41 -23.55
N GLY A 178 -4.25 -0.10 -24.25
CA GLY A 178 -5.07 1.03 -23.90
C GLY A 178 -6.53 0.82 -24.21
N VAL A 179 -7.32 1.74 -23.67
CA VAL A 179 -8.77 1.64 -23.64
C VAL A 179 -9.33 2.99 -24.05
N HIS A 180 -10.16 3.01 -25.09
CA HIS A 180 -10.60 4.25 -25.70
C HIS A 180 -11.80 4.85 -24.97
N HIS A 181 -11.68 6.13 -24.65
CA HIS A 181 -12.72 6.96 -24.04
C HIS A 181 -12.91 8.16 -24.95
N PRO A 182 -13.81 8.11 -25.94
CA PRO A 182 -13.99 9.24 -26.83
C PRO A 182 -14.55 10.44 -26.09
N PRO A 183 -14.39 11.67 -26.62
CA PRO A 183 -15.10 12.81 -26.04
C PRO A 183 -16.50 12.98 -26.64
N ASN A 184 -16.80 12.32 -27.76
CA ASN A 184 -18.14 12.31 -28.33
C ASN A 184 -18.44 10.92 -28.86
N ILE A 185 -19.74 10.67 -29.03
CA ILE A 185 -20.26 9.36 -29.40
C ILE A 185 -20.18 9.09 -30.89
N GLY A 186 -20.19 10.15 -31.72
CA GLY A 186 -20.29 9.95 -33.17
C GLY A 186 -19.10 9.21 -33.72
N ASP A 187 -17.93 9.44 -33.12
CA ASP A 187 -16.79 8.58 -33.34
C ASP A 187 -17.09 7.15 -32.95
N GLN A 188 -17.69 6.93 -31.79
CA GLN A 188 -17.80 5.58 -31.25
C GLN A 188 -18.69 4.71 -32.11
N ARG A 189 -19.83 5.27 -32.54
CA ARG A 189 -20.69 4.58 -33.48
C ARG A 189 -20.01 4.44 -34.83
N ALA A 190 -19.32 5.49 -35.27
CA ALA A 190 -18.78 5.51 -36.63
C ALA A 190 -17.64 4.51 -36.78
N LEU A 191 -16.73 4.50 -35.83
CA LEU A 191 -15.61 3.58 -35.85
C LEU A 191 -16.09 2.17 -35.58
N TYR A 192 -16.58 1.97 -34.36
CA TYR A 192 -16.65 0.63 -33.81
C TYR A 192 -18.06 0.06 -33.83
N HIS A 193 -19.08 0.92 -33.93
CA HIS A 193 -20.47 0.53 -34.14
C HIS A 193 -21.06 -0.20 -32.93
N THR A 194 -20.62 0.16 -31.72
CA THR A 194 -21.30 -0.23 -30.49
C THR A 194 -21.16 0.88 -29.48
N GLU A 195 -22.29 1.22 -28.86
CA GLU A 195 -22.26 1.93 -27.59
C GLU A 195 -21.78 1.05 -26.45
N ASN A 196 -21.91 -0.26 -26.59
CA ASN A 196 -21.34 -1.20 -25.63
C ASN A 196 -19.83 -1.09 -25.70
N ALA A 197 -19.21 -0.92 -24.55
CA ALA A 197 -17.79 -1.23 -24.36
C ALA A 197 -17.72 -2.47 -23.48
N TYR A 198 -16.96 -3.46 -23.92
CA TYR A 198 -16.58 -4.58 -23.08
C TYR A 198 -15.29 -5.12 -23.65
N VAL A 199 -14.25 -5.05 -22.82
CA VAL A 199 -12.92 -5.52 -23.13
C VAL A 199 -12.57 -6.41 -21.95
N SER A 200 -11.73 -7.40 -22.21
CA SER A 200 -11.26 -8.32 -21.17
C SER A 200 -9.84 -8.71 -21.50
N VAL A 201 -8.89 -8.09 -20.80
CA VAL A 201 -7.46 -8.37 -20.93
C VAL A 201 -7.10 -9.19 -19.71
N VAL A 202 -6.67 -10.43 -19.96
CA VAL A 202 -6.73 -11.51 -18.98
C VAL A 202 -5.41 -12.26 -18.95
N SER A 203 -5.03 -12.70 -17.75
CA SER A 203 -3.92 -13.60 -17.50
C SER A 203 -4.32 -14.50 -16.34
N SER A 204 -3.36 -15.29 -15.87
CA SER A 204 -3.59 -16.14 -14.71
C SER A 204 -3.61 -15.29 -13.45
N HIS A 205 -2.51 -14.57 -13.21
CA HIS A 205 -2.42 -13.75 -12.02
C HIS A 205 -3.31 -12.54 -12.16
N TYR A 206 -3.02 -11.72 -13.15
CA TYR A 206 -3.79 -10.52 -13.43
C TYR A 206 -4.97 -10.88 -14.32
N SER A 207 -6.05 -10.14 -14.16
CA SER A 207 -7.13 -10.11 -15.12
C SER A 207 -7.97 -8.88 -14.84
N ARG A 208 -8.44 -8.25 -15.90
CA ARG A 208 -9.29 -7.08 -15.73
C ARG A 208 -10.08 -6.86 -17.02
N LYS A 209 -11.26 -6.28 -16.85
CA LYS A 209 -12.17 -5.91 -17.92
C LYS A 209 -12.35 -4.41 -17.94
N PHE A 210 -12.96 -3.92 -19.01
CA PHE A 210 -13.26 -2.50 -19.17
C PHE A 210 -14.55 -2.28 -19.94
N THR A 211 -15.43 -1.42 -19.39
CA THR A 211 -16.69 -1.04 -20.05
C THR A 211 -16.97 0.46 -19.97
N PRO A 212 -16.16 1.34 -20.59
CA PRO A 212 -16.37 2.79 -20.43
C PRO A 212 -17.42 3.41 -21.35
N GLU A 213 -17.63 4.72 -21.17
CA GLU A 213 -18.66 5.52 -21.84
C GLU A 213 -17.96 6.72 -22.48
N ILE A 214 -18.74 7.61 -23.08
CA ILE A 214 -18.27 8.96 -23.35
C ILE A 214 -18.22 9.67 -22.01
N ALA A 215 -17.20 10.50 -21.81
CA ALA A 215 -17.10 11.39 -20.66
C ALA A 215 -16.37 12.64 -21.13
N LYS A 216 -17.13 13.71 -21.34
CA LYS A 216 -16.57 14.94 -21.90
C LYS A 216 -15.60 15.57 -20.93
N ARG A 217 -14.59 16.24 -21.48
CA ARG A 217 -13.48 16.81 -20.75
C ARG A 217 -13.07 18.10 -21.45
N PRO A 218 -12.20 18.91 -20.84
CA PRO A 218 -11.72 20.10 -21.54
C PRO A 218 -10.66 19.78 -22.59
N LYS A 219 -10.43 20.76 -23.45
CA LYS A 219 -9.32 20.71 -24.40
C LYS A 219 -8.01 20.68 -23.65
N VAL A 220 -7.20 19.64 -23.91
CA VAL A 220 -5.89 19.47 -23.31
C VAL A 220 -4.96 18.96 -24.41
N ARG A 221 -3.98 19.77 -24.76
CA ARG A 221 -3.20 19.62 -25.99
C ARG A 221 -4.14 19.48 -27.18
N ASP A 222 -5.16 20.35 -27.21
CA ASP A 222 -6.18 20.36 -28.25
C ASP A 222 -6.90 19.02 -28.32
N ARG A 223 -7.16 18.43 -27.15
CA ARG A 223 -7.88 17.18 -27.05
C ARG A 223 -8.82 17.19 -25.86
N GLU A 224 -10.06 16.79 -26.10
CA GLU A 224 -10.99 16.39 -25.06
C GLU A 224 -10.93 14.89 -24.81
N GLY A 225 -10.74 14.10 -25.87
CA GLY A 225 -10.78 12.67 -25.74
C GLY A 225 -9.67 12.12 -24.88
N ARG A 226 -9.84 10.86 -24.46
CA ARG A 226 -8.85 10.18 -23.64
C ARG A 226 -8.76 8.71 -24.05
N ILE A 227 -7.57 8.15 -23.89
CA ILE A 227 -7.33 6.71 -23.88
C ILE A 227 -6.59 6.38 -22.60
N ASN A 228 -7.23 5.65 -21.72
CA ASN A 228 -6.58 5.26 -20.47
C ASN A 228 -5.66 4.09 -20.76
N TYR A 229 -4.43 4.21 -20.29
CA TYR A 229 -3.37 3.25 -20.57
C TYR A 229 -3.24 2.24 -19.43
N TYR A 230 -3.03 0.98 -19.81
CA TYR A 230 -3.03 -0.15 -18.90
C TYR A 230 -1.94 -1.13 -19.33
N TRP A 231 -1.33 -1.82 -18.36
CA TRP A 231 -0.06 -2.51 -18.59
C TRP A 231 0.12 -3.63 -17.59
N THR A 232 0.99 -4.57 -17.95
CA THR A 232 1.44 -5.56 -16.97
C THR A 232 2.73 -6.23 -17.39
N LEU A 233 3.37 -6.82 -16.38
CA LEU A 233 4.42 -7.81 -16.58
C LEU A 233 3.78 -9.13 -16.95
N LEU A 234 4.55 -9.95 -17.66
CA LEU A 234 4.12 -11.26 -18.08
C LEU A 234 5.33 -12.17 -18.15
N GLU A 235 5.26 -13.27 -17.43
CA GLU A 235 6.41 -14.13 -17.17
C GLU A 235 6.52 -15.20 -18.25
N PRO A 236 7.62 -15.97 -18.27
CA PRO A 236 7.62 -17.18 -19.09
C PRO A 236 6.58 -18.17 -18.60
N GLY A 237 5.96 -18.86 -19.55
CA GLY A 237 4.98 -19.89 -19.26
C GLY A 237 3.56 -19.38 -19.22
N ASP A 238 3.35 -18.15 -18.77
CA ASP A 238 2.00 -17.63 -18.64
C ASP A 238 1.51 -17.08 -19.97
N THR A 239 0.20 -17.16 -20.14
CA THR A 239 -0.52 -16.71 -21.33
C THR A 239 -1.31 -15.48 -20.99
N ILE A 240 -1.45 -14.61 -22.00
CA ILE A 240 -2.32 -13.45 -21.99
C ILE A 240 -3.34 -13.64 -23.09
N ILE A 241 -4.56 -13.15 -22.81
CA ILE A 241 -5.64 -13.08 -23.79
C ILE A 241 -6.13 -11.63 -23.79
N PHE A 242 -6.43 -11.15 -24.98
CA PHE A 242 -7.24 -9.96 -25.21
C PHE A 242 -8.56 -10.41 -25.81
N GLU A 243 -9.66 -9.86 -25.29
CA GLU A 243 -10.97 -9.92 -25.93
C GLU A 243 -11.55 -8.52 -26.00
N ALA A 244 -12.26 -8.20 -27.09
CA ALA A 244 -12.82 -6.86 -27.16
C ALA A 244 -13.87 -6.64 -28.24
N ASN A 245 -14.74 -5.65 -27.96
CA ASN A 245 -15.63 -5.02 -28.93
C ASN A 245 -15.16 -3.63 -29.35
N GLY A 246 -13.87 -3.41 -29.46
CA GLY A 246 -13.30 -2.18 -29.95
C GLY A 246 -12.78 -1.38 -28.79
N ASN A 247 -12.53 -0.09 -29.05
CA ASN A 247 -12.04 0.86 -28.06
C ASN A 247 -10.72 0.39 -27.45
N LEU A 248 -9.77 0.04 -28.30
CA LEU A 248 -8.53 -0.60 -27.93
C LEU A 248 -7.33 0.19 -28.40
N ILE A 249 -6.23 0.03 -27.67
CA ILE A 249 -4.89 0.21 -28.20
C ILE A 249 -4.15 -1.08 -27.95
N ALA A 250 -3.54 -1.58 -29.01
CA ALA A 250 -2.96 -2.91 -29.08
C ALA A 250 -1.44 -2.84 -29.08
N PRO A 251 -0.77 -3.95 -28.73
CA PRO A 251 0.67 -3.98 -28.94
C PRO A 251 1.01 -4.25 -30.39
N ARG A 252 1.83 -3.37 -30.95
CA ARG A 252 2.61 -3.69 -32.13
C ARG A 252 3.92 -4.34 -31.70
N TYR A 253 4.66 -3.65 -30.84
CA TYR A 253 5.92 -4.09 -30.31
C TYR A 253 5.78 -4.22 -28.81
N ALA A 254 6.62 -5.03 -28.24
CA ALA A 254 6.61 -5.36 -26.84
C ALA A 254 8.03 -5.43 -26.34
N PHE A 255 8.19 -5.24 -25.03
CA PHE A 255 9.51 -5.11 -24.43
C PHE A 255 9.92 -6.42 -23.78
N ALA A 256 10.88 -7.07 -24.41
CA ALA A 256 11.52 -8.25 -23.83
C ALA A 256 12.50 -7.77 -22.78
N LEU A 257 12.69 -8.57 -21.72
CA LEU A 257 13.60 -8.17 -20.67
C LEU A 257 13.95 -9.34 -19.78
N SER A 258 15.02 -9.14 -19.03
CA SER A 258 15.27 -9.79 -17.76
C SER A 258 15.21 -8.69 -16.69
N ARG A 259 15.56 -9.04 -15.47
CA ARG A 259 15.12 -8.28 -14.31
C ARG A 259 15.89 -6.99 -14.07
N GLY A 260 17.16 -7.14 -13.72
CA GLY A 260 17.97 -6.09 -13.13
C GLY A 260 17.98 -6.16 -11.63
N PHE A 261 18.87 -5.38 -11.04
CA PHE A 261 18.88 -5.15 -9.61
C PHE A 261 19.66 -3.89 -9.33
N GLY A 262 19.11 -3.03 -8.49
CA GLY A 262 19.87 -2.02 -7.82
C GLY A 262 20.07 -0.71 -8.56
N SER A 263 19.94 -0.69 -9.89
CA SER A 263 19.93 0.58 -10.61
C SER A 263 18.55 1.24 -10.44
N GLY A 264 18.44 2.50 -10.87
CA GLY A 264 17.23 3.25 -10.59
C GLY A 264 17.06 4.50 -11.42
N ILE A 265 16.54 5.54 -10.78
CA ILE A 265 15.96 6.71 -11.45
C ILE A 265 16.59 7.95 -10.86
N ILE A 266 16.77 8.94 -11.73
CA ILE A 266 17.25 10.26 -11.35
C ILE A 266 16.34 11.31 -11.99
N ASN A 267 16.08 12.38 -11.24
CA ASN A 267 15.74 13.69 -11.79
C ASN A 267 16.99 14.57 -11.71
N SER A 268 17.39 15.16 -12.82
CA SER A 268 18.56 16.03 -12.86
C SER A 268 18.57 16.89 -14.12
N ASN A 269 19.00 18.14 -13.94
CA ASN A 269 19.20 19.09 -15.02
C ASN A 269 20.66 19.42 -15.27
N ALA A 270 21.58 18.96 -14.41
CA ALA A 270 22.99 19.25 -14.59
C ALA A 270 23.50 18.54 -15.84
N PRO A 271 24.59 19.01 -16.45
CA PRO A 271 24.96 18.51 -17.77
C PRO A 271 25.49 17.09 -17.74
N MET A 272 25.66 16.57 -18.96
CA MET A 272 26.03 15.19 -19.22
C MET A 272 27.36 15.15 -19.94
N ASP A 273 28.14 14.11 -19.65
CA ASP A 273 29.55 14.09 -20.05
C ASP A 273 30.03 12.66 -20.17
N GLU A 274 31.06 12.47 -21.00
CA GLU A 274 31.69 11.17 -21.25
C GLU A 274 32.34 10.55 -20.03
N CYS A 275 32.64 11.33 -18.99
CA CYS A 275 33.40 10.89 -17.83
C CYS A 275 32.75 9.71 -17.12
N ASP A 276 33.55 9.06 -16.27
CA ASP A 276 33.22 7.80 -15.61
C ASP A 276 33.13 8.03 -14.10
N ALA A 277 32.34 7.18 -13.45
CA ALA A 277 32.25 7.17 -12.00
C ALA A 277 31.77 5.79 -11.55
N LYS A 278 31.54 5.72 -10.24
CA LYS A 278 31.08 4.53 -9.51
C LYS A 278 29.83 4.79 -8.68
N CYS A 279 29.47 6.05 -8.47
CA CYS A 279 28.20 6.40 -7.87
C CYS A 279 27.85 7.81 -8.31
N GLN A 280 26.56 8.13 -8.26
CA GLN A 280 26.04 9.27 -9.01
C GLN A 280 24.82 9.85 -8.33
N THR A 281 24.65 11.16 -8.49
CA THR A 281 23.52 11.90 -7.95
C THR A 281 23.39 13.17 -8.77
N PRO A 282 22.23 13.87 -8.71
CA PRO A 282 22.02 15.02 -9.61
C PRO A 282 22.99 16.16 -9.44
N GLN A 283 23.42 16.41 -8.23
CA GLN A 283 24.39 17.46 -8.01
C GLN A 283 25.76 17.10 -8.54
N GLY A 284 26.03 15.82 -8.77
CA GLY A 284 27.20 15.46 -9.55
C GLY A 284 27.46 13.97 -9.48
N ALA A 285 28.37 13.54 -10.35
CA ALA A 285 28.94 12.23 -10.19
C ALA A 285 29.87 12.28 -9.00
N ILE A 286 30.10 11.12 -8.41
CA ILE A 286 30.61 11.03 -7.05
C ILE A 286 31.80 10.10 -7.00
N ASN A 287 32.79 10.52 -6.23
CA ASN A 287 33.93 9.68 -5.88
C ASN A 287 33.49 8.65 -4.86
N SER A 288 33.57 7.38 -5.23
CA SER A 288 33.15 6.28 -4.37
C SER A 288 34.24 5.81 -3.40
N SER A 289 35.31 6.57 -3.24
CA SER A 289 36.40 6.18 -2.35
C SER A 289 35.96 6.15 -0.89
N LEU A 290 35.36 7.25 -0.45
CA LEU A 290 35.14 7.54 0.95
C LEU A 290 33.78 7.02 1.41
N PRO A 291 33.52 6.98 2.73
CA PRO A 291 32.28 6.32 3.19
C PRO A 291 31.04 7.16 3.09
N PHE A 292 31.16 8.48 3.30
CA PHE A 292 30.02 9.34 3.58
C PHE A 292 29.98 10.58 2.69
N GLN A 293 28.76 11.08 2.50
CA GLN A 293 28.49 12.43 2.08
C GLN A 293 27.55 13.09 3.07
N ASN A 294 27.49 14.42 2.99
CA ASN A 294 26.40 15.22 3.51
C ASN A 294 25.71 15.97 2.40
N VAL A 295 25.78 15.43 1.20
CA VAL A 295 25.66 16.22 0.00
C VAL A 295 24.22 16.14 -0.48
N HIS A 296 23.77 14.91 -0.74
CA HIS A 296 22.44 14.72 -1.28
C HIS A 296 21.98 13.27 -1.12
N PRO A 297 20.78 12.98 -0.58
CA PRO A 297 20.46 11.58 -0.29
C PRO A 297 20.32 10.68 -1.50
N VAL A 298 19.74 11.20 -2.57
CA VAL A 298 19.48 10.37 -3.74
C VAL A 298 20.80 9.97 -4.37
N THR A 299 20.98 8.67 -4.54
CA THR A 299 22.17 8.10 -5.13
C THR A 299 21.80 6.86 -5.91
N ILE A 300 22.64 6.56 -6.90
CA ILE A 300 22.67 5.25 -7.56
C ILE A 300 24.12 4.80 -7.61
N GLY A 301 24.35 3.52 -7.33
CA GLY A 301 25.63 2.88 -7.62
C GLY A 301 26.24 2.31 -6.35
N GLU A 302 27.57 2.28 -6.36
CA GLU A 302 28.38 1.79 -5.25
C GLU A 302 28.83 3.00 -4.45
N CYS A 303 28.04 3.38 -3.45
CA CYS A 303 27.95 4.77 -3.05
C CYS A 303 28.46 5.04 -1.64
N PRO A 304 28.64 6.31 -1.28
CA PRO A 304 28.67 6.68 0.13
C PRO A 304 27.28 6.61 0.76
N LYS A 305 27.20 7.14 1.99
CA LYS A 305 25.93 7.32 2.68
C LYS A 305 25.76 8.74 3.20
N TYR A 306 24.52 9.15 3.23
CA TYR A 306 24.14 10.53 3.48
C TYR A 306 24.08 10.78 4.97
N VAL A 307 24.36 12.03 5.35
CA VAL A 307 23.97 12.55 6.65
C VAL A 307 23.42 13.94 6.48
N ARG A 308 22.89 14.47 7.57
CA ARG A 308 22.71 15.90 7.78
C ARG A 308 23.85 16.31 8.68
N SER A 309 24.95 16.77 8.09
CA SER A 309 26.05 17.30 8.89
C SER A 309 26.86 18.23 8.01
N ALA A 310 27.82 18.91 8.64
CA ALA A 310 28.68 19.84 7.94
C ALA A 310 29.97 19.15 7.51
N LYS A 311 30.56 18.37 8.40
CA LYS A 311 31.93 17.93 8.22
C LYS A 311 32.21 16.81 9.20
N LEU A 312 33.11 15.92 8.81
CA LEU A 312 33.59 14.85 9.68
C LEU A 312 35.04 14.56 9.35
N ARG A 313 35.91 14.76 10.32
CA ARG A 313 37.34 14.73 10.13
C ARG A 313 37.98 14.01 11.31
N MET A 314 38.54 12.84 11.04
CA MET A 314 39.33 12.13 12.03
C MET A 314 40.69 12.77 12.13
N VAL A 315 41.26 12.74 13.33
CA VAL A 315 42.66 13.07 13.51
C VAL A 315 43.50 11.87 13.17
N THR A 316 44.43 12.09 12.24
CA THR A 316 45.59 11.23 12.10
C THR A 316 46.67 11.69 13.07
N GLY A 317 47.02 12.98 13.01
CA GLY A 317 48.15 13.52 13.75
C GLY A 317 47.81 13.79 15.20
N LEU A 318 48.11 15.00 15.66
CA LEU A 318 47.79 15.48 17.00
C LEU A 318 48.10 16.98 17.03
N ARG A 319 48.00 17.56 18.22
CA ARG A 319 48.00 19.00 18.47
C ARG A 319 49.23 19.71 17.89
N ASN A 320 49.05 21.02 17.63
CA ASN A 320 50.07 21.91 17.09
C ASN A 320 50.18 23.11 18.01
N ILE A 321 51.31 23.21 18.72
CA ILE A 321 51.68 24.40 19.49
C ILE A 321 53.15 24.69 19.24
N PRO A 322 53.52 25.79 18.56
CA PRO A 322 54.85 26.39 18.76
C PRO A 322 54.84 27.37 19.91
N SER A 323 55.99 27.97 20.22
CA SER A 323 56.08 28.92 21.30
C SER A 323 57.31 29.80 21.13
N GLY B 1 48.03 15.54 27.47
CA GLY B 1 48.29 15.40 28.89
C GLY B 1 47.12 14.89 29.70
N LEU B 2 46.32 13.99 29.11
CA LEU B 2 45.37 13.21 29.91
C LEU B 2 46.13 12.44 30.95
N PHE B 3 47.20 11.80 30.54
CA PHE B 3 47.98 10.94 31.38
C PHE B 3 49.21 11.64 31.95
N GLY B 4 49.45 12.90 31.57
CA GLY B 4 50.26 13.82 32.34
C GLY B 4 51.23 14.67 31.57
N ALA B 5 51.38 14.48 30.26
CA ALA B 5 52.45 15.10 29.48
C ALA B 5 52.01 16.33 28.67
N ILE B 6 51.13 16.13 27.70
CA ILE B 6 50.99 17.08 26.59
C ILE B 6 49.92 18.08 26.98
N ALA B 7 50.35 19.33 27.17
CA ALA B 7 49.67 20.30 28.03
C ALA B 7 49.51 19.76 29.44
N GLY B 8 50.50 18.99 29.90
CA GLY B 8 50.54 18.27 31.14
C GLY B 8 51.71 18.73 31.97
N PHE B 9 52.78 17.90 32.00
CA PHE B 9 54.09 18.43 32.36
C PHE B 9 54.80 19.05 31.15
N ILE B 10 54.52 18.58 29.94
CA ILE B 10 54.99 19.22 28.71
C ILE B 10 53.96 20.29 28.35
N GLU B 11 54.43 21.39 27.78
CA GLU B 11 53.59 22.54 27.47
C GLU B 11 53.23 22.59 26.00
N GLY B 12 54.20 22.39 25.11
CA GLY B 12 54.05 22.75 23.71
C GLY B 12 54.88 21.90 22.78
N GLY B 13 54.50 21.98 21.49
CA GLY B 13 55.07 21.13 20.45
C GLY B 13 56.24 21.79 19.74
N TRP B 14 56.89 20.98 18.91
CA TRP B 14 58.13 21.34 18.24
C TRP B 14 57.97 21.12 16.75
N THR B 15 58.23 22.17 15.97
CA THR B 15 58.11 22.15 14.53
C THR B 15 59.39 21.73 13.81
N GLY B 16 60.47 21.46 14.53
CA GLY B 16 61.74 21.27 13.88
C GLY B 16 61.80 19.94 13.14
N MET B 17 61.35 18.89 13.81
CA MET B 17 61.49 17.53 13.33
C MET B 17 60.19 17.10 12.67
N VAL B 18 60.32 16.42 11.53
CA VAL B 18 59.20 16.07 10.66
C VAL B 18 59.22 14.62 10.18
N ASP B 19 60.32 13.89 10.38
CA ASP B 19 60.40 12.53 9.85
C ASP B 19 59.48 11.54 10.57
N GLY B 20 58.93 11.90 11.71
CA GLY B 20 58.13 10.98 12.48
C GLY B 20 57.63 11.71 13.70
N TRP B 21 56.50 11.25 14.19
CA TRP B 21 55.74 12.04 15.14
C TRP B 21 56.35 12.10 16.53
N TYR B 22 57.26 11.19 16.88
CA TYR B 22 57.92 11.15 18.18
C TYR B 22 59.42 11.19 17.99
N GLY B 23 60.13 11.31 19.10
CA GLY B 23 61.57 11.21 19.11
C GLY B 23 62.16 11.72 20.40
N TYR B 24 63.43 12.08 20.27
CA TYR B 24 64.24 12.69 21.32
C TYR B 24 64.89 13.93 20.74
N HIS B 25 65.39 14.76 21.66
CA HIS B 25 66.35 15.81 21.35
C HIS B 25 67.62 15.53 22.12
N HIS B 26 68.72 15.39 21.38
CA HIS B 26 70.03 15.16 21.95
C HIS B 26 70.72 16.49 22.15
N GLN B 27 71.34 16.65 23.33
CA GLN B 27 72.12 17.83 23.66
C GLN B 27 73.40 17.35 24.32
N ASN B 28 74.50 17.46 23.59
CA ASN B 28 75.80 17.13 24.15
C ASN B 28 76.85 18.00 23.47
N GLU B 29 78.13 17.69 23.71
CA GLU B 29 79.22 18.60 23.40
C GLU B 29 79.36 18.85 21.90
N GLN B 30 79.06 17.83 21.09
CA GLN B 30 79.13 18.01 19.65
C GLN B 30 78.06 18.97 19.15
N GLY B 31 76.96 19.09 19.86
CA GLY B 31 75.95 20.09 19.58
C GLY B 31 74.59 19.60 20.01
N SER B 32 73.60 20.04 19.25
CA SER B 32 72.19 19.83 19.52
C SER B 32 71.54 19.22 18.28
N GLY B 33 70.46 18.48 18.49
CA GLY B 33 69.66 18.10 17.35
C GLY B 33 68.47 17.25 17.76
N TYR B 34 67.58 17.06 16.79
CA TYR B 34 66.34 16.34 16.97
C TYR B 34 66.46 15.05 16.18
N ALA B 35 65.86 13.98 16.70
CA ALA B 35 65.96 12.66 16.05
C ALA B 35 64.77 11.80 16.44
N ALA B 36 64.10 11.25 15.42
CA ALA B 36 62.77 10.70 15.63
C ALA B 36 62.79 9.23 16.05
N ASP B 37 61.72 8.80 16.73
CA ASP B 37 61.59 7.45 17.29
C ASP B 37 60.76 6.59 16.35
N GLN B 38 61.42 6.06 15.33
CA GLN B 38 60.73 5.34 14.27
C GLN B 38 60.12 4.03 14.74
N LYS B 39 60.64 3.43 15.81
CA LYS B 39 60.14 2.15 16.28
C LYS B 39 58.70 2.26 16.75
N SER B 40 58.51 2.97 17.86
CA SER B 40 57.20 3.11 18.44
C SER B 40 56.30 3.98 17.56
N THR B 41 56.91 4.91 16.83
CA THR B 41 56.17 5.73 15.88
C THR B 41 55.53 4.87 14.81
N GLN B 42 56.32 3.98 14.25
CA GLN B 42 55.84 3.13 13.17
C GLN B 42 54.81 2.12 13.70
N ASN B 43 54.98 1.67 14.95
CA ASN B 43 54.02 0.75 15.52
C ASN B 43 52.67 1.43 15.71
N ALA B 44 52.72 2.66 16.21
CA ALA B 44 51.52 3.46 16.40
C ALA B 44 50.80 3.67 15.09
N ILE B 45 51.57 4.03 14.06
CA ILE B 45 51.01 4.38 12.77
C ILE B 45 50.41 3.14 12.12
N ASN B 46 50.99 1.98 12.39
CA ASN B 46 50.36 0.73 11.99
C ASN B 46 49.02 0.55 12.69
N GLY B 47 48.95 0.97 13.96
CA GLY B 47 47.69 0.96 14.67
C GLY B 47 46.64 1.83 14.00
N ILE B 48 47.05 3.01 13.53
CA ILE B 48 46.10 3.93 12.93
C ILE B 48 45.63 3.42 11.58
N THR B 49 46.55 2.79 10.85
CA THR B 49 46.21 2.12 9.61
C THR B 49 45.12 1.09 9.85
N ASN B 50 45.31 0.28 10.89
CA ASN B 50 44.32 -0.74 11.22
C ASN B 50 42.99 -0.13 11.64
N LYS B 51 43.04 1.06 12.24
CA LYS B 51 41.83 1.76 12.65
C LYS B 51 41.02 2.07 11.40
N VAL B 52 41.62 2.83 10.49
CA VAL B 52 40.80 3.39 9.42
C VAL B 52 40.40 2.33 8.43
N ASN B 53 41.21 1.29 8.28
CA ASN B 53 40.73 0.11 7.57
C ASN B 53 39.56 -0.52 8.30
N SER B 54 39.55 -0.48 9.63
CA SER B 54 38.44 -1.02 10.42
C SER B 54 37.34 -0.02 10.73
N VAL B 55 37.31 1.13 10.05
CA VAL B 55 36.17 2.04 10.10
C VAL B 55 35.52 2.13 8.74
N ILE B 56 36.33 2.16 7.69
CA ILE B 56 35.81 2.30 6.33
C ILE B 56 35.14 0.98 5.98
N GLU B 57 35.87 -0.11 6.19
CA GLU B 57 35.46 -1.42 5.70
C GLU B 57 34.21 -1.95 6.39
N LYS B 58 33.87 -1.42 7.57
CA LYS B 58 32.78 -1.97 8.34
C LYS B 58 31.42 -1.60 7.76
N MET B 59 31.38 -0.55 6.93
CA MET B 59 30.27 -0.38 6.01
C MET B 59 30.22 -1.54 5.03
N ASN B 60 29.03 -1.80 4.50
CA ASN B 60 28.87 -2.46 3.21
C ASN B 60 27.93 -1.62 2.36
N THR B 61 28.46 -1.15 1.23
CA THR B 61 27.76 -0.24 0.33
C THR B 61 27.19 -1.05 -0.83
N GLN B 62 25.87 -1.24 -0.82
CA GLN B 62 25.24 -2.00 -1.89
C GLN B 62 25.30 -1.25 -3.21
N PHE B 63 25.07 -2.00 -4.29
CA PHE B 63 24.68 -1.39 -5.55
C PHE B 63 23.26 -0.87 -5.38
N THR B 64 23.16 0.37 -4.95
CA THR B 64 21.98 0.90 -4.29
C THR B 64 21.18 1.72 -5.30
N ALA B 65 19.86 1.79 -5.06
CA ALA B 65 18.95 2.75 -5.68
C ALA B 65 18.15 3.42 -4.58
N VAL B 66 18.35 4.72 -4.38
CA VAL B 66 17.74 5.37 -3.22
C VAL B 66 16.27 5.70 -3.48
N GLY B 67 15.96 6.28 -4.62
CA GLY B 67 14.76 7.09 -4.74
C GLY B 67 13.50 6.34 -5.09
N LYS B 68 12.40 6.95 -4.69
CA LYS B 68 11.05 6.55 -5.05
C LYS B 68 10.27 7.81 -5.33
N GLU B 69 9.09 7.65 -5.91
CA GLU B 69 8.17 8.77 -6.01
C GLU B 69 6.78 8.22 -6.31
N PHE B 70 5.79 9.02 -5.92
CA PHE B 70 4.46 8.53 -5.59
C PHE B 70 3.42 9.54 -6.07
N ASN B 71 2.17 9.11 -6.10
CA ASN B 71 1.05 10.01 -6.33
C ASN B 71 0.65 10.61 -4.99
N LYS B 72 -0.56 11.16 -4.91
CA LYS B 72 -1.09 11.79 -3.71
C LYS B 72 -2.22 11.00 -3.04
N LEU B 73 -2.49 9.77 -3.48
CA LEU B 73 -3.37 8.82 -2.78
C LEU B 73 -2.58 7.75 -2.07
N GLU B 74 -1.32 8.03 -1.74
CA GLU B 74 -0.37 7.09 -1.19
C GLU B 74 0.34 7.71 0.01
N ARG B 75 -0.31 8.67 0.66
CA ARG B 75 0.38 9.64 1.49
C ARG B 75 0.78 9.03 2.81
N ARG B 76 0.04 7.98 3.20
CA ARG B 76 0.56 6.96 4.08
C ARG B 76 2.00 6.64 3.73
N MET B 77 2.22 6.21 2.50
CA MET B 77 3.54 5.75 2.13
C MET B 77 4.50 6.89 1.90
N GLU B 78 4.01 8.07 1.54
CA GLU B 78 4.90 9.19 1.30
C GLU B 78 5.51 9.62 2.63
N ASN B 79 4.63 9.91 3.59
CA ASN B 79 5.12 10.36 4.88
C ASN B 79 5.85 9.25 5.60
N LEU B 80 5.50 7.99 5.30
CA LEU B 80 6.27 6.86 5.75
C LEU B 80 7.69 6.99 5.26
N ASN B 81 7.87 6.95 3.94
CA ASN B 81 9.18 6.83 3.30
C ASN B 81 10.08 8.00 3.67
N LYS B 82 9.46 9.16 3.83
CA LYS B 82 10.10 10.28 4.51
C LYS B 82 10.58 9.89 5.90
N LYS B 83 9.67 9.34 6.72
CA LYS B 83 10.00 9.03 8.12
C LYS B 83 11.09 7.99 8.22
N VAL B 84 11.00 6.98 7.38
CA VAL B 84 11.92 5.88 7.22
C VAL B 84 13.29 6.45 6.97
N ASP B 85 13.42 7.14 5.84
CA ASP B 85 14.72 7.55 5.34
C ASP B 85 15.36 8.53 6.29
N ASP B 86 14.57 9.48 6.79
CA ASP B 86 15.06 10.46 7.73
C ASP B 86 15.50 9.80 9.03
N GLY B 87 14.81 8.74 9.41
CA GLY B 87 15.19 7.95 10.57
C GLY B 87 16.57 7.33 10.43
N PHE B 88 16.73 6.58 9.34
CA PHE B 88 18.00 5.92 9.07
C PHE B 88 19.14 6.92 8.93
N ILE B 89 18.88 8.02 8.24
CA ILE B 89 19.82 9.09 7.94
C ILE B 89 20.33 9.66 9.24
N ASP B 90 19.40 9.95 10.13
CA ASP B 90 19.77 10.49 11.41
C ASP B 90 20.55 9.48 12.24
N ILE B 91 20.31 8.19 12.05
CA ILE B 91 20.94 7.21 12.90
C ILE B 91 22.39 7.07 12.50
N TRP B 92 22.63 6.94 11.20
CA TRP B 92 24.01 6.92 10.70
C TRP B 92 24.73 8.20 11.06
N THR B 93 24.01 9.33 11.03
CA THR B 93 24.59 10.62 11.34
C THR B 93 25.05 10.66 12.78
N TYR B 94 24.19 10.20 13.66
CA TYR B 94 24.44 10.33 15.09
C TYR B 94 25.55 9.39 15.52
N ASN B 95 25.48 8.16 15.01
CA ASN B 95 26.49 7.16 15.33
C ASN B 95 27.85 7.59 14.81
N ALA B 96 27.88 8.10 13.59
CA ALA B 96 29.14 8.49 12.98
C ALA B 96 29.74 9.71 13.67
N GLU B 97 28.90 10.64 14.09
CA GLU B 97 29.41 11.85 14.73
C GLU B 97 30.02 11.53 16.09
N LEU B 98 29.29 10.72 16.88
CA LEU B 98 29.84 10.19 18.11
C LEU B 98 31.11 9.40 17.87
N LEU B 99 31.15 8.68 16.75
CA LEU B 99 32.28 7.82 16.46
C LEU B 99 33.51 8.65 16.18
N VAL B 100 33.35 9.77 15.47
CA VAL B 100 34.50 10.61 15.17
C VAL B 100 34.99 11.27 16.44
N LEU B 101 34.06 11.71 17.28
CA LEU B 101 34.41 12.30 18.57
C LEU B 101 35.20 11.34 19.47
N LEU B 102 34.65 10.16 19.66
CA LEU B 102 35.23 9.19 20.57
C LEU B 102 36.55 8.68 20.05
N GLU B 103 36.57 8.33 18.77
CA GLU B 103 37.79 7.78 18.18
C GLU B 103 38.90 8.80 18.18
N ASN B 104 38.57 10.08 18.02
CA ASN B 104 39.61 11.09 18.10
C ASN B 104 40.06 11.30 19.53
N GLU B 105 39.15 11.16 20.48
CA GLU B 105 39.53 11.26 21.89
C GLU B 105 40.50 10.15 22.27
N ARG B 106 40.13 8.92 21.94
CA ARG B 106 41.01 7.78 22.16
C ARG B 106 42.27 7.86 21.34
N THR B 107 42.25 8.56 20.22
CA THR B 107 43.46 8.74 19.43
C THR B 107 44.44 9.66 20.13
N LEU B 108 43.93 10.75 20.71
CA LEU B 108 44.77 11.62 21.50
C LEU B 108 45.31 10.88 22.71
N ASP B 109 44.46 10.06 23.31
CA ASP B 109 44.89 9.28 24.46
C ASP B 109 45.92 8.24 24.07
N PHE B 110 45.79 7.70 22.85
CA PHE B 110 46.73 6.73 22.32
C PHE B 110 48.10 7.36 22.17
N HIS B 111 48.12 8.60 21.68
CA HIS B 111 49.38 9.32 21.51
C HIS B 111 50.02 9.60 22.85
N ASP B 112 49.20 10.14 23.74
CA ASP B 112 49.55 10.51 25.11
C ASP B 112 50.17 9.33 25.84
N SER B 113 49.53 8.18 25.63
CA SER B 113 49.98 6.98 26.28
C SER B 113 51.33 6.56 25.78
N ASN B 114 51.54 6.64 24.48
CA ASN B 114 52.79 6.16 23.92
C ASN B 114 53.96 7.03 24.37
N VAL B 115 53.73 8.34 24.43
CA VAL B 115 54.80 9.23 24.87
C VAL B 115 55.09 9.05 26.34
N LYS B 116 54.06 8.79 27.13
CA LYS B 116 54.27 8.62 28.56
C LYS B 116 54.99 7.33 28.85
N ASN B 117 54.63 6.28 28.11
CA ASN B 117 55.31 5.01 28.22
C ASN B 117 56.78 5.18 27.90
N LEU B 118 57.07 5.94 26.85
CA LEU B 118 58.46 6.17 26.46
C LEU B 118 59.21 6.96 27.51
N TYR B 119 58.50 7.89 28.15
CA TYR B 119 59.11 8.64 29.22
C TYR B 119 59.50 7.71 30.37
N GLU B 120 58.69 6.68 30.60
CA GLU B 120 59.06 5.69 31.59
C GLU B 120 60.15 4.75 31.10
N LYS B 121 60.26 4.54 29.78
CA LYS B 121 61.34 3.72 29.27
C LYS B 121 62.67 4.43 29.46
N VAL B 122 62.71 5.72 29.14
CA VAL B 122 63.91 6.53 29.23
C VAL B 122 64.29 6.62 30.70
N LYS B 123 63.30 6.85 31.54
CA LYS B 123 63.54 6.88 32.96
C LYS B 123 63.99 5.54 33.51
N SER B 124 63.58 4.44 32.88
CA SER B 124 63.80 3.13 33.45
C SER B 124 65.28 2.77 33.48
N GLN B 125 66.04 3.30 32.51
CA GLN B 125 67.46 3.06 32.49
C GLN B 125 68.19 3.91 33.53
N LEU B 126 67.95 5.22 33.49
CA LEU B 126 68.88 6.21 33.98
C LEU B 126 68.54 6.68 35.37
N LYS B 127 68.09 5.76 36.20
CA LYS B 127 67.26 6.03 37.37
C LYS B 127 68.00 6.86 38.42
N ASN B 128 69.06 6.30 38.96
CA ASN B 128 69.96 7.01 39.87
C ASN B 128 71.13 7.65 39.15
N ASN B 129 71.46 7.18 37.94
CA ASN B 129 72.59 7.75 37.21
C ASN B 129 72.34 9.19 36.79
N ALA B 130 71.10 9.60 36.64
CA ALA B 130 70.79 10.88 36.06
C ALA B 130 69.38 11.28 36.47
N LYS B 131 69.13 12.58 36.48
CA LYS B 131 68.04 13.17 37.24
C LYS B 131 66.98 13.76 36.34
N GLU B 132 65.76 13.74 36.87
CA GLU B 132 64.68 14.59 36.41
C GLU B 132 65.10 16.04 36.50
N ILE B 133 64.74 16.80 35.47
CA ILE B 133 64.89 18.25 35.44
C ILE B 133 63.62 18.82 34.88
N GLY B 134 63.11 19.88 35.53
CA GLY B 134 62.09 20.76 35.00
C GLY B 134 60.84 20.04 34.55
N ASN B 135 60.69 19.98 33.24
CA ASN B 135 59.78 19.06 32.58
C ASN B 135 60.39 18.67 31.24
N GLY B 136 60.06 17.46 30.77
CA GLY B 136 60.37 17.05 29.41
C GLY B 136 61.73 16.43 29.22
N CYS B 137 62.61 16.50 30.22
CA CYS B 137 64.03 16.26 30.01
C CYS B 137 64.64 15.62 31.24
N PHE B 138 65.84 15.11 31.06
CA PHE B 138 66.69 14.60 32.12
C PHE B 138 68.10 15.14 31.92
N GLU B 139 68.73 15.54 33.03
CA GLU B 139 70.13 15.96 33.03
C GLU B 139 70.98 14.82 33.57
N PHE B 140 72.15 14.66 32.96
CA PHE B 140 73.08 13.63 33.35
C PHE B 140 74.09 14.24 34.31
N TYR B 141 74.53 13.42 35.27
CA TYR B 141 75.71 13.71 36.05
C TYR B 141 77.00 13.22 35.38
N HIS B 142 76.97 12.91 34.09
CA HIS B 142 78.10 12.40 33.32
C HIS B 142 77.99 12.96 31.92
N LYS B 143 78.68 12.38 30.94
CA LYS B 143 78.69 12.87 29.56
C LYS B 143 78.34 11.76 28.59
N CYS B 144 77.71 12.15 27.48
CA CYS B 144 77.03 11.24 26.56
C CYS B 144 77.31 11.68 25.13
N ASN B 145 77.76 10.74 24.31
CA ASN B 145 78.11 10.95 22.91
C ASN B 145 76.96 10.46 22.02
N ASP B 146 77.19 10.49 20.70
CA ASP B 146 76.17 10.03 19.77
C ASP B 146 75.93 8.53 19.90
N GLU B 147 76.96 7.77 20.27
CA GLU B 147 76.79 6.35 20.54
C GLU B 147 75.88 6.15 21.74
N CYS B 148 76.06 6.96 22.78
CA CYS B 148 75.20 6.90 23.94
C CYS B 148 73.76 7.27 23.59
N MET B 149 73.59 8.21 22.66
CA MET B 149 72.25 8.56 22.20
C MET B 149 71.58 7.40 21.48
N GLU B 150 72.26 6.87 20.46
CA GLU B 150 71.69 5.79 19.65
C GLU B 150 71.45 4.53 20.48
N SER B 151 72.33 4.27 21.45
CA SER B 151 72.16 3.12 22.32
C SER B 151 70.96 3.33 23.24
N VAL B 152 70.84 4.53 23.78
CA VAL B 152 69.77 4.79 24.74
C VAL B 152 68.42 4.83 24.03
N LYS B 153 68.41 5.14 22.75
CA LYS B 153 67.17 5.02 21.98
C LYS B 153 66.68 3.60 21.94
N ASN B 154 67.53 2.64 21.58
CA ASN B 154 67.09 1.28 21.36
C ASN B 154 67.01 0.44 22.63
N GLY B 155 67.00 1.06 23.80
CA GLY B 155 66.75 0.32 25.03
C GLY B 155 67.99 -0.33 25.59
N THR B 156 69.12 0.36 25.51
CA THR B 156 70.42 -0.14 25.95
C THR B 156 71.18 1.01 26.58
N TYR B 157 71.73 0.80 27.78
CA TYR B 157 72.58 1.80 28.43
C TYR B 157 73.90 1.28 28.98
N ASP B 158 73.92 0.06 29.51
CA ASP B 158 75.03 -0.43 30.34
C ASP B 158 75.16 0.45 31.57
N TYR B 159 74.20 0.29 32.49
CA TYR B 159 74.16 0.90 33.83
C TYR B 159 75.50 1.13 34.54
N PRO B 160 76.45 0.17 34.58
CA PRO B 160 77.73 0.47 35.23
C PRO B 160 78.64 1.44 34.50
N LYS B 161 78.28 1.89 33.30
CA LYS B 161 79.21 2.62 32.45
C LYS B 161 79.57 3.98 33.05
N TYR B 162 78.57 4.82 33.26
CA TYR B 162 78.71 6.06 34.00
C TYR B 162 78.04 5.99 35.36
N SER B 163 78.13 4.84 36.02
CA SER B 163 77.57 4.71 37.35
C SER B 163 78.32 5.58 38.34
N GLU B 164 79.65 5.51 38.29
CA GLU B 164 80.46 6.11 39.34
C GLU B 164 80.64 7.60 39.13
N GLU B 165 80.67 8.04 37.87
CA GLU B 165 80.65 9.47 37.57
C GLU B 165 79.37 10.11 38.10
N SER B 166 78.25 9.39 38.03
CA SER B 166 77.03 9.85 38.63
C SER B 166 77.12 9.81 40.15
N LYS B 167 77.70 8.73 40.67
CA LYS B 167 77.84 8.54 42.11
C LYS B 167 78.73 9.60 42.77
N LEU B 168 79.58 10.28 42.01
CA LEU B 168 80.43 11.35 42.51
C LEU B 168 79.86 12.73 42.17
N ASN B 169 79.46 12.94 40.92
CA ASN B 169 78.99 14.27 40.53
C ASN B 169 77.63 14.60 41.13
N ARG B 170 76.89 13.59 41.58
CA ARG B 170 75.80 13.85 42.51
C ARG B 170 76.30 14.56 43.76
N GLU B 171 77.44 14.13 44.29
CA GLU B 171 77.70 14.29 45.70
C GLU B 171 78.20 15.67 46.06
N LYS B 172 78.48 16.53 45.07
CA LYS B 172 78.54 17.96 45.33
C LYS B 172 77.17 18.56 45.59
N ILE B 173 76.08 17.86 45.24
CA ILE B 173 74.73 18.33 45.36
C ILE B 173 74.00 17.38 46.30
N GLU C 1 54.79 17.70 62.66
CA GLU C 1 55.29 18.71 61.75
C GLU C 1 54.32 18.84 60.57
N ASP C 2 54.64 19.69 59.61
CA ASP C 2 53.66 20.06 58.60
C ASP C 2 53.40 18.93 57.61
N THR C 3 52.31 19.09 56.87
CA THR C 3 51.91 18.11 55.87
C THR C 3 51.09 18.84 54.80
N ILE C 4 51.25 18.34 53.57
CA ILE C 4 50.39 18.70 52.45
C ILE C 4 49.66 17.45 52.02
N CYS C 5 48.41 17.64 51.60
CA CYS C 5 47.63 16.53 51.07
C CYS C 5 46.81 16.98 49.88
N ILE C 6 46.41 15.99 49.09
CA ILE C 6 45.40 16.16 48.04
C ILE C 6 44.06 16.44 48.69
N GLY C 7 43.06 16.77 47.88
CA GLY C 7 41.68 16.76 48.34
C GLY C 7 40.71 16.77 47.18
N TYR C 8 39.49 16.31 47.46
CA TYR C 8 38.42 16.37 46.48
C TYR C 8 37.08 16.26 47.19
N HIS C 9 36.02 16.43 46.41
CA HIS C 9 34.68 16.62 46.94
C HIS C 9 33.96 15.31 47.18
N ALA C 10 33.28 15.26 48.33
CA ALA C 10 32.20 14.31 48.56
C ALA C 10 31.05 15.14 49.11
N ASN C 11 29.91 14.49 49.34
CA ASN C 11 28.79 15.19 49.95
C ASN C 11 27.88 14.18 50.65
N ASN C 12 26.69 14.63 51.01
CA ASN C 12 25.67 13.75 51.56
C ASN C 12 24.89 12.98 50.51
N SER C 13 25.21 13.15 49.23
CA SER C 13 24.29 12.73 48.20
C SER C 13 24.31 11.22 48.03
N THR C 14 23.21 10.69 47.51
CA THR C 14 23.04 9.26 47.24
C THR C 14 22.31 9.00 45.92
N ASP C 15 22.37 9.92 44.96
CA ASP C 15 21.82 9.67 43.63
C ASP C 15 22.79 8.80 42.83
N THR C 16 22.24 7.98 41.93
CA THR C 16 22.93 6.80 41.41
C THR C 16 22.72 6.60 39.91
N VAL C 17 23.63 5.81 39.32
CA VAL C 17 23.52 5.30 37.96
C VAL C 17 23.54 3.77 37.96
N ASP C 18 23.38 3.17 36.79
CA ASP C 18 23.92 1.87 36.46
C ASP C 18 25.12 2.11 35.56
N THR C 19 26.13 1.23 35.68
CA THR C 19 27.38 1.42 34.99
C THR C 19 27.99 0.05 34.71
N VAL C 20 28.77 -0.01 33.61
CA VAL C 20 29.45 -1.17 32.99
C VAL C 20 30.03 -2.11 34.03
N LEU C 21 30.65 -1.52 35.04
CA LEU C 21 31.47 -2.21 36.01
C LEU C 21 30.88 -2.20 37.41
N GLU C 22 29.80 -1.44 37.66
CA GLU C 22 29.11 -1.56 38.93
C GLU C 22 27.73 -0.93 38.78
N LYS C 23 26.78 -1.41 39.59
CA LYS C 23 25.39 -1.00 39.55
C LYS C 23 24.99 -0.23 40.82
N ASN C 24 23.92 0.54 40.67
CA ASN C 24 23.40 1.57 41.61
C ASN C 24 24.50 2.49 42.15
N VAL C 25 25.43 2.84 41.28
CA VAL C 25 26.70 3.42 41.67
C VAL C 25 26.45 4.86 42.06
N THR C 26 26.88 5.19 43.27
CA THR C 26 26.59 6.42 43.96
C THR C 26 27.61 7.48 43.60
N VAL C 27 27.13 8.71 43.47
CA VAL C 27 27.98 9.86 43.17
C VAL C 27 27.48 11.08 43.93
N THR C 28 28.25 12.17 43.80
CA THR C 28 27.89 13.43 44.42
C THR C 28 26.86 14.15 43.58
N HIS C 29 27.24 14.50 42.36
CA HIS C 29 26.41 15.24 41.44
C HIS C 29 26.08 14.33 40.28
N SER C 30 24.92 14.58 39.68
CA SER C 30 24.44 13.82 38.54
C SER C 30 23.70 14.77 37.64
N VAL C 31 23.17 14.22 36.56
CA VAL C 31 22.18 14.90 35.74
C VAL C 31 21.33 13.83 35.06
N ASN C 32 20.02 13.94 35.22
CA ASN C 32 19.08 13.11 34.51
C ASN C 32 19.00 13.65 33.09
N LEU C 33 19.37 12.80 32.12
CA LEU C 33 19.06 13.14 30.75
C LEU C 33 17.58 13.19 30.48
N LEU C 34 16.83 12.33 31.17
CA LEU C 34 15.50 11.96 30.74
C LEU C 34 14.48 12.99 31.17
N GLU C 35 13.39 13.06 30.41
CA GLU C 35 12.15 13.68 30.85
C GLU C 35 11.15 12.54 31.03
N ASP C 36 11.13 11.97 32.23
CA ASP C 36 10.22 10.87 32.54
C ASP C 36 8.80 11.33 32.80
N SER C 37 8.54 12.63 32.82
CA SER C 37 7.35 13.21 33.41
C SER C 37 6.47 13.78 32.32
N HIS C 38 5.18 13.83 32.63
CA HIS C 38 4.18 14.46 31.81
C HIS C 38 3.27 15.27 32.72
N ASN C 39 2.89 16.44 32.25
CA ASN C 39 2.12 17.35 33.08
C ASN C 39 0.64 16.96 33.20
N GLY C 40 0.18 15.94 32.48
CA GLY C 40 -1.20 15.55 32.59
C GLY C 40 -2.16 16.56 32.03
N LYS C 41 -1.75 17.26 30.97
CA LYS C 41 -2.50 18.36 30.39
C LYS C 41 -2.47 18.26 28.88
N LEU C 42 -3.38 18.99 28.28
CA LEU C 42 -3.34 19.31 26.86
C LEU C 42 -3.22 20.82 26.80
N CYS C 43 -1.97 21.25 26.86
CA CYS C 43 -1.51 22.58 26.53
C CYS C 43 -1.54 22.73 25.02
N LEU C 44 -1.08 23.88 24.55
CA LEU C 44 -1.09 24.25 23.14
C LEU C 44 0.32 24.63 22.73
N LEU C 45 0.65 24.43 21.46
CA LEU C 45 1.93 24.89 20.97
C LEU C 45 2.00 26.41 20.99
N LYS C 46 3.12 26.96 21.46
CA LYS C 46 3.66 28.25 20.95
C LYS C 46 2.79 29.50 21.25
N GLY C 47 1.58 29.36 21.77
CA GLY C 47 0.52 30.34 21.60
C GLY C 47 -0.51 30.04 20.52
N ILE C 48 -0.33 28.98 19.74
CA ILE C 48 -1.29 28.54 18.73
C ILE C 48 -2.11 27.41 19.34
N ALA C 49 -3.41 27.61 19.45
CA ALA C 49 -4.27 26.61 20.06
C ALA C 49 -4.34 25.36 19.17
N PRO C 50 -4.72 24.20 19.72
CA PRO C 50 -5.08 23.07 18.87
C PRO C 50 -6.56 23.05 18.52
N LEU C 51 -6.87 22.22 17.53
CA LEU C 51 -8.24 21.88 17.22
C LEU C 51 -8.75 20.82 18.18
N GLN C 52 -9.93 21.08 18.70
CA GLN C 52 -10.65 20.19 19.58
C GLN C 52 -11.92 19.75 18.87
N LEU C 53 -12.11 18.44 18.80
CA LEU C 53 -13.36 17.84 18.36
C LEU C 53 -14.32 17.59 19.50
N GLY C 54 -13.84 17.55 20.73
CA GLY C 54 -14.70 17.17 21.83
C GLY C 54 -15.07 15.73 21.70
N ASN C 55 -16.34 15.51 21.36
CA ASN C 55 -16.88 14.18 21.16
C ASN C 55 -16.88 13.74 19.70
N CYS C 56 -16.56 14.63 18.78
CA CYS C 56 -16.90 14.37 17.39
C CYS C 56 -15.94 13.40 16.74
N SER C 57 -16.39 12.85 15.62
CA SER C 57 -15.53 12.21 14.65
C SER C 57 -14.94 13.25 13.71
N VAL C 58 -13.94 12.81 12.95
CA VAL C 58 -13.41 13.61 11.88
C VAL C 58 -14.45 13.79 10.79
N ALA C 59 -15.28 12.76 10.61
CA ALA C 59 -16.42 12.87 9.70
C ALA C 59 -17.38 13.93 10.19
N GLY C 60 -17.71 13.89 11.48
CA GLY C 60 -18.60 14.86 12.08
C GLY C 60 -18.04 16.26 12.05
N TRP C 61 -16.71 16.39 12.04
CA TRP C 61 -16.08 17.69 11.96
C TRP C 61 -16.13 18.22 10.54
N ILE C 62 -15.71 17.40 9.58
CA ILE C 62 -15.52 17.90 8.24
C ILE C 62 -16.85 18.15 7.55
N LEU C 63 -17.85 17.33 7.83
CA LEU C 63 -19.04 17.35 7.00
C LEU C 63 -19.99 18.46 7.39
N GLY C 64 -20.11 18.74 8.68
CA GLY C 64 -20.98 19.76 9.20
C GLY C 64 -22.06 19.27 10.10
N ASN C 65 -21.79 18.23 10.89
CA ASN C 65 -22.75 17.72 11.84
C ASN C 65 -23.08 18.82 12.84
N PRO C 66 -24.36 19.21 13.02
CA PRO C 66 -24.63 20.45 13.79
C PRO C 66 -24.25 20.40 15.26
N GLU C 67 -24.15 19.21 15.83
CA GLU C 67 -23.58 19.04 17.16
C GLU C 67 -22.06 18.97 17.14
N CYS C 68 -21.44 19.00 15.97
CA CYS C 68 -20.03 19.36 15.83
C CYS C 68 -20.00 20.83 15.44
N GLU C 69 -19.53 21.66 16.36
CA GLU C 69 -19.41 23.08 16.09
C GLU C 69 -18.42 23.31 14.97
N LEU C 70 -18.87 24.02 13.94
CA LEU C 70 -18.15 24.11 12.68
C LEU C 70 -16.83 24.80 12.85
N LEU C 71 -16.83 25.93 13.55
CA LEU C 71 -15.63 26.61 13.98
C LEU C 71 -14.81 27.10 12.78
N ILE C 72 -15.46 27.82 11.88
CA ILE C 72 -14.80 28.35 10.69
C ILE C 72 -13.68 29.32 11.03
N SER C 73 -13.78 30.00 12.17
CA SER C 73 -12.72 30.83 12.69
C SER C 73 -11.42 30.07 12.90
N ARG C 74 -11.51 28.78 13.22
CA ARG C 74 -10.33 27.94 13.35
C ARG C 74 -9.76 27.75 11.95
N GLU C 75 -8.66 28.45 11.68
CA GLU C 75 -8.09 28.62 10.35
C GLU C 75 -6.82 27.81 10.16
N SER C 76 -6.08 27.59 11.22
CA SER C 76 -4.92 26.73 11.22
C SER C 76 -4.61 26.59 12.69
N TRP C 77 -3.89 25.54 13.08
CA TRP C 77 -3.78 25.23 14.50
C TRP C 77 -2.57 24.36 14.73
N SER C 78 -2.32 24.11 16.01
CA SER C 78 -1.13 23.36 16.42
C SER C 78 -1.27 21.89 16.05
N TYR C 79 -2.35 21.27 16.49
CA TYR C 79 -2.53 19.85 16.30
C TYR C 79 -3.99 19.50 16.50
N ILE C 80 -4.33 18.30 16.08
CA ILE C 80 -5.68 17.77 16.18
C ILE C 80 -5.75 16.94 17.45
N VAL C 81 -6.88 17.08 18.14
CA VAL C 81 -7.22 16.26 19.29
C VAL C 81 -8.48 15.46 18.95
N GLU C 82 -8.47 14.21 19.37
CA GLU C 82 -9.64 13.34 19.40
C GLU C 82 -9.71 12.74 20.78
N LYS C 83 -10.74 11.93 20.99
CA LYS C 83 -10.70 10.81 21.90
C LYS C 83 -10.47 9.53 21.12
N PRO C 84 -10.17 8.41 21.79
CA PRO C 84 -10.02 7.15 21.04
C PRO C 84 -11.32 6.62 20.47
N ASN C 85 -12.41 6.79 21.19
CA ASN C 85 -13.70 6.16 20.89
C ASN C 85 -14.69 7.27 20.57
N PRO C 86 -14.56 7.93 19.43
CA PRO C 86 -15.34 9.13 19.17
C PRO C 86 -16.82 8.82 19.00
N GLU C 87 -17.63 9.60 19.70
CA GLU C 87 -19.07 9.41 19.71
C GLU C 87 -19.65 9.59 18.32
N ASN C 88 -19.58 10.82 17.81
CA ASN C 88 -20.44 11.22 16.71
C ASN C 88 -19.74 10.89 15.40
N GLY C 89 -19.95 9.66 14.97
CA GLY C 89 -19.86 9.31 13.57
C GLY C 89 -21.06 9.85 12.81
N THR C 90 -21.24 9.39 11.59
CA THR C 90 -22.22 10.01 10.71
C THR C 90 -23.64 9.64 11.10
N CYS C 91 -24.51 10.64 11.07
CA CYS C 91 -25.91 10.41 11.43
C CYS C 91 -26.66 9.57 10.41
N TYR C 92 -26.18 9.48 9.18
CA TYR C 92 -26.71 8.59 8.15
C TYR C 92 -25.50 7.77 7.70
N PRO C 93 -25.37 6.48 8.05
CA PRO C 93 -24.12 5.79 7.78
C PRO C 93 -23.90 5.52 6.30
N GLY C 94 -22.75 4.94 6.02
CA GLY C 94 -22.22 4.85 4.68
C GLY C 94 -20.74 4.61 4.77
N HIS C 95 -20.24 3.88 3.77
CA HIS C 95 -18.82 3.64 3.73
C HIS C 95 -18.11 4.93 3.39
N PHE C 96 -17.02 5.18 4.10
CA PHE C 96 -16.24 6.42 4.00
C PHE C 96 -14.83 6.02 3.62
N ALA C 97 -14.60 5.91 2.33
CA ALA C 97 -13.37 5.32 1.87
C ALA C 97 -12.20 6.26 2.08
N ASP C 98 -11.02 5.65 2.22
CA ASP C 98 -9.74 6.33 2.29
C ASP C 98 -9.65 7.27 3.49
N TYR C 99 -10.26 6.83 4.59
CA TYR C 99 -10.22 7.50 5.88
C TYR C 99 -8.78 7.79 6.30
N GLU C 100 -7.89 6.82 6.05
CA GLU C 100 -6.47 6.93 6.31
C GLU C 100 -5.86 8.09 5.58
N GLU C 101 -6.13 8.11 4.27
CA GLU C 101 -5.46 9.04 3.39
C GLU C 101 -5.91 10.46 3.67
N LEU C 102 -7.19 10.63 3.95
CA LEU C 102 -7.68 11.95 4.31
C LEU C 102 -7.07 12.41 5.62
N ARG C 103 -6.89 11.49 6.55
CA ARG C 103 -6.34 11.87 7.84
C ARG C 103 -4.89 12.31 7.71
N GLU C 104 -4.14 11.57 6.91
CA GLU C 104 -2.76 11.94 6.69
C GLU C 104 -2.66 13.26 5.93
N GLN C 105 -3.59 13.50 5.03
CA GLN C 105 -3.59 14.78 4.34
C GLN C 105 -3.95 15.91 5.27
N LEU C 106 -4.82 15.64 6.22
CA LEU C 106 -5.18 16.56 7.27
C LEU C 106 -4.38 16.31 8.54
N SER C 107 -3.21 15.70 8.43
CA SER C 107 -2.23 15.77 9.50
C SER C 107 -1.94 17.21 9.87
N SER C 108 -1.78 18.07 8.87
CA SER C 108 -1.10 19.33 9.03
C SER C 108 -1.83 20.41 8.26
N VAL C 109 -1.75 21.63 8.79
CA VAL C 109 -2.31 22.83 8.17
C VAL C 109 -1.18 23.81 8.02
N SER C 110 -1.09 24.41 6.83
CA SER C 110 -0.44 25.71 6.67
C SER C 110 -1.50 26.79 6.44
N SER C 111 -2.57 26.43 5.75
CA SER C 111 -3.73 27.29 5.60
C SER C 111 -4.94 26.40 5.43
N PHE C 112 -6.06 26.82 5.99
CA PHE C 112 -7.26 26.00 5.96
C PHE C 112 -8.45 26.90 6.26
N GLU C 113 -9.46 26.78 5.43
CA GLU C 113 -10.63 27.60 5.59
C GLU C 113 -11.75 26.96 4.81
N ARG C 114 -12.92 27.57 4.92
CA ARG C 114 -14.17 27.08 4.36
C ARG C 114 -14.73 28.18 3.49
N PHE C 115 -15.16 27.81 2.30
CA PHE C 115 -15.80 28.72 1.37
C PHE C 115 -16.98 28.00 0.75
N GLU C 116 -17.64 28.71 -0.17
CA GLU C 116 -18.92 28.30 -0.72
C GLU C 116 -18.70 28.11 -2.22
N ILE C 117 -18.25 26.91 -2.60
CA ILE C 117 -17.93 26.61 -3.99
C ILE C 117 -19.16 26.76 -4.88
N PHE C 118 -20.28 26.22 -4.43
CA PHE C 118 -21.55 26.18 -5.14
C PHE C 118 -22.56 26.64 -4.08
N PRO C 119 -22.91 27.93 -4.04
CA PRO C 119 -23.94 28.37 -3.08
C PRO C 119 -25.27 27.65 -3.30
N LYS C 120 -25.89 27.26 -2.19
CA LYS C 120 -27.13 26.49 -2.23
C LYS C 120 -28.21 27.24 -2.99
N GLU C 121 -28.39 28.51 -2.64
CA GLU C 121 -29.09 29.41 -3.52
C GLU C 121 -28.37 29.49 -4.86
N SER C 122 -29.14 29.32 -5.93
CA SER C 122 -28.74 29.53 -7.33
C SER C 122 -27.87 28.42 -7.92
N SER C 123 -27.41 27.44 -7.13
CA SER C 123 -26.72 26.30 -7.72
C SER C 123 -27.71 25.40 -8.44
N TRP C 124 -28.69 24.91 -7.69
CA TRP C 124 -29.64 23.90 -8.18
C TRP C 124 -31.07 24.40 -8.13
N PRO C 125 -31.44 25.34 -9.02
CA PRO C 125 -32.86 25.54 -9.30
C PRO C 125 -33.60 24.29 -9.76
N ASN C 126 -33.06 23.55 -10.72
CA ASN C 126 -33.80 22.46 -11.35
C ASN C 126 -33.75 21.16 -10.57
N HIS C 127 -33.30 21.18 -9.33
CA HIS C 127 -33.53 20.08 -8.40
C HIS C 127 -33.91 20.69 -7.07
N THR C 128 -34.96 20.14 -6.47
CA THR C 128 -35.35 20.58 -5.16
C THR C 128 -34.29 20.08 -4.19
N THR C 129 -33.82 20.98 -3.34
CA THR C 129 -32.56 20.81 -2.64
C THR C 129 -32.73 20.53 -1.16
N THR C 130 -33.72 21.14 -0.55
CA THR C 130 -33.74 21.38 0.88
C THR C 130 -34.07 20.16 1.72
N GLY C 131 -34.29 19.00 1.10
CA GLY C 131 -34.65 17.84 1.87
C GLY C 131 -33.51 17.36 2.74
N VAL C 132 -33.87 16.96 3.96
CA VAL C 132 -32.96 16.46 4.98
C VAL C 132 -33.60 15.24 5.65
N SER C 133 -32.97 14.77 6.72
CA SER C 133 -33.43 13.64 7.50
C SER C 133 -33.32 13.98 8.97
N ALA C 134 -33.88 13.10 9.80
CA ALA C 134 -34.14 13.39 11.20
C ALA C 134 -33.11 12.81 12.15
N SER C 135 -32.20 11.96 11.67
CA SER C 135 -31.11 11.51 12.51
C SER C 135 -30.06 12.58 12.60
N CYS C 136 -29.73 13.16 11.47
CA CYS C 136 -28.90 14.34 11.40
C CYS C 136 -29.76 15.46 11.97
N SER C 137 -29.54 15.76 13.25
CA SER C 137 -30.44 16.62 14.00
C SER C 137 -29.65 17.54 14.91
N HIS C 138 -30.35 18.57 15.37
CA HIS C 138 -29.77 19.64 16.17
C HIS C 138 -30.76 20.01 17.25
N ASN C 139 -30.42 19.66 18.49
CA ASN C 139 -31.23 19.96 19.67
C ASN C 139 -32.64 19.38 19.53
N GLY C 140 -32.72 18.15 19.04
CA GLY C 140 -33.98 17.47 18.87
C GLY C 140 -34.79 17.91 17.67
N GLU C 141 -34.16 18.53 16.67
CA GLU C 141 -34.81 18.99 15.46
C GLU C 141 -33.95 18.57 14.29
N SER C 142 -34.61 18.22 13.18
CA SER C 142 -33.93 17.54 12.08
C SER C 142 -32.96 18.49 11.41
N SER C 143 -32.09 17.91 10.59
CA SER C 143 -31.11 18.68 9.86
C SER C 143 -30.36 17.82 8.86
N PHE C 144 -29.35 18.42 8.25
CA PHE C 144 -28.36 17.69 7.50
C PHE C 144 -27.09 18.53 7.58
N TYR C 145 -25.97 17.90 7.26
CA TYR C 145 -24.65 18.50 7.25
C TYR C 145 -24.59 19.84 6.54
N LYS C 146 -23.84 20.76 7.15
CA LYS C 146 -23.71 22.12 6.65
C LYS C 146 -23.13 22.15 5.25
N ASN C 147 -22.04 21.43 5.05
CA ASN C 147 -21.17 21.69 3.91
C ASN C 147 -21.70 21.13 2.60
N LEU C 148 -22.80 20.40 2.61
CA LEU C 148 -23.20 19.53 1.51
C LEU C 148 -24.66 19.77 1.19
N LEU C 149 -25.14 19.07 0.15
CA LEU C 149 -26.55 19.10 -0.22
C LEU C 149 -27.05 17.73 -0.62
N TRP C 150 -28.35 17.53 -0.36
CA TRP C 150 -29.21 16.66 -1.12
C TRP C 150 -29.70 17.39 -2.37
N LEU C 151 -30.01 16.61 -3.42
CA LEU C 151 -30.82 17.08 -4.55
C LEU C 151 -31.90 16.07 -4.88
N THR C 152 -33.10 16.59 -5.19
CA THR C 152 -34.18 15.77 -5.74
C THR C 152 -35.02 16.63 -6.67
N GLY C 153 -36.04 16.00 -7.26
CA GLY C 153 -36.77 16.55 -8.37
C GLY C 153 -37.60 17.76 -8.01
N LYS C 154 -38.12 18.40 -9.06
CA LYS C 154 -39.04 19.53 -8.93
C LYS C 154 -40.46 18.98 -9.02
N ASN C 155 -40.98 18.49 -7.89
CA ASN C 155 -42.22 17.72 -7.86
C ASN C 155 -42.07 16.51 -8.77
N GLY C 156 -41.16 15.63 -8.36
CA GLY C 156 -40.88 14.40 -9.07
C GLY C 156 -40.35 14.61 -10.47
N LEU C 157 -39.64 15.71 -10.70
CA LEU C 157 -39.11 16.08 -12.01
C LEU C 157 -37.60 16.11 -11.94
N TYR C 158 -36.97 15.00 -12.31
CA TYR C 158 -35.52 14.89 -12.34
C TYR C 158 -35.01 15.16 -13.76
N PRO C 159 -34.28 16.25 -13.98
CA PRO C 159 -33.29 16.28 -15.07
C PRO C 159 -31.94 15.82 -14.57
N ASN C 160 -31.09 15.37 -15.49
CA ASN C 160 -29.75 14.89 -15.14
C ASN C 160 -28.74 15.99 -15.42
N LEU C 161 -27.64 15.94 -14.66
CA LEU C 161 -26.78 17.10 -14.48
C LEU C 161 -25.41 16.86 -15.07
N SER C 162 -24.81 18.00 -15.43
CA SER C 162 -23.40 18.14 -15.68
C SER C 162 -22.98 19.48 -15.10
N LYS C 163 -22.01 19.46 -14.18
CA LYS C 163 -21.46 20.69 -13.61
C LYS C 163 -19.98 20.48 -13.38
N SER C 164 -19.29 21.57 -13.03
CA SER C 164 -17.84 21.54 -12.97
C SER C 164 -17.34 22.69 -12.11
N TYR C 165 -16.04 22.66 -11.86
CA TYR C 165 -15.36 23.80 -11.25
C TYR C 165 -13.87 23.61 -11.50
N ALA C 166 -13.14 24.72 -11.55
CA ALA C 166 -11.70 24.67 -11.43
C ALA C 166 -11.26 25.89 -10.67
N ASN C 167 -10.02 25.87 -10.23
CA ASN C 167 -9.55 26.82 -9.25
C ASN C 167 -9.32 28.15 -9.93
N ASN C 168 -9.78 29.20 -9.26
CA ASN C 168 -9.28 30.55 -9.45
C ASN C 168 -8.48 31.03 -8.24
N LYS C 169 -8.75 30.47 -7.06
CA LYS C 169 -8.15 30.93 -5.82
C LYS C 169 -6.63 30.75 -5.78
N GLU C 170 -6.08 29.84 -6.58
CA GLU C 170 -4.67 29.49 -6.66
C GLU C 170 -4.14 28.76 -5.43
N LYS C 171 -4.99 28.41 -4.47
CA LYS C 171 -4.68 27.53 -3.35
C LYS C 171 -5.20 26.14 -3.67
N GLU C 172 -4.77 25.15 -2.87
CA GLU C 172 -5.30 23.80 -3.04
C GLU C 172 -6.64 23.66 -2.35
N VAL C 173 -7.41 22.70 -2.85
CA VAL C 173 -8.84 22.63 -2.60
C VAL C 173 -9.13 21.20 -2.19
N LEU C 174 -10.11 21.06 -1.32
CA LEU C 174 -10.52 19.78 -0.75
C LEU C 174 -12.02 19.65 -0.87
N VAL C 175 -12.44 18.58 -1.57
CA VAL C 175 -13.81 18.42 -2.05
C VAL C 175 -14.36 17.06 -1.67
N LEU C 176 -15.63 17.05 -1.30
CA LEU C 176 -16.36 15.91 -0.79
C LEU C 176 -17.68 15.78 -1.54
N TRP C 177 -18.13 14.54 -1.66
CA TRP C 177 -19.41 14.22 -2.31
C TRP C 177 -19.83 12.84 -1.86
N GLY C 178 -21.04 12.45 -2.28
CA GLY C 178 -21.58 11.17 -1.88
C GLY C 178 -22.48 10.56 -2.92
N VAL C 179 -22.80 9.31 -2.68
CA VAL C 179 -23.46 8.43 -3.63
C VAL C 179 -24.55 7.68 -2.89
N HIS C 180 -25.80 7.81 -3.36
CA HIS C 180 -26.96 7.32 -2.64
C HIS C 180 -27.21 5.84 -2.89
N HIS C 181 -27.37 5.10 -1.80
CA HIS C 181 -27.70 3.67 -1.78
C HIS C 181 -28.95 3.53 -0.92
N PRO C 182 -30.16 3.63 -1.50
CA PRO C 182 -31.37 3.51 -0.68
C PRO C 182 -31.50 2.13 -0.09
N PRO C 183 -32.28 1.96 0.99
CA PRO C 183 -32.61 0.62 1.46
C PRO C 183 -33.83 0.04 0.77
N ASN C 184 -34.63 0.86 0.07
CA ASN C 184 -35.75 0.40 -0.74
C ASN C 184 -35.81 1.22 -2.02
N ILE C 185 -36.49 0.63 -2.99
CA ILE C 185 -36.56 1.19 -4.34
C ILE C 185 -37.59 2.29 -4.49
N GLY C 186 -38.64 2.29 -3.65
CA GLY C 186 -39.74 3.21 -3.83
C GLY C 186 -39.31 4.65 -3.69
N ASP C 187 -38.34 4.88 -2.80
CA ASP C 187 -37.62 6.14 -2.80
C ASP C 187 -36.96 6.41 -4.12
N GLN C 188 -36.26 5.43 -4.69
CA GLN C 188 -35.39 5.67 -5.84
C GLN C 188 -36.22 6.08 -7.06
N ARG C 189 -37.32 5.38 -7.28
CA ARG C 189 -38.25 5.76 -8.34
C ARG C 189 -38.91 7.09 -8.02
N ALA C 190 -39.28 7.28 -6.75
CA ALA C 190 -40.09 8.44 -6.40
C ALA C 190 -39.27 9.73 -6.49
N LEU C 191 -38.05 9.70 -5.96
CA LEU C 191 -37.18 10.86 -6.02
C LEU C 191 -36.69 11.06 -7.44
N TYR C 192 -35.91 10.11 -7.91
CA TYR C 192 -35.02 10.37 -9.03
C TYR C 192 -35.54 9.79 -10.33
N HIS C 193 -36.45 8.81 -10.27
CA HIS C 193 -37.16 8.27 -11.42
C HIS C 193 -36.24 7.51 -12.38
N THR C 194 -35.20 6.85 -11.85
CA THR C 194 -34.45 5.85 -12.59
C THR C 194 -33.99 4.77 -11.65
N GLU C 195 -34.19 3.53 -12.06
CA GLU C 195 -33.44 2.41 -11.50
C GLU C 195 -31.99 2.42 -11.94
N ASN C 196 -31.68 3.07 -13.05
CA ASN C 196 -30.30 3.29 -13.47
C ASN C 196 -29.64 4.20 -12.47
N ALA C 197 -28.48 3.79 -11.97
CA ALA C 197 -27.51 4.70 -11.38
C ALA C 197 -26.33 4.80 -12.32
N TYR C 198 -25.94 6.02 -12.64
CA TYR C 198 -24.68 6.27 -13.32
C TYR C 198 -24.27 7.69 -12.95
N VAL C 199 -23.13 7.78 -12.29
CA VAL C 199 -22.53 9.02 -11.87
C VAL C 199 -21.11 8.94 -12.36
N SER C 200 -20.52 10.09 -12.64
CA SER C 200 -19.15 10.18 -13.11
C SER C 200 -18.55 11.45 -12.55
N VAL C 201 -17.75 11.30 -11.50
CA VAL C 201 -17.03 12.39 -10.85
C VAL C 201 -15.59 12.26 -11.31
N VAL C 202 -15.11 13.27 -12.03
CA VAL C 202 -13.99 13.16 -12.94
C VAL C 202 -13.04 14.32 -12.74
N SER C 203 -11.74 14.02 -12.87
CA SER C 203 -10.66 14.99 -12.94
C SER C 203 -9.62 14.46 -13.90
N SER C 204 -8.47 15.14 -13.96
CA SER C 204 -7.37 14.69 -14.79
C SER C 204 -6.70 13.49 -14.15
N HIS C 205 -6.22 13.67 -12.92
CA HIS C 205 -5.54 12.59 -12.24
C HIS C 205 -6.54 11.53 -11.80
N TYR C 206 -7.48 11.93 -10.96
CA TYR C 206 -8.52 11.05 -10.47
C TYR C 206 -9.67 11.05 -11.45
N SER C 207 -10.36 9.92 -11.52
CA SER C 207 -11.68 9.84 -12.14
C SER C 207 -12.32 8.55 -11.67
N ARG C 208 -13.62 8.62 -11.42
CA ARG C 208 -14.35 7.43 -11.02
C ARG C 208 -15.82 7.63 -11.30
N LYS C 209 -16.50 6.52 -11.56
CA LYS C 209 -17.93 6.43 -11.80
C LYS C 209 -18.59 5.61 -10.71
N PHE C 210 -19.93 5.66 -10.67
CA PHE C 210 -20.71 4.89 -9.72
C PHE C 210 -22.03 4.46 -10.31
N THR C 211 -22.36 3.16 -10.18
CA THR C 211 -23.64 2.61 -10.62
C THR C 211 -24.27 1.66 -9.60
N PRO C 212 -24.67 2.12 -8.40
CA PRO C 212 -25.19 1.19 -7.38
C PRO C 212 -26.66 0.82 -7.50
N GLU C 213 -27.10 -0.06 -6.59
CA GLU C 213 -28.43 -0.66 -6.56
C GLU C 213 -29.02 -0.42 -5.18
N ILE C 214 -30.20 -0.95 -4.93
CA ILE C 214 -30.68 -1.15 -3.56
C ILE C 214 -29.85 -2.30 -2.99
N ALA C 215 -29.50 -2.19 -1.72
CA ALA C 215 -28.87 -3.26 -0.97
C ALA C 215 -29.33 -3.14 0.46
N LYS C 216 -30.28 -3.99 0.87
CA LYS C 216 -30.87 -3.89 2.19
C LYS C 216 -29.85 -4.20 3.27
N ARG C 217 -30.02 -3.56 4.41
CA ARG C 217 -29.09 -3.60 5.53
C ARG C 217 -29.92 -3.55 6.81
N PRO C 218 -29.29 -3.77 7.98
CA PRO C 218 -30.04 -3.62 9.23
C PRO C 218 -30.22 -2.15 9.64
N LYS C 219 -31.14 -1.96 10.58
CA LYS C 219 -31.29 -0.66 11.22
C LYS C 219 -30.03 -0.29 11.98
N VAL C 220 -29.47 0.87 11.64
CA VAL C 220 -28.26 1.39 12.28
C VAL C 220 -28.47 2.88 12.47
N ARG C 221 -28.56 3.32 13.73
CA ARG C 221 -29.08 4.64 14.08
C ARG C 221 -30.43 4.86 13.43
N ASP C 222 -31.28 3.84 13.50
CA ASP C 222 -32.61 3.84 12.90
C ASP C 222 -32.54 4.09 11.40
N ARG C 223 -31.54 3.49 10.77
CA ARG C 223 -31.37 3.58 9.32
C ARG C 223 -30.90 2.26 8.75
N GLU C 224 -31.58 1.84 7.68
CA GLU C 224 -31.08 0.82 6.78
C GLU C 224 -30.30 1.42 5.62
N GLY C 225 -30.75 2.57 5.13
CA GLY C 225 -30.15 3.16 3.95
C GLY C 225 -28.71 3.58 4.18
N ARG C 226 -28.01 3.83 3.07
CA ARG C 226 -26.62 4.27 3.11
C ARG C 226 -26.36 5.27 2.00
N ILE C 227 -25.43 6.18 2.28
CA ILE C 227 -24.78 7.01 1.28
C ILE C 227 -23.28 6.85 1.45
N ASN C 228 -22.64 6.25 0.46
CA ASN C 228 -21.20 6.07 0.52
C ASN C 228 -20.54 7.39 0.15
N TYR C 229 -19.60 7.79 0.99
CA TYR C 229 -18.93 9.08 0.86
C TYR C 229 -17.62 8.95 0.11
N TYR C 230 -17.34 9.93 -0.75
CA TYR C 230 -16.22 9.90 -1.67
C TYR C 230 -15.64 11.31 -1.77
N TRP C 231 -14.33 11.42 -1.97
CA TRP C 231 -13.62 12.67 -1.76
C TRP C 231 -12.33 12.72 -2.55
N THR C 232 -11.83 13.93 -2.77
CA THR C 232 -10.48 14.07 -3.29
C THR C 232 -9.92 15.46 -3.03
N LEU C 233 -8.59 15.52 -3.14
CA LEU C 233 -7.87 16.76 -3.30
C LEU C 233 -7.98 17.24 -4.72
N LEU C 234 -7.86 18.55 -4.89
CA LEU C 234 -7.92 19.17 -6.20
C LEU C 234 -7.04 20.40 -6.19
N GLU C 235 -6.11 20.45 -7.10
CA GLU C 235 -5.02 21.42 -7.10
C GLU C 235 -5.42 22.68 -7.87
N PRO C 236 -4.61 23.73 -7.81
CA PRO C 236 -4.80 24.83 -8.76
C PRO C 236 -4.57 24.37 -10.19
N GLY C 237 -5.38 24.90 -11.10
CA GLY C 237 -5.27 24.62 -12.51
C GLY C 237 -6.13 23.47 -12.98
N ASP C 238 -6.33 22.47 -12.13
CA ASP C 238 -7.10 21.29 -12.53
C ASP C 238 -8.59 21.55 -12.37
N THR C 239 -9.36 20.88 -13.22
CA THR C 239 -10.81 20.97 -13.28
C THR C 239 -11.40 19.67 -12.79
N ILE C 240 -12.56 19.79 -12.16
CA ILE C 240 -13.42 18.69 -11.76
C ILE C 240 -14.73 18.83 -12.51
N ILE C 241 -15.30 17.68 -12.87
CA ILE C 241 -16.64 17.57 -13.44
C ILE C 241 -17.41 16.57 -12.60
N PHE C 242 -18.67 16.90 -12.37
CA PHE C 242 -19.70 15.97 -11.91
C PHE C 242 -20.66 15.73 -13.05
N GLU C 243 -21.01 14.47 -13.28
CA GLU C 243 -22.15 14.09 -14.11
C GLU C 243 -23.00 13.10 -13.36
N ALA C 244 -24.33 13.18 -13.51
CA ALA C 244 -25.15 12.22 -12.77
C ALA C 244 -26.60 12.14 -13.23
N ASN C 245 -27.19 10.96 -12.98
CA ASN C 245 -28.62 10.70 -12.98
C ASN C 245 -29.24 10.58 -11.60
N GLY C 246 -28.74 11.34 -10.64
CA GLY C 246 -29.29 11.40 -9.31
C GLY C 246 -28.41 10.61 -8.37
N ASN C 247 -28.97 10.31 -7.20
CA ASN C 247 -28.28 9.54 -6.16
C ASN C 247 -26.97 10.19 -5.74
N LEU C 248 -27.04 11.48 -5.44
CA LEU C 248 -25.89 12.33 -5.20
C LEU C 248 -25.94 12.97 -3.83
N ILE C 249 -24.76 13.28 -3.31
CA ILE C 249 -24.56 14.35 -2.34
C ILE C 249 -23.53 15.28 -2.92
N ALA C 250 -23.86 16.55 -2.94
CA ALA C 250 -23.15 17.59 -3.64
C ALA C 250 -22.40 18.49 -2.68
N PRO C 251 -21.40 19.23 -3.15
CA PRO C 251 -20.82 20.27 -2.30
C PRO C 251 -21.70 21.50 -2.29
N ARG C 252 -22.04 21.94 -1.08
CA ARG C 252 -22.46 23.31 -0.84
C ARG C 252 -21.23 24.15 -0.57
N TYR C 253 -20.44 23.75 0.41
CA TYR C 253 -19.23 24.41 0.83
C TYR C 253 -18.08 23.46 0.61
N ALA C 254 -16.90 24.02 0.47
CA ALA C 254 -15.70 23.30 0.17
C ALA C 254 -14.57 23.91 0.97
N PHE C 255 -13.53 23.09 1.19
CA PHE C 255 -12.44 23.47 2.08
C PHE C 255 -11.25 23.96 1.27
N ALA C 256 -11.02 25.26 1.34
CA ALA C 256 -9.81 25.86 0.79
C ALA C 256 -8.66 25.58 1.75
N LEU C 257 -7.46 25.42 1.21
CA LEU C 257 -6.32 25.14 2.05
C LEU C 257 -5.02 25.37 1.32
N SER C 258 -3.97 25.47 2.11
CA SER C 258 -2.61 25.16 1.73
C SER C 258 -2.21 23.93 2.55
N ARG C 259 -0.93 23.55 2.46
CA ARG C 259 -0.54 22.18 2.78
C ARG C 259 -0.42 21.90 4.26
N GLY C 260 0.54 22.54 4.91
CA GLY C 260 1.02 22.16 6.23
C GLY C 260 2.23 21.26 6.16
N PHE C 261 2.85 21.07 7.31
CA PHE C 261 3.90 20.08 7.46
C PHE C 261 4.05 19.78 8.94
N GLY C 262 4.12 18.50 9.27
CA GLY C 262 4.66 18.07 10.52
C GLY C 262 3.70 18.02 11.69
N SER C 263 2.59 18.75 11.66
CA SER C 263 1.55 18.58 12.67
C SER C 263 0.75 17.31 12.37
N GLY C 264 -0.10 16.89 13.30
CA GLY C 264 -0.76 15.60 13.16
C GLY C 264 -1.96 15.42 14.08
N ILE C 265 -2.10 14.19 14.57
CA ILE C 265 -3.34 13.69 15.16
C ILE C 265 -3.01 13.11 16.52
N ILE C 266 -3.97 13.28 17.43
CA ILE C 266 -3.91 12.69 18.77
C ILE C 266 -5.25 12.03 19.06
N ASN C 267 -5.18 10.89 19.74
CA ASN C 267 -6.26 10.39 20.59
C ASN C 267 -5.89 10.68 22.04
N SER C 268 -6.78 11.34 22.78
CA SER C 268 -6.54 11.67 24.18
C SER C 268 -7.84 12.02 24.89
N ASN C 269 -7.94 11.58 26.13
CA ASN C 269 -9.03 11.92 27.04
C ASN C 269 -8.61 12.81 28.19
N ALA C 270 -7.31 13.07 28.36
CA ALA C 270 -6.84 13.91 29.45
C ALA C 270 -7.32 15.35 29.22
N PRO C 271 -7.41 16.18 30.26
CA PRO C 271 -8.09 17.46 30.11
C PRO C 271 -7.28 18.45 29.30
N MET C 272 -7.95 19.57 29.01
CA MET C 272 -7.47 20.62 28.14
C MET C 272 -7.35 21.91 28.93
N ASP C 273 -6.34 22.72 28.57
CA ASP C 273 -5.95 23.84 29.41
C ASP C 273 -5.28 24.91 28.56
N GLU C 274 -5.35 26.15 29.05
CA GLU C 274 -4.76 27.32 28.41
C GLU C 274 -3.24 27.26 28.28
N CYS C 275 -2.56 26.44 29.08
CA CYS C 275 -1.11 26.39 29.16
C CYS C 275 -0.45 26.12 27.81
N ASP C 276 0.85 26.39 27.77
CA ASP C 276 1.67 26.40 26.56
C ASP C 276 2.71 25.30 26.65
N ALA C 277 3.14 24.81 25.49
CA ALA C 277 4.24 23.87 25.40
C ALA C 277 4.85 23.95 24.01
N LYS C 278 5.80 23.04 23.79
CA LYS C 278 6.56 22.88 22.55
C LYS C 278 6.50 21.46 21.99
N CYS C 279 6.03 20.49 22.77
CA CYS C 279 5.72 19.17 22.27
C CYS C 279 4.69 18.55 23.18
N GLN C 280 3.97 17.56 22.66
CA GLN C 280 2.70 17.16 23.27
C GLN C 280 2.42 15.70 22.97
N THR C 281 1.72 15.06 23.92
CA THR C 281 1.31 13.67 23.81
C THR C 281 0.13 13.48 24.75
N PRO C 282 -0.66 12.39 24.60
CA PRO C 282 -1.88 12.27 25.42
C PRO C 282 -1.69 12.22 26.91
N GLN C 283 -0.60 11.61 27.34
CA GLN C 283 -0.33 11.55 28.77
C GLN C 283 0.07 12.91 29.31
N GLY C 284 0.49 13.84 28.47
CA GLY C 284 0.61 15.22 28.89
C GLY C 284 1.33 16.06 27.88
N ALA C 285 1.25 17.35 28.09
CA ALA C 285 2.14 18.25 27.39
C ALA C 285 3.52 18.06 27.97
N ILE C 286 4.54 18.39 27.19
CA ILE C 286 5.89 17.91 27.40
C ILE C 286 6.87 19.07 27.37
N ASN C 287 7.82 19.00 28.29
CA ASN C 287 8.95 19.88 28.31
C ASN C 287 9.92 19.48 27.20
N SER C 288 10.14 20.39 26.25
CA SER C 288 11.00 20.12 25.10
C SER C 288 12.47 20.41 25.37
N SER C 289 12.87 20.61 26.62
CA SER C 289 14.26 20.91 26.96
C SER C 289 15.19 19.75 26.65
N LEU C 290 14.82 18.58 27.14
CA LEU C 290 15.71 17.43 27.22
C LEU C 290 15.57 16.55 25.97
N PRO C 291 16.50 15.61 25.76
CA PRO C 291 16.47 14.87 24.48
C PRO C 291 15.47 13.75 24.40
N PHE C 292 15.21 13.06 25.52
CA PHE C 292 14.55 11.76 25.52
C PHE C 292 13.38 11.70 26.49
N GLN C 293 12.43 10.82 26.14
CA GLN C 293 11.46 10.25 27.06
C GLN C 293 11.53 8.74 27.01
N ASN C 294 10.96 8.11 28.02
CA ASN C 294 10.53 6.73 27.99
C ASN C 294 9.04 6.63 28.20
N VAL C 295 8.32 7.68 27.82
CA VAL C 295 7.03 7.96 28.40
C VAL C 295 5.98 7.42 27.48
N HIS C 296 5.97 7.89 26.23
CA HIS C 296 4.96 7.51 25.28
C HIS C 296 5.39 7.83 23.85
N PRO C 297 5.31 6.89 22.89
CA PRO C 297 5.89 7.18 21.56
C PRO C 297 5.21 8.28 20.79
N VAL C 298 3.88 8.34 20.88
CA VAL C 298 3.14 9.31 20.08
C VAL C 298 3.45 10.70 20.56
N THR C 299 3.89 11.55 19.64
CA THR C 299 4.22 12.93 19.92
C THR C 299 3.88 13.78 18.73
N ILE C 300 3.63 15.07 19.01
CA ILE C 300 3.61 16.10 18.00
C ILE C 300 4.46 17.25 18.53
N GLY C 301 5.27 17.85 17.64
CA GLY C 301 5.92 19.12 17.90
C GLY C 301 7.43 19.00 17.80
N GLU C 302 8.09 19.84 18.59
CA GLU C 302 9.55 19.89 18.66
C GLU C 302 9.97 19.08 19.89
N CYS C 303 10.21 17.79 19.70
CA CYS C 303 9.97 16.80 20.73
C CYS C 303 11.23 16.13 21.23
N PRO C 304 11.14 15.39 22.34
CA PRO C 304 12.13 14.35 22.63
C PRO C 304 11.95 13.15 21.73
N LYS C 305 12.67 12.08 22.08
CA LYS C 305 12.52 10.78 21.44
C LYS C 305 12.34 9.67 22.45
N TYR C 306 11.57 8.68 22.04
CA TYR C 306 11.08 7.62 22.90
C TYR C 306 12.13 6.54 23.04
N VAL C 307 12.10 5.88 24.18
CA VAL C 307 12.73 4.58 24.34
C VAL C 307 11.83 3.66 25.13
N ARG C 308 12.21 2.41 25.20
CA ARG C 308 11.77 1.48 26.22
C ARG C 308 12.91 1.42 27.23
N SER C 309 12.83 2.24 28.26
CA SER C 309 13.80 2.17 29.34
C SER C 309 13.18 2.77 30.59
N ALA C 310 13.91 2.64 31.69
CA ALA C 310 13.46 3.16 32.97
C ALA C 310 14.01 4.55 33.22
N LYS C 311 15.29 4.74 32.94
CA LYS C 311 16.00 5.91 33.42
C LYS C 311 17.33 6.02 32.68
N LEU C 312 17.80 7.25 32.53
CA LEU C 312 19.11 7.53 31.95
C LEU C 312 19.68 8.77 32.60
N ARG C 313 20.81 8.60 33.28
CA ARG C 313 21.39 9.62 34.12
C ARG C 313 22.90 9.63 33.91
N MET C 314 23.39 10.71 33.32
CA MET C 314 24.83 10.92 33.22
C MET C 314 25.36 11.40 34.55
N VAL C 315 26.58 11.01 34.85
CA VAL C 315 27.31 11.59 35.96
C VAL C 315 27.91 12.92 35.52
N THR C 316 27.56 13.95 36.26
CA THR C 316 28.35 15.18 36.30
C THR C 316 29.48 15.03 37.30
N GLY C 317 29.14 14.65 38.54
CA GLY C 317 30.09 14.62 39.63
C GLY C 317 30.96 13.38 39.61
N LEU C 318 31.03 12.69 40.75
CA LEU C 318 31.74 11.43 40.91
C LEU C 318 31.39 10.90 42.30
N ARG C 319 32.05 9.81 42.69
CA ARG C 319 31.71 8.96 43.83
C ARG C 319 31.62 9.73 45.15
N ASN C 320 30.85 9.16 46.08
CA ASN C 320 30.62 9.69 47.42
C ASN C 320 30.96 8.61 48.43
N ILE C 321 32.05 8.82 49.17
CA ILE C 321 32.39 7.98 50.33
C ILE C 321 32.83 8.91 51.46
N PRO C 322 32.08 9.02 52.56
CA PRO C 322 32.70 9.43 53.84
C PRO C 322 33.24 8.24 54.60
N SER C 323 33.82 8.47 55.76
CA SER C 323 34.38 7.39 56.56
C SER C 323 34.54 7.83 58.02
N GLY D 1 40.08 5.13 40.82
CA GLY D 1 41.38 4.48 40.83
C GLY D 1 41.61 3.50 39.70
N LEU D 2 41.07 3.81 38.52
CA LEU D 2 41.50 3.12 37.31
C LEU D 2 42.98 3.31 37.13
N PHE D 3 43.43 4.55 37.29
CA PHE D 3 44.80 4.93 37.04
C PHE D 3 45.60 4.99 38.34
N GLY D 4 44.97 4.77 39.50
CA GLY D 4 45.66 4.34 40.70
C GLY D 4 45.23 4.99 41.98
N ALA D 5 44.34 5.99 41.95
CA ALA D 5 44.04 6.82 43.11
C ALA D 5 42.75 6.45 43.84
N ILE D 6 41.60 6.60 43.17
CA ILE D 6 40.32 6.73 43.87
C ILE D 6 39.74 5.35 44.01
N ALA D 7 39.65 4.88 45.25
CA ALA D 7 39.64 3.46 45.59
C ALA D 7 40.88 2.76 45.03
N GLY D 8 41.99 3.46 45.01
CA GLY D 8 43.25 3.07 44.43
C GLY D 8 44.34 3.06 45.49
N PHE D 9 45.18 4.10 45.48
CA PHE D 9 45.93 4.43 46.67
C PHE D 9 45.11 5.31 47.63
N ILE D 10 44.19 6.12 47.11
CA ILE D 10 43.23 6.84 47.95
C ILE D 10 42.05 5.92 48.17
N GLU D 11 41.44 6.02 49.35
CA GLU D 11 40.37 5.13 49.76
C GLU D 11 39.01 5.79 49.60
N GLY D 12 38.86 7.04 50.06
CA GLY D 12 37.56 7.62 50.30
C GLY D 12 37.54 9.13 50.14
N GLY D 13 36.31 9.65 50.00
CA GLY D 13 36.08 11.05 49.70
C GLY D 13 35.87 11.88 50.95
N TRP D 14 35.84 13.20 50.73
CA TRP D 14 35.80 14.21 51.77
C TRP D 14 34.62 15.14 51.54
N THR D 15 33.77 15.26 52.56
CA THR D 15 32.58 16.08 52.50
C THR D 15 32.80 17.52 52.96
N GLY D 16 34.01 17.88 53.38
CA GLY D 16 34.21 19.17 54.02
C GLY D 16 34.12 20.29 53.02
N MET D 17 34.80 20.12 51.88
CA MET D 17 34.99 21.16 50.91
C MET D 17 33.98 20.98 49.79
N VAL D 18 33.39 22.10 49.35
CA VAL D 18 32.27 22.10 48.41
C VAL D 18 32.41 23.13 47.29
N ASP D 19 33.38 24.04 47.37
CA ASP D 19 33.50 25.08 46.36
C ASP D 19 33.95 24.56 44.99
N GLY D 20 34.45 23.34 44.91
CA GLY D 20 34.99 22.82 43.68
C GLY D 20 35.44 21.40 43.93
N TRP D 21 35.42 20.63 42.87
CA TRP D 21 35.50 19.19 43.01
C TRP D 21 36.88 18.68 43.41
N TYR D 22 37.94 19.47 43.23
CA TYR D 22 39.31 19.09 43.56
C TYR D 22 39.90 20.12 44.50
N GLY D 23 41.09 19.82 45.00
CA GLY D 23 41.86 20.75 45.79
C GLY D 23 42.98 20.07 46.53
N TYR D 24 43.39 20.75 47.58
CA TYR D 24 44.39 20.31 48.54
C TYR D 24 43.82 20.46 49.93
N HIS D 25 44.50 19.80 50.87
CA HIS D 25 44.35 20.07 52.30
C HIS D 25 45.70 20.51 52.82
N HIS D 26 45.72 21.71 53.40
CA HIS D 26 46.91 22.29 53.99
C HIS D 26 46.94 21.93 55.47
N GLN D 27 48.11 21.51 55.93
CA GLN D 27 48.34 21.22 57.34
C GLN D 27 49.67 21.84 57.72
N ASN D 28 49.62 22.91 58.50
CA ASN D 28 50.83 23.54 59.02
C ASN D 28 50.50 24.17 60.36
N GLU D 29 51.45 24.96 60.88
CA GLU D 29 51.43 25.38 62.27
C GLU D 29 50.23 26.27 62.58
N GLN D 30 49.80 27.08 61.62
CA GLN D 30 48.64 27.92 61.84
C GLN D 30 47.36 27.10 61.97
N GLY D 31 47.33 25.92 61.36
CA GLY D 31 46.24 24.99 61.55
C GLY D 31 46.07 24.12 60.33
N SER D 32 44.82 23.76 60.10
CA SER D 32 44.41 22.83 59.07
C SER D 32 43.32 23.49 58.23
N GLY D 33 43.21 23.05 56.98
CA GLY D 33 42.04 23.45 56.22
C GLY D 33 42.08 22.89 54.81
N TYR D 34 40.94 23.02 54.15
CA TYR D 34 40.70 22.50 52.81
C TYR D 34 40.61 23.69 51.88
N ALA D 35 41.11 23.53 50.65
CA ALA D 35 41.12 24.63 49.68
C ALA D 35 41.13 24.09 48.27
N ALA D 36 40.20 24.56 47.45
CA ALA D 36 39.89 23.88 46.20
C ALA D 36 40.77 24.35 45.04
N ASP D 37 40.91 23.48 44.03
CA ASP D 37 41.77 23.72 42.86
C ASP D 37 40.92 24.21 41.69
N GLN D 38 40.65 25.50 41.70
CA GLN D 38 39.72 26.08 40.74
C GLN D 38 40.26 26.05 39.30
N LYS D 39 41.57 26.01 39.12
CA LYS D 39 42.16 26.04 37.79
C LYS D 39 41.76 24.80 36.99
N SER D 40 42.29 23.66 37.42
CA SER D 40 42.03 22.42 36.71
C SER D 40 40.59 21.99 36.88
N THR D 41 39.97 22.36 38.02
CA THR D 41 38.57 22.08 38.24
C THR D 41 37.70 22.77 37.19
N GLN D 42 37.99 24.04 36.98
CA GLN D 42 37.20 24.82 36.04
C GLN D 42 37.46 24.36 34.61
N ASN D 43 38.69 23.91 34.31
CA ASN D 43 38.99 23.42 32.98
C ASN D 43 38.23 22.14 32.71
N ALA D 44 38.20 21.26 33.71
CA ALA D 44 37.46 20.01 33.60
C ALA D 44 35.99 20.26 33.37
N ILE D 45 35.44 21.20 34.14
CA ILE D 45 34.01 21.47 34.11
C ILE D 45 33.64 22.11 32.78
N ASN D 46 34.57 22.87 32.20
CA ASN D 46 34.38 23.34 30.83
C ASN D 46 34.33 22.18 29.87
N GLY D 47 35.15 21.15 30.13
CA GLY D 47 35.07 19.93 29.34
C GLY D 47 33.71 19.27 29.41
N ILE D 48 33.12 19.24 30.60
CA ILE D 48 31.84 18.56 30.77
C ILE D 48 30.73 19.36 30.11
N THR D 49 30.83 20.69 30.19
CA THR D 49 29.93 21.57 29.48
C THR D 49 29.94 21.26 27.99
N ASN D 50 31.15 21.12 27.44
CA ASN D 50 31.28 20.81 26.02
C ASN D 50 30.73 19.43 25.69
N LYS D 51 30.80 18.51 26.65
CA LYS D 51 30.25 17.18 26.47
C LYS D 51 28.76 17.28 26.24
N VAL D 52 28.07 17.84 27.23
CA VAL D 52 26.63 17.72 27.22
C VAL D 52 26.02 18.61 26.15
N ASN D 53 26.68 19.72 25.82
CA ASN D 53 26.29 20.43 24.61
C ASN D 53 26.52 19.57 23.37
N SER D 54 27.54 18.72 23.37
CA SER D 54 27.81 17.82 22.25
C SER D 54 27.13 16.45 22.38
N VAL D 55 26.18 16.29 23.28
CA VAL D 55 25.32 15.12 23.32
C VAL D 55 23.89 15.51 23.01
N ILE D 56 23.45 16.63 23.56
CA ILE D 56 22.08 17.09 23.39
C ILE D 56 21.93 17.53 21.95
N GLU D 57 22.85 18.39 21.52
CA GLU D 57 22.73 19.08 20.24
C GLU D 57 22.85 18.14 19.04
N LYS D 58 23.40 16.94 19.23
CA LYS D 58 23.67 16.06 18.11
C LYS D 58 22.39 15.40 17.60
N MET D 59 21.35 15.38 18.42
CA MET D 59 20.00 15.18 17.91
C MET D 59 19.63 16.32 16.98
N ASN D 60 18.71 16.04 16.07
CA ASN D 60 17.85 17.05 15.47
C ASN D 60 16.40 16.60 15.60
N THR D 61 15.61 17.37 16.31
CA THR D 61 14.23 17.06 16.64
C THR D 61 13.32 17.82 15.67
N GLN D 62 12.72 17.10 14.72
CA GLN D 62 11.85 17.73 13.76
C GLN D 62 10.56 18.22 14.42
N PHE D 63 9.88 19.11 13.71
CA PHE D 63 8.47 19.34 14.00
C PHE D 63 7.70 18.11 13.54
N THR D 64 7.55 17.17 14.46
CA THR D 64 7.27 15.78 14.14
C THR D 64 5.79 15.50 14.34
N ALA D 65 5.28 14.51 13.59
CA ALA D 65 4.00 13.85 13.82
C ALA D 65 4.23 12.35 13.83
N VAL D 66 4.02 11.72 14.98
CA VAL D 66 4.39 10.31 15.10
C VAL D 66 3.33 9.41 14.47
N GLY D 67 2.07 9.63 14.77
CA GLY D 67 1.09 8.58 14.70
C GLY D 67 0.44 8.39 13.34
N LYS D 68 -0.02 7.15 13.15
CA LYS D 68 -0.82 6.74 12.02
C LYS D 68 -1.89 5.82 12.57
N GLU D 69 -2.88 5.52 11.74
CA GLU D 69 -3.83 4.46 12.06
C GLU D 69 -4.56 4.07 10.80
N PHE D 70 -5.04 2.82 10.81
CA PHE D 70 -5.27 2.03 9.61
C PHE D 70 -6.53 1.20 9.81
N ASN D 71 -7.02 0.65 8.70
CA ASN D 71 -8.10 -0.33 8.74
C ASN D 71 -7.45 -1.70 8.96
N LYS D 72 -8.19 -2.76 8.64
CA LYS D 72 -7.75 -4.15 8.80
C LYS D 72 -7.49 -4.86 7.47
N LEU D 73 -7.54 -4.16 6.33
CA LEU D 73 -7.10 -4.67 5.04
C LEU D 73 -5.74 -4.09 4.64
N GLU D 74 -4.96 -3.66 5.62
CA GLU D 74 -3.70 -2.95 5.45
C GLU D 74 -2.62 -3.55 6.33
N ARG D 75 -2.80 -4.83 6.69
CA ARG D 75 -2.14 -5.39 7.85
C ARG D 75 -0.68 -5.65 7.58
N ARG D 76 -0.36 -5.84 6.30
CA ARG D 76 0.95 -5.56 5.77
C ARG D 76 1.51 -4.31 6.40
N MET D 77 0.81 -3.20 6.22
CA MET D 77 1.34 -1.92 6.66
C MET D 77 1.24 -1.75 8.16
N GLU D 78 0.28 -2.42 8.81
CA GLU D 78 0.15 -2.25 10.25
C GLU D 78 1.33 -2.92 10.92
N ASN D 79 1.54 -4.19 10.60
CA ASN D 79 2.65 -4.90 11.22
C ASN D 79 3.98 -4.36 10.77
N LEU D 80 4.02 -3.77 9.57
CA LEU D 80 5.17 -3.02 9.11
C LEU D 80 5.44 -1.90 10.10
N ASN D 81 4.51 -0.96 10.20
CA ASN D 81 4.71 0.30 10.92
C ASN D 81 5.02 0.06 12.38
N LYS D 82 4.43 -0.99 12.93
CA LYS D 82 4.87 -1.56 14.19
C LYS D 82 6.35 -1.94 14.14
N LYS D 83 6.75 -2.73 13.13
CA LYS D 83 8.13 -3.24 13.06
C LYS D 83 9.12 -2.12 12.88
N VAL D 84 8.77 -1.16 12.04
CA VAL D 84 9.52 0.04 11.73
C VAL D 84 9.80 0.76 13.02
N ASP D 85 8.72 1.20 13.67
CA ASP D 85 8.83 2.11 14.80
C ASP D 85 9.54 1.44 15.95
N ASP D 86 9.21 0.18 16.20
CA ASP D 86 9.84 -0.58 17.26
C ASP D 86 11.31 -0.79 16.98
N GLY D 87 11.66 -0.93 15.71
CA GLY D 87 13.04 -1.02 15.29
C GLY D 87 13.84 0.21 15.62
N PHE D 88 13.33 1.36 15.15
CA PHE D 88 13.99 2.64 15.40
C PHE D 88 14.10 2.94 16.90
N ILE D 89 13.03 2.66 17.63
CA ILE D 89 12.88 2.91 19.05
C ILE D 89 13.96 2.14 19.78
N ASP D 90 14.08 0.87 19.42
CA ASP D 90 15.09 0.05 20.06
C ASP D 90 16.49 0.50 19.71
N ILE D 91 16.68 1.11 18.55
CA ILE D 91 18.03 1.46 18.12
C ILE D 91 18.49 2.67 18.90
N TRP D 92 17.63 3.69 18.97
CA TRP D 92 17.94 4.85 19.81
C TRP D 92 18.12 4.44 21.26
N THR D 93 17.33 3.47 21.71
CA THR D 93 17.40 3.00 23.09
C THR D 93 18.75 2.38 23.37
N TYR D 94 19.19 1.53 22.46
CA TYR D 94 20.38 0.75 22.68
C TYR D 94 21.61 1.62 22.59
N ASN D 95 21.63 2.50 21.58
CA ASN D 95 22.74 3.42 21.39
C ASN D 95 22.86 4.36 22.57
N ALA D 96 21.72 4.88 23.03
CA ALA D 96 21.74 5.83 24.11
C ALA D 96 22.14 5.19 25.43
N GLU D 97 21.71 3.96 25.65
CA GLU D 97 22.05 3.29 26.91
C GLU D 97 23.54 2.98 26.98
N LEU D 98 24.08 2.44 25.89
CA LEU D 98 25.53 2.28 25.77
C LEU D 98 26.25 3.61 25.91
N LEU D 99 25.65 4.67 25.39
CA LEU D 99 26.29 5.96 25.40
C LEU D 99 26.39 6.49 26.82
N VAL D 100 25.35 6.29 27.62
CA VAL D 100 25.39 6.77 29.00
C VAL D 100 26.40 5.96 29.79
N LEU D 101 26.44 4.65 29.55
CA LEU D 101 27.42 3.78 30.20
C LEU D 101 28.86 4.19 29.90
N LEU D 102 29.16 4.31 28.62
CA LEU D 102 30.52 4.58 28.18
C LEU D 102 30.96 5.97 28.58
N GLU D 103 30.08 6.94 28.35
CA GLU D 103 30.42 8.31 28.67
C GLU D 103 30.62 8.51 30.16
N ASN D 104 29.86 7.78 30.98
CA ASN D 104 30.09 7.88 32.41
C ASN D 104 31.36 7.18 32.82
N GLU D 105 31.71 6.09 32.13
CA GLU D 105 32.96 5.41 32.40
C GLU D 105 34.15 6.32 32.10
N ARG D 106 34.14 6.90 30.91
CA ARG D 106 35.17 7.86 30.53
C ARG D 106 35.13 9.11 31.37
N THR D 107 33.99 9.43 31.96
CA THR D 107 33.91 10.59 32.83
C THR D 107 34.62 10.30 34.15
N LEU D 108 34.42 9.10 34.69
CA LEU D 108 35.17 8.70 35.88
C LEU D 108 36.64 8.66 35.59
N ASP D 109 36.99 8.17 34.41
CA ASP D 109 38.39 8.10 34.01
C ASP D 109 38.97 9.49 33.82
N PHE D 110 38.14 10.42 33.34
CA PHE D 110 38.55 11.80 33.15
C PHE D 110 38.88 12.42 34.50
N HIS D 111 38.06 12.14 35.50
CA HIS D 111 38.31 12.67 36.83
C HIS D 111 39.58 12.10 37.42
N ASP D 112 39.68 10.78 37.34
CA ASP D 112 40.80 9.97 37.81
C ASP D 112 42.10 10.48 37.23
N SER D 113 42.03 10.78 35.94
CA SER D 113 43.20 11.24 35.23
C SER D 113 43.64 12.59 35.73
N ASN D 114 42.69 13.49 35.95
CA ASN D 114 43.05 14.84 36.34
C ASN D 114 43.67 14.85 37.72
N VAL D 115 43.13 14.03 38.63
CA VAL D 115 43.69 13.98 39.98
C VAL D 115 45.07 13.35 39.97
N LYS D 116 45.27 12.34 39.12
CA LYS D 116 46.55 11.67 39.09
C LYS D 116 47.61 12.58 38.49
N ASN D 117 47.23 13.32 37.46
CA ASN D 117 48.11 14.31 36.85
C ASN D 117 48.54 15.32 37.88
N LEU D 118 47.58 15.78 38.69
CA LEU D 118 47.89 16.77 39.72
C LEU D 118 48.80 16.20 40.78
N TYR D 119 48.62 14.91 41.08
CA TYR D 119 49.50 14.25 42.02
C TYR D 119 50.92 14.24 41.49
N GLU D 120 51.07 14.10 40.17
CA GLU D 120 52.39 14.21 39.59
C GLU D 120 52.89 15.65 39.51
N LYS D 121 51.99 16.62 39.44
CA LYS D 121 52.41 18.02 39.47
C LYS D 121 52.99 18.37 40.83
N VAL D 122 52.29 17.96 41.88
CA VAL D 122 52.67 18.24 43.25
C VAL D 122 53.98 17.53 43.52
N LYS D 123 54.06 16.28 43.08
CA LYS D 123 55.30 15.54 43.22
C LYS D 123 56.43 16.14 42.41
N SER D 124 56.12 16.81 41.30
CA SER D 124 57.16 17.25 40.38
C SER D 124 58.05 18.31 41.00
N GLN D 125 57.48 19.11 41.89
CA GLN D 125 58.26 20.13 42.58
C GLN D 125 59.14 19.51 43.67
N LEU D 126 58.51 18.76 44.56
CA LEU D 126 59.01 18.54 45.91
C LEU D 126 59.78 17.24 46.03
N LYS D 127 60.52 16.90 45.00
CA LYS D 127 60.94 15.54 44.69
C LYS D 127 61.83 14.94 45.77
N ASN D 128 62.99 15.53 45.96
CA ASN D 128 63.90 15.18 47.04
C ASN D 128 63.70 16.04 48.28
N ASN D 129 63.07 17.22 48.15
CA ASN D 129 62.86 18.08 49.30
C ASN D 129 61.90 17.49 50.30
N ALA D 130 61.01 16.60 49.87
CA ALA D 130 59.93 16.15 50.72
C ALA D 130 59.41 14.84 50.17
N LYS D 131 58.83 14.04 51.05
CA LYS D 131 58.66 12.61 50.85
C LYS D 131 57.20 12.21 50.69
N GLU D 132 57.03 11.15 49.92
CA GLU D 132 55.82 10.34 49.96
C GLU D 132 55.57 9.84 51.36
N ILE D 133 54.30 9.88 51.77
CA ILE D 133 53.85 9.29 53.02
C ILE D 133 52.56 8.56 52.71
N GLY D 134 52.43 7.33 53.23
CA GLY D 134 51.19 6.60 53.32
C GLY D 134 50.47 6.46 52.01
N ASN D 135 49.38 7.21 51.89
CA ASN D 135 48.73 7.51 50.62
C ASN D 135 48.12 8.89 50.71
N GLY D 136 48.03 9.57 49.57
CA GLY D 136 47.26 10.80 49.46
C GLY D 136 48.01 12.06 49.80
N CYS D 137 49.22 11.96 50.36
CA CYS D 137 49.85 13.07 51.04
C CYS D 137 51.35 13.00 50.87
N PHE D 138 52.01 14.12 51.20
CA PHE D 138 53.44 14.22 51.28
C PHE D 138 53.79 14.96 52.57
N GLU D 139 54.84 14.47 53.25
CA GLU D 139 55.40 15.13 54.42
C GLU D 139 56.65 15.87 54.03
N PHE D 140 56.82 17.04 54.61
CA PHE D 140 57.97 17.89 54.36
C PHE D 140 59.01 17.62 55.43
N TYR D 141 60.27 17.70 55.03
CA TYR D 141 61.38 17.81 55.96
C TYR D 141 61.68 19.26 56.36
N HIS D 142 60.75 20.19 56.12
CA HIS D 142 60.91 21.60 56.43
C HIS D 142 59.53 22.12 56.84
N LYS D 143 59.32 23.44 56.82
CA LYS D 143 58.07 24.06 57.25
C LYS D 143 57.53 24.99 56.17
N CYS D 144 56.20 25.09 56.12
CA CYS D 144 55.46 25.69 55.02
C CYS D 144 54.31 26.52 55.57
N ASN D 145 54.23 27.77 55.11
CA ASN D 145 53.22 28.74 55.52
C ASN D 145 52.12 28.82 54.46
N ASP D 146 51.19 29.75 54.65
CA ASP D 146 50.11 29.92 53.69
C ASP D 146 50.63 30.43 52.35
N GLU D 147 51.72 31.21 52.37
CA GLU D 147 52.36 31.63 51.13
C GLU D 147 52.90 30.44 50.38
N CYS D 148 53.53 29.51 51.11
CA CYS D 148 54.04 28.29 50.51
C CYS D 148 52.90 27.43 49.95
N MET D 149 51.74 27.45 50.60
CA MET D 149 50.59 26.73 50.09
C MET D 149 50.11 27.33 48.79
N GLU D 150 49.84 28.63 48.79
CA GLU D 150 49.30 29.31 47.61
C GLU D 150 50.29 29.26 46.45
N SER D 151 51.57 29.35 46.75
CA SER D 151 52.59 29.26 45.70
C SER D 151 52.64 27.86 45.13
N VAL D 152 52.57 26.86 45.99
CA VAL D 152 52.70 25.49 45.53
C VAL D 152 51.45 25.06 44.76
N LYS D 153 50.31 25.70 45.03
CA LYS D 153 49.14 25.47 44.20
C LYS D 153 49.37 25.88 42.76
N ASN D 154 49.87 27.09 42.54
CA ASN D 154 49.95 27.63 41.20
C ASN D 154 51.22 27.21 40.45
N GLY D 155 51.91 26.17 40.91
CA GLY D 155 53.02 25.62 40.14
C GLY D 155 54.31 26.36 40.37
N THR D 156 54.57 26.77 41.61
CA THR D 156 55.75 27.55 41.98
C THR D 156 56.20 27.06 43.33
N TYR D 157 57.50 26.77 43.47
CA TYR D 157 58.08 26.41 44.77
C TYR D 157 59.36 27.13 45.14
N ASP D 158 60.23 27.40 44.18
CA ASP D 158 61.61 27.82 44.43
C ASP D 158 62.34 26.72 45.19
N TYR D 159 62.64 25.64 44.45
CA TYR D 159 63.45 24.48 44.89
C TYR D 159 64.60 24.77 45.86
N PRO D 160 65.44 25.79 45.68
CA PRO D 160 66.50 26.03 46.68
C PRO D 160 66.03 26.57 48.02
N LYS D 161 64.75 26.88 48.19
CA LYS D 161 64.28 27.61 49.35
C LYS D 161 64.45 26.81 50.63
N TYR D 162 63.81 25.65 50.70
CA TYR D 162 64.01 24.67 51.75
C TYR D 162 64.76 23.45 51.24
N SER D 163 65.74 23.66 50.37
CA SER D 163 66.56 22.56 49.90
C SER D 163 67.41 21.99 51.01
N GLU D 164 68.06 22.87 51.77
CA GLU D 164 69.07 22.44 52.71
C GLU D 164 68.47 21.94 54.01
N GLU D 165 67.33 22.53 54.41
CA GLU D 165 66.58 21.99 55.54
C GLU D 165 66.12 20.58 55.26
N SER D 166 65.76 20.28 54.01
CA SER D 166 65.46 18.92 53.63
C SER D 166 66.72 18.06 53.61
N LYS D 167 67.80 18.62 53.09
CA LYS D 167 69.08 17.91 52.99
C LYS D 167 69.65 17.55 54.35
N LEU D 168 69.24 18.21 55.44
CA LEU D 168 69.67 17.89 56.79
C LEU D 168 68.62 17.08 57.54
N ASN D 169 67.36 17.49 57.50
CA ASN D 169 66.35 16.80 58.28
C ASN D 169 66.02 15.43 57.71
N ARG D 170 66.37 15.19 56.45
CA ARG D 170 66.46 13.81 55.97
C ARG D 170 67.44 13.01 56.80
N GLU D 171 68.58 13.60 57.13
CA GLU D 171 69.77 12.80 57.39
C GLU D 171 69.79 12.21 58.79
N LYS D 172 68.86 12.58 59.65
CA LYS D 172 68.58 11.76 60.83
C LYS D 172 67.88 10.45 60.47
N ILE D 173 67.31 10.34 59.26
CA ILE D 173 66.55 9.21 58.80
C ILE D 173 67.27 8.64 57.59
N GLU E 1 70.13 -13.58 46.18
CA GLU E 1 69.30 -13.19 47.31
C GLU E 1 67.85 -13.13 46.84
N ASP E 2 66.93 -12.74 47.72
CA ASP E 2 65.51 -12.90 47.45
C ASP E 2 65.03 -11.91 46.40
N THR E 3 63.84 -12.19 45.88
CA THR E 3 63.20 -11.35 44.88
C THR E 3 61.70 -11.54 44.99
N ILE E 4 60.99 -10.45 44.69
CA ILE E 4 59.55 -10.45 44.49
C ILE E 4 59.30 -10.03 43.06
N CYS E 5 58.28 -10.64 42.45
CA CYS E 5 57.88 -10.27 41.11
C CYS E 5 56.37 -10.25 40.99
N ILE E 6 55.91 -9.53 39.97
CA ILE E 6 54.52 -9.59 39.51
C ILE E 6 54.25 -10.95 38.91
N GLY E 7 52.99 -11.23 38.60
CA GLY E 7 52.67 -12.35 37.74
C GLY E 7 51.27 -12.25 37.18
N TYR E 8 51.04 -12.95 36.07
CA TYR E 8 49.72 -13.04 35.49
C TYR E 8 49.64 -14.26 34.57
N HIS E 9 48.43 -14.50 34.09
CA HIS E 9 48.11 -15.76 33.42
C HIS E 9 48.41 -15.72 31.94
N ALA E 10 48.98 -16.83 31.46
CA ALA E 10 48.97 -17.18 30.06
C ALA E 10 48.53 -18.63 30.00
N ASN E 11 48.37 -19.17 28.79
CA ASN E 11 48.03 -20.58 28.67
C ASN E 11 48.49 -21.09 27.31
N ASN E 12 48.01 -22.26 26.93
CA ASN E 12 48.26 -22.82 25.61
C ASN E 12 47.32 -22.28 24.55
N SER E 13 46.41 -21.37 24.89
CA SER E 13 45.29 -21.09 24.02
C SER E 13 45.72 -20.25 22.84
N THR E 14 44.96 -20.35 21.76
CA THR E 14 45.18 -19.60 20.53
C THR E 14 43.88 -19.10 19.89
N ASP E 15 42.81 -18.92 20.67
CA ASP E 15 41.60 -18.31 20.16
C ASP E 15 41.77 -16.79 20.08
N THR E 16 41.09 -16.18 19.10
CA THR E 16 41.45 -14.86 18.58
C THR E 16 40.25 -13.97 18.32
N VAL E 17 40.53 -12.66 18.25
CA VAL E 17 39.59 -11.63 17.79
C VAL E 17 40.16 -10.89 16.60
N ASP E 18 39.37 -9.98 16.04
CA ASP E 18 39.87 -8.80 15.34
C ASP E 18 39.68 -7.62 16.27
N THR E 19 40.60 -6.65 16.17
CA THR E 19 40.62 -5.53 17.09
C THR E 19 41.21 -4.32 16.37
N VAL E 20 40.76 -3.13 16.82
CA VAL E 20 41.03 -1.77 16.32
C VAL E 20 42.49 -1.60 15.89
N LEU E 21 43.37 -2.12 16.73
CA LEU E 21 44.80 -1.89 16.66
C LEU E 21 45.60 -3.13 16.28
N GLU E 22 44.97 -4.31 16.23
CA GLU E 22 45.66 -5.47 15.70
C GLU E 22 44.62 -6.54 15.37
N LYS E 23 44.96 -7.39 14.42
CA LYS E 23 44.08 -8.44 13.89
C LYS E 23 44.58 -9.83 14.25
N ASN E 24 43.64 -10.78 14.21
CA ASN E 24 43.76 -12.17 14.70
C ASN E 24 44.40 -12.27 16.09
N VAL E 25 44.05 -11.32 16.94
CA VAL E 25 44.78 -11.07 18.17
C VAL E 25 44.44 -12.16 19.16
N THR E 26 45.50 -12.80 19.66
CA THR E 26 45.44 -14.00 20.46
C THR E 26 45.29 -13.65 21.92
N VAL E 27 44.48 -14.45 22.61
CA VAL E 27 44.25 -14.31 24.04
C VAL E 27 44.16 -15.67 24.71
N THR E 28 44.04 -15.64 26.04
CA THR E 28 43.89 -16.86 26.81
C THR E 28 42.44 -17.33 26.77
N HIS E 29 41.55 -16.50 27.31
CA HIS E 29 40.14 -16.80 27.41
C HIS E 29 39.40 -15.85 26.50
N SER E 30 38.25 -16.30 26.02
CA SER E 30 37.40 -15.54 25.13
C SER E 30 35.97 -15.89 25.46
N VAL E 31 35.06 -15.28 24.72
CA VAL E 31 33.67 -15.71 24.67
C VAL E 31 33.12 -15.30 23.32
N ASN E 32 32.54 -16.26 22.62
CA ASN E 32 31.81 -16.00 21.40
C ASN E 32 30.46 -15.43 21.79
N LEU E 33 30.19 -14.21 21.36
CA LEU E 33 28.84 -13.69 21.47
C LEU E 33 27.87 -14.47 20.61
N LEU E 34 28.34 -14.95 19.47
CA LEU E 34 27.47 -15.32 18.38
C LEU E 34 26.93 -16.73 18.57
N GLU E 35 25.76 -16.95 17.98
CA GLU E 35 25.25 -18.30 17.71
C GLU E 35 25.31 -18.48 16.21
N ASP E 36 26.45 -18.96 15.72
CA ASP E 36 26.63 -19.19 14.29
C ASP E 36 25.95 -20.45 13.79
N SER E 37 25.37 -21.25 14.68
CA SER E 37 25.02 -22.63 14.40
C SER E 37 23.52 -22.78 14.34
N HIS E 38 23.10 -23.79 13.59
CA HIS E 38 21.72 -24.21 13.50
C HIS E 38 21.68 -25.72 13.58
N ASN E 39 20.69 -26.23 14.31
CA ASN E 39 20.62 -27.66 14.54
C ASN E 39 20.12 -28.45 13.35
N GLY E 40 19.69 -27.80 12.27
CA GLY E 40 19.24 -28.55 11.11
C GLY E 40 17.94 -29.27 11.35
N LYS E 41 17.07 -28.70 12.16
CA LYS E 41 15.84 -29.34 12.60
C LYS E 41 14.71 -28.33 12.56
N LEU E 42 13.50 -28.88 12.60
CA LEU E 42 12.30 -28.12 12.90
C LEU E 42 11.77 -28.74 14.17
N CYS E 43 12.28 -28.21 15.28
CA CYS E 43 11.77 -28.36 16.63
C CYS E 43 10.51 -27.52 16.75
N LEU E 44 9.95 -27.49 17.95
CA LEU E 44 8.71 -26.81 18.26
C LEU E 44 8.95 -25.86 19.42
N LEU E 45 8.19 -24.77 19.48
CA LEU E 45 8.29 -23.90 20.64
C LEU E 45 7.79 -24.60 21.88
N LYS E 46 8.51 -24.47 22.99
CA LYS E 46 7.91 -24.44 24.35
C LYS E 46 7.26 -25.76 24.82
N GLY E 47 7.10 -26.77 23.96
CA GLY E 47 6.09 -27.80 24.11
C GLY E 47 4.84 -27.61 23.27
N ILE E 48 4.69 -26.51 22.53
CA ILE E 48 3.58 -26.26 21.63
C ILE E 48 4.07 -26.60 20.22
N ALA E 49 3.43 -27.58 19.59
CA ALA E 49 3.83 -28.00 18.26
C ALA E 49 3.56 -26.89 17.24
N PRO E 50 4.22 -26.91 16.08
CA PRO E 50 3.79 -26.06 14.97
C PRO E 50 2.78 -26.75 14.08
N LEU E 51 2.16 -25.93 13.24
CA LEU E 51 1.34 -26.41 12.15
C LEU E 51 2.22 -26.81 10.98
N GLN E 52 1.94 -28.00 10.46
CA GLN E 52 2.60 -28.57 9.30
C GLN E 52 1.57 -28.69 8.20
N LEU E 53 1.90 -28.14 7.04
CA LEU E 53 1.14 -28.34 5.82
C LEU E 53 1.64 -29.53 5.01
N GLY E 54 2.87 -29.96 5.25
CA GLY E 54 3.43 -31.01 4.43
C GLY E 54 3.67 -30.45 3.04
N ASN E 55 2.85 -30.92 2.11
CA ASN E 55 2.90 -30.49 0.72
C ASN E 55 1.91 -29.38 0.40
N CYS E 56 1.03 -29.03 1.31
CA CYS E 56 -0.13 -28.26 0.92
C CYS E 56 0.19 -26.79 0.75
N SER E 57 -0.71 -26.11 0.05
CA SER E 57 -0.80 -24.66 0.09
C SER E 57 -1.62 -24.22 1.28
N VAL E 58 -1.55 -22.93 1.54
CA VAL E 58 -2.43 -22.31 2.53
C VAL E 58 -3.87 -22.37 2.04
N ALA E 59 -4.05 -22.28 0.74
CA ALA E 59 -5.36 -22.47 0.14
C ALA E 59 -5.85 -23.89 0.40
N GLY E 60 -4.99 -24.86 0.14
CA GLY E 60 -5.33 -26.26 0.38
C GLY E 60 -5.58 -26.57 1.83
N TRP E 61 -4.97 -25.79 2.73
CA TRP E 61 -5.19 -25.98 4.15
C TRP E 61 -6.52 -25.39 4.57
N ILE E 62 -6.76 -24.14 4.19
CA ILE E 62 -7.91 -23.43 4.72
C ILE E 62 -9.21 -23.95 4.13
N LEU E 63 -9.18 -24.34 2.87
CA LEU E 63 -10.44 -24.58 2.18
C LEU E 63 -11.01 -25.94 2.47
N GLY E 64 -10.17 -26.95 2.61
CA GLY E 64 -10.56 -28.30 2.89
C GLY E 64 -10.22 -29.29 1.83
N ASN E 65 -9.09 -29.12 1.15
CA ASN E 65 -8.63 -30.05 0.15
C ASN E 65 -8.42 -31.41 0.81
N PRO E 66 -9.06 -32.51 0.35
CA PRO E 66 -9.05 -33.74 1.15
C PRO E 66 -7.69 -34.38 1.32
N GLU E 67 -6.76 -34.11 0.42
CA GLU E 67 -5.37 -34.51 0.61
C GLU E 67 -4.59 -33.52 1.47
N CYS E 68 -5.22 -32.42 1.90
CA CYS E 68 -4.75 -31.64 3.04
C CYS E 68 -5.57 -32.08 4.23
N GLU E 69 -4.92 -32.77 5.16
CA GLU E 69 -5.59 -33.21 6.37
C GLU E 69 -6.05 -32.01 7.17
N LEU E 70 -7.35 -32.00 7.48
CA LEU E 70 -8.01 -30.81 7.99
C LEU E 70 -7.46 -30.43 9.35
N LEU E 71 -7.33 -31.41 10.23
CA LEU E 71 -6.64 -31.26 11.50
C LEU E 71 -7.34 -30.24 12.41
N ILE E 72 -8.64 -30.44 12.60
CA ILE E 72 -9.43 -29.55 13.44
C ILE E 72 -8.95 -29.52 14.88
N SER E 73 -8.37 -30.63 15.34
CA SER E 73 -7.73 -30.69 16.65
C SER E 73 -6.64 -29.65 16.81
N ARG E 74 -5.95 -29.27 15.73
CA ARG E 74 -4.95 -28.22 15.78
C ARG E 74 -5.70 -26.91 16.00
N GLU E 75 -5.62 -26.40 17.22
CA GLU E 75 -6.43 -25.30 17.71
C GLU E 75 -5.65 -24.01 17.84
N SER E 76 -4.37 -24.11 18.09
CA SER E 76 -3.47 -22.97 18.12
C SER E 76 -2.11 -23.63 18.16
N TRP E 77 -1.06 -22.92 17.76
CA TRP E 77 0.21 -23.59 17.56
C TRP E 77 1.32 -22.56 17.59
N SER E 78 2.55 -23.07 17.52
CA SER E 78 3.74 -22.23 17.63
C SER E 78 3.92 -21.38 16.39
N TYR E 79 3.93 -22.03 15.23
CA TYR E 79 4.23 -21.33 13.99
C TYR E 79 3.78 -22.19 12.83
N ILE E 80 3.72 -21.56 11.67
CA ILE E 80 3.31 -22.21 10.43
C ILE E 80 4.57 -22.64 9.71
N VAL E 81 4.50 -23.83 9.13
CA VAL E 81 5.52 -24.36 8.25
C VAL E 81 4.92 -24.53 6.87
N GLU E 82 5.72 -24.19 5.86
CA GLU E 82 5.46 -24.52 4.47
C GLU E 82 6.73 -25.12 3.91
N LYS E 83 6.68 -25.50 2.65
CA LYS E 83 7.82 -25.51 1.76
C LYS E 83 7.79 -24.26 0.89
N PRO E 84 8.88 -23.96 0.17
CA PRO E 84 8.83 -22.79 -0.73
C PRO E 84 7.91 -22.97 -1.91
N ASN E 85 7.87 -24.19 -2.46
CA ASN E 85 7.22 -24.50 -3.73
C ASN E 85 6.07 -25.44 -3.44
N PRO E 86 5.00 -24.96 -2.82
CA PRO E 86 3.97 -25.88 -2.33
C PRO E 86 3.20 -26.53 -3.47
N GLU E 87 3.05 -27.85 -3.35
CA GLU E 87 2.41 -28.66 -4.37
C GLU E 87 0.96 -28.25 -4.56
N ASN E 88 0.15 -28.47 -3.53
CA ASN E 88 -1.30 -28.51 -3.70
C ASN E 88 -1.84 -27.11 -3.52
N GLY E 89 -1.84 -26.37 -4.63
CA GLY E 89 -2.77 -25.29 -4.83
C GLY E 89 -4.16 -25.81 -5.11
N THR E 90 -5.04 -24.95 -5.58
CA THR E 90 -6.45 -25.31 -5.65
C THR E 90 -6.72 -26.24 -6.81
N CYS E 91 -7.55 -27.25 -6.55
CA CYS E 91 -7.88 -28.23 -7.57
C CYS E 91 -8.75 -27.66 -8.68
N TYR E 92 -9.44 -26.55 -8.44
CA TYR E 92 -10.19 -25.81 -9.46
C TYR E 92 -9.63 -24.40 -9.37
N PRO E 93 -8.83 -23.91 -10.33
CA PRO E 93 -8.15 -22.62 -10.11
C PRO E 93 -9.11 -21.45 -10.18
N GLY E 94 -8.54 -20.28 -9.94
CA GLY E 94 -9.29 -19.09 -9.66
C GLY E 94 -8.39 -18.09 -8.97
N HIS E 95 -8.65 -16.82 -9.23
CA HIS E 95 -7.89 -15.80 -8.56
C HIS E 95 -8.28 -15.77 -7.09
N PHE E 96 -7.26 -15.66 -6.24
CA PHE E 96 -7.39 -15.72 -4.80
C PHE E 96 -6.85 -14.41 -4.26
N ALA E 97 -7.70 -13.42 -4.18
CA ALA E 97 -7.22 -12.08 -3.90
C ALA E 97 -6.81 -11.94 -2.45
N ASP E 98 -5.91 -11.00 -2.22
CA ASP E 98 -5.45 -10.59 -0.91
C ASP E 98 -4.81 -11.74 -0.12
N TYR E 99 -4.08 -12.57 -0.86
CA TYR E 99 -3.29 -13.67 -0.32
C TYR E 99 -2.34 -13.18 0.77
N GLU E 100 -1.75 -12.02 0.54
CA GLU E 100 -0.85 -11.34 1.48
C GLU E 100 -1.56 -11.07 2.79
N GLU E 101 -2.73 -10.44 2.66
CA GLU E 101 -3.43 -9.92 3.82
C GLU E 101 -3.95 -11.06 4.67
N LEU E 102 -4.43 -12.11 4.02
CA LEU E 102 -4.88 -13.27 4.79
C LEU E 102 -3.72 -13.93 5.50
N ARG E 103 -2.55 -13.96 4.86
CA ARG E 103 -1.41 -14.59 5.48
C ARG E 103 -0.95 -13.83 6.69
N GLU E 104 -0.93 -12.52 6.58
CA GLU E 104 -0.54 -11.69 7.72
C GLU E 104 -1.55 -11.80 8.83
N GLN E 105 -2.83 -11.93 8.47
CA GLN E 105 -3.84 -12.13 9.50
C GLN E 105 -3.70 -13.46 10.18
N LEU E 106 -3.29 -14.46 9.42
CA LEU E 106 -2.99 -15.78 9.93
C LEU E 106 -1.50 -15.96 10.17
N SER E 107 -0.77 -14.87 10.40
CA SER E 107 0.54 -14.97 11.03
C SER E 107 0.45 -15.70 12.35
N SER E 108 -0.57 -15.41 13.15
CA SER E 108 -0.56 -15.69 14.56
C SER E 108 -1.93 -16.18 14.99
N VAL E 109 -1.93 -17.06 16.00
CA VAL E 109 -3.12 -17.59 16.63
C VAL E 109 -3.04 -17.26 18.10
N SER E 110 -4.14 -16.77 18.66
CA SER E 110 -4.42 -16.89 20.08
C SER E 110 -5.52 -17.92 20.30
N SER E 111 -6.48 -17.99 19.38
CA SER E 111 -7.48 -19.03 19.37
C SER E 111 -7.89 -19.24 17.93
N PHE E 112 -8.18 -20.48 17.57
CA PHE E 112 -8.49 -20.82 16.20
C PHE E 112 -9.19 -22.16 16.19
N GLU E 113 -10.31 -22.22 15.50
CA GLU E 113 -11.06 -23.44 15.45
C GLU E 113 -12.02 -23.34 14.26
N ARG E 114 -12.73 -24.43 14.04
CA ARG E 114 -13.61 -24.62 12.92
C ARG E 114 -14.98 -24.96 13.46
N PHE E 115 -16.00 -24.29 12.92
CA PHE E 115 -17.37 -24.56 13.28
C PHE E 115 -18.19 -24.56 12.01
N GLU E 116 -19.50 -24.73 12.18
CA GLU E 116 -20.43 -24.99 11.10
C GLU E 116 -21.43 -23.84 11.10
N ILE E 117 -21.05 -22.75 10.42
CA ILE E 117 -21.88 -21.53 10.40
C ILE E 117 -23.25 -21.82 9.79
N PHE E 118 -23.27 -22.53 8.67
CA PHE E 118 -24.44 -22.86 7.88
C PHE E 118 -24.29 -24.35 7.64
N PRO E 119 -24.90 -25.22 8.45
CA PRO E 119 -24.83 -26.66 8.15
C PRO E 119 -25.41 -27.00 6.78
N LYS E 120 -24.70 -27.89 6.07
CA LYS E 120 -25.08 -28.26 4.71
C LYS E 120 -26.49 -28.82 4.67
N GLU E 121 -26.77 -29.75 5.57
CA GLU E 121 -28.14 -30.09 5.87
C GLU E 121 -28.86 -28.85 6.39
N SER E 122 -30.02 -28.57 5.81
CA SER E 122 -30.99 -27.56 6.23
C SER E 122 -30.61 -26.12 5.90
N SER E 123 -29.40 -25.86 5.38
CA SER E 123 -29.11 -24.51 4.90
C SER E 123 -29.84 -24.25 3.60
N TRP E 124 -29.56 -25.08 2.60
CA TRP E 124 -30.05 -24.88 1.24
C TRP E 124 -30.92 -26.03 0.76
N PRO E 125 -32.14 -26.16 1.30
CA PRO E 125 -33.16 -26.96 0.61
C PRO E 125 -33.42 -26.54 -0.83
N ASN E 126 -33.65 -25.25 -1.07
CA ASN E 126 -34.10 -24.79 -2.38
C ASN E 126 -32.99 -24.61 -3.40
N HIS E 127 -31.79 -25.13 -3.13
CA HIS E 127 -30.79 -25.31 -4.16
C HIS E 127 -30.17 -26.66 -3.93
N THR E 128 -30.01 -27.41 -5.00
CA THR E 128 -29.34 -28.69 -4.91
C THR E 128 -27.87 -28.39 -4.69
N THR E 129 -27.29 -29.05 -3.71
CA THR E 129 -26.05 -28.63 -3.09
C THR E 129 -24.88 -29.52 -3.43
N THR E 130 -25.11 -30.80 -3.55
CA THR E 130 -24.09 -31.82 -3.40
C THR E 130 -23.15 -31.95 -4.58
N GLY E 131 -23.31 -31.16 -5.63
CA GLY E 131 -22.47 -31.29 -6.79
C GLY E 131 -21.03 -30.89 -6.50
N VAL E 132 -20.12 -31.69 -7.05
CA VAL E 132 -18.68 -31.51 -6.92
C VAL E 132 -18.03 -31.73 -8.28
N SER E 133 -16.70 -31.77 -8.30
CA SER E 133 -15.91 -32.00 -9.49
C SER E 133 -14.82 -33.02 -9.17
N ALA E 134 -14.15 -33.45 -10.23
CA ALA E 134 -13.28 -34.62 -10.17
C ALA E 134 -11.80 -34.29 -10.03
N SER E 135 -11.41 -33.02 -10.14
CA SER E 135 -10.04 -32.65 -9.86
C SER E 135 -9.84 -32.56 -8.37
N CYS E 136 -10.78 -31.94 -7.70
CA CYS E 136 -10.85 -31.97 -6.25
C CYS E 136 -11.23 -33.38 -5.89
N SER E 137 -10.22 -34.18 -5.54
CA SER E 137 -10.40 -35.62 -5.41
C SER E 137 -9.63 -36.13 -4.21
N HIS E 138 -10.00 -37.35 -3.82
CA HIS E 138 -9.47 -38.00 -2.65
C HIS E 138 -9.25 -39.46 -2.96
N ASN E 139 -7.98 -39.86 -3.04
CA ASN E 139 -7.58 -41.24 -3.33
C ASN E 139 -8.18 -41.74 -4.63
N GLY E 140 -8.15 -40.89 -5.64
CA GLY E 140 -8.67 -41.24 -6.95
C GLY E 140 -10.17 -41.22 -7.06
N GLU E 141 -10.86 -40.49 -6.18
CA GLU E 141 -12.32 -40.38 -6.19
C GLU E 141 -12.66 -38.92 -5.99
N SER E 142 -13.72 -38.46 -6.65
CA SER E 142 -13.99 -37.04 -6.75
C SER E 142 -14.39 -36.47 -5.40
N SER E 143 -14.37 -35.14 -5.32
CA SER E 143 -14.74 -34.46 -4.11
C SER E 143 -14.83 -32.96 -4.32
N PHE E 144 -15.02 -32.25 -3.23
CA PHE E 144 -14.85 -30.81 -3.20
C PHE E 144 -14.46 -30.49 -1.76
N TYR E 145 -13.92 -29.29 -1.58
CA TYR E 145 -13.48 -28.75 -0.30
C TYR E 145 -14.50 -28.92 0.81
N LYS E 146 -13.98 -29.28 1.98
CA LYS E 146 -14.80 -29.54 3.15
C LYS E 146 -15.61 -28.33 3.55
N ASN E 147 -14.96 -27.18 3.65
CA ASN E 147 -15.51 -26.07 4.39
C ASN E 147 -16.61 -25.31 3.66
N LEU E 148 -16.89 -25.65 2.39
CA LEU E 148 -17.63 -24.79 1.48
C LEU E 148 -18.70 -25.61 0.80
N LEU E 149 -19.50 -24.94 -0.03
CA LEU E 149 -20.50 -25.59 -0.86
C LEU E 149 -20.58 -25.00 -2.24
N TRP E 150 -20.94 -25.86 -3.19
CA TRP E 150 -21.66 -25.49 -4.39
C TRP E 150 -23.15 -25.37 -4.09
N LEU E 151 -23.84 -24.55 -4.87
CA LEU E 151 -25.30 -24.58 -4.97
C LEU E 151 -25.75 -24.55 -6.43
N THR E 152 -26.78 -25.35 -6.73
CA THR E 152 -27.45 -25.28 -8.03
C THR E 152 -28.92 -25.63 -7.84
N GLY E 153 -29.65 -25.60 -8.96
CA GLY E 153 -31.10 -25.63 -8.93
C GLY E 153 -31.67 -26.95 -8.48
N LYS E 154 -32.99 -26.93 -8.26
CA LYS E 154 -33.77 -28.12 -7.93
C LYS E 154 -34.34 -28.68 -9.22
N ASN E 155 -33.55 -29.47 -9.93
CA ASN E 155 -33.85 -29.88 -11.30
C ASN E 155 -34.06 -28.64 -12.16
N GLY E 156 -32.97 -27.91 -12.33
CA GLY E 156 -32.94 -26.70 -13.12
C GLY E 156 -33.85 -25.60 -12.61
N LEU E 157 -34.06 -25.55 -11.29
CA LEU E 157 -34.96 -24.60 -10.66
C LEU E 157 -34.16 -23.71 -9.72
N TYR E 158 -33.73 -22.56 -10.22
CA TYR E 158 -32.98 -21.58 -9.43
C TYR E 158 -33.93 -20.53 -8.89
N PRO E 159 -34.15 -20.45 -7.58
CA PRO E 159 -34.50 -19.18 -6.94
C PRO E 159 -33.26 -18.44 -6.50
N ASN E 160 -33.40 -17.12 -6.33
CA ASN E 160 -32.27 -16.28 -5.90
C ASN E 160 -32.39 -16.03 -4.41
N LEU E 161 -31.23 -15.78 -3.80
CA LEU E 161 -31.07 -15.91 -2.36
C LEU E 161 -30.76 -14.59 -1.70
N SER E 162 -31.17 -14.55 -0.44
CA SER E 162 -30.69 -13.59 0.54
C SER E 162 -30.52 -14.32 1.85
N LYS E 163 -29.32 -14.29 2.40
CA LYS E 163 -29.04 -14.90 3.69
C LYS E 163 -28.04 -14.03 4.43
N SER E 164 -27.81 -14.34 5.71
CA SER E 164 -27.03 -13.47 6.56
C SER E 164 -26.53 -14.24 7.76
N TYR E 165 -25.68 -13.58 8.52
CA TYR E 165 -25.25 -14.09 9.82
C TYR E 165 -24.64 -12.92 10.58
N ALA E 166 -24.71 -12.98 11.91
CA ALA E 166 -23.88 -12.13 12.74
C ALA E 166 -23.50 -12.93 13.97
N ASN E 167 -22.53 -12.41 14.68
CA ASN E 167 -21.87 -13.18 15.72
C ASN E 167 -22.77 -13.27 16.93
N ASN E 168 -22.86 -14.48 17.47
CA ASN E 168 -23.26 -14.70 18.86
C ASN E 168 -22.08 -15.18 19.69
N LYS E 169 -21.08 -15.81 19.06
CA LYS E 169 -19.99 -16.43 19.78
C LYS E 169 -19.13 -15.43 20.55
N GLU E 170 -19.15 -14.16 20.18
CA GLU E 170 -18.37 -13.06 20.74
C GLU E 170 -16.87 -13.15 20.47
N LYS E 171 -16.42 -14.10 19.66
CA LYS E 171 -15.07 -14.17 19.14
C LYS E 171 -15.06 -13.62 17.71
N GLU E 172 -13.87 -13.38 17.17
CA GLU E 172 -13.77 -12.95 15.79
C GLU E 172 -13.86 -14.14 14.84
N VAL E 173 -14.29 -13.85 13.62
CA VAL E 173 -14.78 -14.85 12.69
C VAL E 173 -14.08 -14.60 11.38
N LEU E 174 -13.84 -15.68 10.66
CA LEU E 174 -13.13 -15.66 9.39
C LEU E 174 -13.93 -16.46 8.38
N VAL E 175 -14.29 -15.77 7.28
CA VAL E 175 -15.30 -16.24 6.33
C VAL E 175 -14.78 -16.16 4.91
N LEU E 176 -15.12 -17.18 4.13
CA LEU E 176 -14.68 -17.39 2.77
C LEU E 176 -15.88 -17.67 1.88
N TRP E 177 -15.75 -17.28 0.62
CA TRP E 177 -16.78 -17.52 -0.39
C TRP E 177 -16.14 -17.40 -1.76
N GLY E 178 -16.93 -17.70 -2.78
CA GLY E 178 -16.42 -17.67 -4.14
C GLY E 178 -17.47 -17.28 -5.15
N VAL E 179 -16.97 -17.01 -6.36
CA VAL E 179 -17.74 -16.42 -7.43
C VAL E 179 -17.44 -17.19 -8.70
N HIS E 180 -18.48 -17.73 -9.35
CA HIS E 180 -18.31 -18.67 -10.45
C HIS E 180 -18.09 -17.94 -11.77
N HIS E 181 -17.05 -18.35 -12.48
CA HIS E 181 -16.68 -17.90 -13.82
C HIS E 181 -16.59 -19.13 -14.69
N PRO E 182 -17.68 -19.57 -15.34
CA PRO E 182 -17.60 -20.76 -16.18
C PRO E 182 -16.70 -20.55 -17.38
N PRO E 183 -16.18 -21.62 -17.99
CA PRO E 183 -15.49 -21.47 -19.27
C PRO E 183 -16.44 -21.52 -20.46
N ASN E 184 -17.68 -21.98 -20.27
CA ASN E 184 -18.70 -21.95 -21.30
C ASN E 184 -20.04 -21.58 -20.67
N ILE E 185 -20.93 -21.12 -21.53
CA ILE E 185 -22.23 -20.58 -21.11
C ILE E 185 -23.26 -21.67 -20.86
N GLY E 186 -23.13 -22.83 -21.50
CA GLY E 186 -24.16 -23.85 -21.43
C GLY E 186 -24.36 -24.37 -20.03
N ASP E 187 -23.27 -24.43 -19.27
CA ASP E 187 -23.35 -24.60 -17.83
C ASP E 187 -24.16 -23.48 -17.19
N GLN E 188 -23.90 -22.24 -17.54
CA GLN E 188 -24.45 -21.10 -16.81
C GLN E 188 -25.97 -21.06 -16.95
N ARG E 189 -26.44 -21.25 -18.18
CA ARG E 189 -27.88 -21.36 -18.42
C ARG E 189 -28.44 -22.61 -17.76
N ALA E 190 -27.71 -23.72 -17.86
CA ALA E 190 -28.26 -24.99 -17.43
C ALA E 190 -28.39 -25.05 -15.91
N LEU E 191 -27.35 -24.61 -15.21
CA LEU E 191 -27.38 -24.59 -13.75
C LEU E 191 -28.33 -23.52 -13.27
N TYR E 192 -27.96 -22.27 -13.55
CA TYR E 192 -28.48 -21.16 -12.79
C TYR E 192 -29.55 -20.39 -13.54
N HIS E 193 -29.60 -20.52 -14.88
CA HIS E 193 -30.67 -19.99 -15.71
C HIS E 193 -30.67 -18.45 -15.76
N THR E 194 -29.50 -17.82 -15.66
CA THR E 194 -29.34 -16.42 -15.98
C THR E 194 -27.96 -16.20 -16.59
N GLU E 195 -27.94 -15.46 -17.69
CA GLU E 195 -26.73 -14.81 -18.13
C GLU E 195 -26.33 -13.65 -17.24
N ASN E 196 -27.29 -13.07 -16.52
CA ASN E 196 -27.01 -12.07 -15.50
C ASN E 196 -26.23 -12.72 -14.39
N ALA E 197 -25.11 -12.12 -14.02
CA ALA E 197 -24.48 -12.33 -12.72
C ALA E 197 -24.67 -11.05 -11.92
N TYR E 198 -25.17 -11.20 -10.70
CA TYR E 198 -25.17 -10.13 -9.73
C TYR E 198 -25.19 -10.78 -8.36
N VAL E 199 -24.13 -10.53 -7.61
CA VAL E 199 -23.95 -11.02 -6.27
C VAL E 199 -23.59 -9.79 -5.47
N SER E 200 -23.94 -9.81 -4.19
CA SER E 200 -23.64 -8.71 -3.28
C SER E 200 -23.37 -9.31 -1.91
N VAL E 201 -22.09 -9.38 -1.57
CA VAL E 201 -21.62 -9.87 -0.27
C VAL E 201 -21.21 -8.63 0.50
N VAL E 202 -21.90 -8.38 1.61
CA VAL E 202 -22.01 -7.06 2.21
C VAL E 202 -21.80 -7.16 3.70
N SER E 203 -21.15 -6.12 4.25
CA SER E 203 -21.01 -5.88 5.68
C SER E 203 -21.05 -4.39 5.90
N SER E 204 -20.77 -3.97 7.13
CA SER E 204 -20.70 -2.54 7.46
C SER E 204 -19.42 -1.96 6.89
N HIS E 205 -18.29 -2.51 7.31
CA HIS E 205 -17.02 -2.00 6.85
C HIS E 205 -16.80 -2.37 5.40
N TYR E 206 -16.74 -3.67 5.14
CA TYR E 206 -16.57 -4.20 3.79
C TYR E 206 -17.92 -4.30 3.11
N SER E 207 -17.90 -4.13 1.79
CA SER E 207 -19.01 -4.53 0.95
C SER E 207 -18.50 -4.59 -0.47
N ARG E 208 -18.99 -5.58 -1.21
CA ARG E 208 -18.59 -5.71 -2.60
C ARG E 208 -19.63 -6.55 -3.33
N LYS E 209 -19.76 -6.26 -4.63
CA LYS E 209 -20.64 -6.96 -5.54
C LYS E 209 -19.82 -7.65 -6.62
N PHE E 210 -20.48 -8.52 -7.38
CA PHE E 210 -19.84 -9.23 -8.49
C PHE E 210 -20.81 -9.48 -9.62
N THR E 211 -20.40 -9.14 -10.86
CA THR E 211 -21.19 -9.39 -12.06
C THR E 211 -20.36 -9.95 -13.22
N PRO E 212 -19.79 -11.17 -13.11
CA PRO E 212 -18.91 -11.67 -14.18
C PRO E 212 -19.61 -12.32 -15.37
N GLU E 213 -18.79 -12.74 -16.34
CA GLU E 213 -19.22 -13.28 -17.63
C GLU E 213 -18.51 -14.63 -17.81
N ILE E 214 -18.72 -15.26 -18.97
CA ILE E 214 -17.81 -16.30 -19.43
C ILE E 214 -16.54 -15.60 -19.85
N ALA E 215 -15.39 -16.22 -19.57
CA ALA E 215 -14.10 -15.77 -20.06
C ALA E 215 -13.25 -17.01 -20.26
N LYS E 216 -13.10 -17.43 -21.52
CA LYS E 216 -12.40 -18.67 -21.81
C LYS E 216 -10.93 -18.56 -21.47
N ARG E 217 -10.35 -19.69 -21.08
CA ARG E 217 -8.99 -19.79 -20.56
C ARG E 217 -8.42 -21.11 -21.04
N PRO E 218 -7.11 -21.35 -20.86
CA PRO E 218 -6.56 -22.67 -21.20
C PRO E 218 -6.86 -23.72 -20.15
N LYS E 219 -6.66 -24.97 -20.57
CA LYS E 219 -6.71 -26.09 -19.64
C LYS E 219 -5.61 -25.97 -18.60
N VAL E 220 -6.02 -25.96 -17.33
CA VAL E 220 -5.10 -25.87 -16.20
C VAL E 220 -5.60 -26.82 -15.14
N ARG E 221 -4.82 -27.87 -14.86
CA ARG E 221 -5.28 -29.05 -14.13
C ARG E 221 -6.56 -29.58 -14.76
N ASP E 222 -6.55 -29.66 -16.09
CA ASP E 222 -7.69 -30.13 -16.88
C ASP E 222 -8.92 -29.27 -16.61
N ARG E 223 -8.70 -27.96 -16.49
CA ARG E 223 -9.79 -27.01 -16.27
C ARG E 223 -9.51 -25.73 -17.04
N GLU E 224 -10.53 -25.28 -17.77
CA GLU E 224 -10.61 -23.92 -18.27
C GLU E 224 -11.35 -23.01 -17.30
N GLY E 225 -12.39 -23.54 -16.65
CA GLY E 225 -13.22 -22.71 -15.80
C GLY E 225 -12.48 -22.17 -14.60
N ARG E 226 -13.09 -21.17 -13.95
CA ARG E 226 -12.52 -20.54 -12.77
C ARG E 226 -13.62 -20.19 -11.79
N ILE E 227 -13.27 -20.22 -10.51
CA ILE E 227 -14.04 -19.59 -9.43
C ILE E 227 -13.09 -18.69 -8.67
N ASN E 228 -13.33 -17.40 -8.74
CA ASN E 228 -12.49 -16.46 -8.01
C ASN E 228 -12.93 -16.45 -6.56
N TYR E 229 -11.95 -16.58 -5.67
CA TYR E 229 -12.18 -16.71 -4.25
C TYR E 229 -12.05 -15.38 -3.55
N TYR E 230 -12.95 -15.14 -2.59
CA TYR E 230 -13.10 -13.86 -1.91
C TYR E 230 -13.41 -14.12 -0.43
N TRP E 231 -12.94 -13.24 0.45
CA TRP E 231 -12.88 -13.54 1.87
C TRP E 231 -12.87 -12.27 2.70
N THR E 232 -13.23 -12.41 3.96
CA THR E 232 -13.02 -11.31 4.90
C THR E 232 -13.05 -11.79 6.34
N LEU E 233 -12.49 -10.93 7.20
CA LEU E 233 -12.68 -11.00 8.62
C LEU E 233 -14.04 -10.41 8.96
N LEU E 234 -14.59 -10.86 10.08
CA LEU E 234 -15.88 -10.39 10.56
C LEU E 234 -15.87 -10.45 12.08
N GLU E 235 -16.14 -9.32 12.69
CA GLU E 235 -15.95 -9.11 14.11
C GLU E 235 -17.21 -9.48 14.89
N PRO E 236 -17.13 -9.53 16.22
CA PRO E 236 -18.38 -9.59 16.98
C PRO E 236 -19.22 -8.35 16.79
N GLY E 237 -20.52 -8.54 16.74
CA GLY E 237 -21.48 -7.46 16.60
C GLY E 237 -21.86 -7.15 15.17
N ASP E 238 -20.94 -7.31 14.24
CA ASP E 238 -21.20 -6.97 12.84
C ASP E 238 -21.91 -8.12 12.14
N THR E 239 -22.73 -7.74 11.17
CA THR E 239 -23.54 -8.64 10.36
C THR E 239 -22.97 -8.69 8.95
N ILE E 240 -23.11 -9.86 8.34
CA ILE E 240 -22.82 -10.11 6.94
C ILE E 240 -24.12 -10.52 6.27
N ILE E 241 -24.27 -10.09 5.01
CA ILE E 241 -25.35 -10.52 4.13
C ILE E 241 -24.71 -11.03 2.85
N PHE E 242 -25.28 -12.12 2.35
CA PHE E 242 -25.09 -12.59 0.99
C PHE E 242 -26.39 -12.36 0.23
N GLU E 243 -26.29 -11.82 -0.99
CA GLU E 243 -27.37 -11.82 -1.96
C GLU E 243 -26.83 -12.35 -3.28
N ALA E 244 -27.65 -13.12 -4.01
CA ALA E 244 -27.15 -13.62 -5.29
C ALA E 244 -28.20 -14.21 -6.22
N ASN E 245 -27.86 -14.15 -7.52
CA ASN E 245 -28.50 -14.90 -8.60
C ASN E 245 -27.67 -16.08 -9.08
N GLY E 246 -26.94 -16.74 -8.20
CA GLY E 246 -26.20 -17.93 -8.50
C GLY E 246 -24.74 -17.59 -8.61
N ASN E 247 -23.99 -18.52 -9.20
CA ASN E 247 -22.55 -18.37 -9.42
C ASN E 247 -21.79 -18.13 -8.11
N LEU E 248 -22.06 -18.99 -7.14
CA LEU E 248 -21.61 -18.83 -5.77
C LEU E 248 -20.80 -20.02 -5.31
N ILE E 249 -19.91 -19.76 -4.36
CA ILE E 249 -19.44 -20.76 -3.40
C ILE E 249 -19.72 -20.20 -2.03
N ALA E 250 -20.36 -21.01 -1.22
CA ALA E 250 -20.94 -20.63 0.05
C ALA E 250 -20.14 -21.21 1.20
N PRO E 251 -20.26 -20.65 2.41
CA PRO E 251 -19.69 -21.32 3.58
C PRO E 251 -20.56 -22.46 4.02
N ARG E 252 -19.95 -23.64 4.15
CA ARG E 252 -20.48 -24.71 4.98
C ARG E 252 -19.96 -24.51 6.39
N TYR E 253 -18.64 -24.45 6.53
CA TYR E 253 -17.96 -24.27 7.79
C TYR E 253 -17.21 -22.96 7.72
N ALA E 254 -16.93 -22.41 8.88
CA ALA E 254 -16.28 -21.14 9.04
C ALA E 254 -15.32 -21.22 10.20
N PHE E 255 -14.33 -20.32 10.17
CA PHE E 255 -13.23 -20.40 11.11
C PHE E 255 -13.42 -19.39 12.23
N ALA E 256 -13.73 -19.91 13.41
CA ALA E 256 -13.78 -19.12 14.62
C ALA E 256 -12.36 -18.86 15.09
N LEU E 257 -12.12 -17.71 15.70
CA LEU E 257 -10.77 -17.40 16.14
C LEU E 257 -10.79 -16.24 17.13
N SER E 258 -9.68 -16.14 17.83
CA SER E 258 -9.18 -14.91 18.41
C SER E 258 -7.88 -14.57 17.66
N ARG E 259 -7.18 -13.54 18.12
CA ARG E 259 -6.23 -12.84 17.28
C ARG E 259 -4.90 -13.55 17.10
N GLY E 260 -4.14 -13.66 18.17
CA GLY E 260 -2.74 -14.00 18.15
C GLY E 260 -1.86 -12.78 18.16
N PHE E 261 -0.57 -13.01 18.37
CA PHE E 261 0.43 -11.97 18.20
C PHE E 261 1.78 -12.66 18.04
N GLY E 262 2.54 -12.21 17.06
CA GLY E 262 3.96 -12.44 17.02
C GLY E 262 4.41 -13.74 16.37
N SER E 263 3.56 -14.76 16.29
CA SER E 263 3.89 -15.95 15.51
C SER E 263 3.71 -15.64 14.02
N GLY E 264 4.17 -16.54 13.15
CA GLY E 264 4.20 -16.25 11.73
C GLY E 264 4.38 -17.46 10.85
N ILE E 265 5.15 -17.27 9.77
CA ILE E 265 5.17 -18.15 8.62
C ILE E 265 6.62 -18.52 8.33
N ILE E 266 6.79 -19.76 7.87
CA ILE E 266 8.08 -20.28 7.42
C ILE E 266 7.88 -20.96 6.08
N ASN E 267 8.87 -20.79 5.20
CA ASN E 267 9.17 -21.74 4.14
C ASN E 267 10.39 -22.56 4.56
N SER E 268 10.28 -23.88 4.54
CA SER E 268 11.38 -24.75 4.93
C SER E 268 11.16 -26.17 4.41
N ASN E 269 12.24 -26.79 3.97
CA ASN E 269 12.28 -28.19 3.57
C ASN E 269 13.07 -29.08 4.53
N ALA E 270 13.76 -28.50 5.51
CA ALA E 270 14.54 -29.30 6.44
C ALA E 270 13.59 -30.14 7.30
N PRO E 271 14.07 -31.24 7.89
CA PRO E 271 13.14 -32.18 8.50
C PRO E 271 12.55 -31.66 9.81
N MET E 272 11.58 -32.44 10.29
CA MET E 272 10.75 -32.11 11.43
C MET E 272 10.96 -33.14 12.52
N ASP E 273 10.89 -32.69 13.78
CA ASP E 273 11.33 -33.51 14.90
C ASP E 273 10.61 -33.08 16.17
N GLU E 274 10.51 -34.03 17.11
CA GLU E 274 9.88 -33.82 18.41
C GLU E 274 10.56 -32.77 19.27
N CYS E 275 11.83 -32.45 19.01
CA CYS E 275 12.64 -31.58 19.85
C CYS E 275 12.02 -30.21 20.06
N ASP E 276 12.52 -29.50 21.07
CA ASP E 276 11.99 -28.25 21.58
C ASP E 276 12.99 -27.14 21.34
N ALA E 277 12.47 -25.92 21.23
CA ALA E 277 13.30 -24.73 21.13
C ALA E 277 12.48 -23.52 21.60
N LYS E 278 13.11 -22.35 21.45
CA LYS E 278 12.59 -21.04 21.80
C LYS E 278 12.63 -20.05 20.64
N CYS E 279 13.36 -20.35 19.57
CA CYS E 279 13.28 -19.60 18.35
C CYS E 279 13.73 -20.51 17.21
N GLN E 280 13.30 -20.16 15.99
CA GLN E 280 13.29 -21.12 14.90
C GLN E 280 13.45 -20.42 13.57
N THR E 281 14.07 -21.12 12.63
CA THR E 281 14.29 -20.63 11.28
C THR E 281 14.52 -21.86 10.39
N PRO E 282 14.40 -21.73 9.05
CA PRO E 282 14.46 -22.93 8.19
C PRO E 282 15.76 -23.71 8.25
N GLN E 283 16.87 -23.02 8.41
CA GLN E 283 18.13 -23.71 8.52
C GLN E 283 18.27 -24.45 9.83
N GLY E 284 17.47 -24.12 10.84
CA GLY E 284 17.37 -24.97 11.99
C GLY E 284 16.63 -24.30 13.12
N ALA E 285 16.29 -25.10 14.10
CA ALA E 285 15.85 -24.54 15.37
C ALA E 285 17.07 -23.96 16.05
N ILE E 286 16.83 -23.01 16.94
CA ILE E 286 17.87 -22.07 17.36
C ILE E 286 17.92 -22.02 18.87
N ASN E 287 19.14 -21.96 19.37
CA ASN E 287 19.40 -21.69 20.77
C ASN E 287 19.15 -20.22 21.04
N SER E 288 18.20 -19.92 21.91
CA SER E 288 17.82 -18.55 22.24
C SER E 288 18.66 -17.95 23.37
N SER E 289 19.78 -18.57 23.74
CA SER E 289 20.62 -18.06 24.81
C SER E 289 21.27 -16.74 24.45
N LEU E 290 21.91 -16.71 23.30
CA LEU E 290 22.82 -15.65 22.92
C LEU E 290 22.11 -14.54 22.16
N PRO E 291 22.75 -13.38 21.96
CA PRO E 291 22.00 -12.26 21.39
C PRO E 291 21.84 -12.29 19.89
N PHE E 292 22.84 -12.79 19.16
CA PHE E 292 22.98 -12.58 17.73
C PHE E 292 23.17 -13.88 16.95
N GLN E 293 22.75 -13.82 15.69
CA GLN E 293 23.18 -14.72 14.64
C GLN E 293 23.73 -13.91 13.48
N ASN E 294 24.48 -14.61 12.62
CA ASN E 294 24.74 -14.18 11.25
C ASN E 294 24.18 -15.19 10.27
N VAL E 295 23.15 -15.90 10.68
CA VAL E 295 22.85 -17.20 10.12
C VAL E 295 21.80 -17.01 9.05
N HIS E 296 20.64 -16.47 9.45
CA HIS E 296 19.53 -16.32 8.55
C HIS E 296 18.51 -15.32 9.09
N PRO E 297 18.06 -14.32 8.31
CA PRO E 297 17.20 -13.28 8.91
C PRO E 297 15.86 -13.76 9.38
N VAL E 298 15.23 -14.65 8.63
CA VAL E 298 13.88 -15.08 8.96
C VAL E 298 13.91 -15.87 10.26
N THR E 299 13.10 -15.43 11.21
CA THR E 299 12.98 -16.06 12.51
C THR E 299 11.56 -15.95 13.00
N ILE E 300 11.20 -16.89 13.86
CA ILE E 300 10.00 -16.78 14.70
C ILE E 300 10.42 -17.13 16.12
N GLY E 301 9.92 -16.37 17.09
CA GLY E 301 9.99 -16.75 18.50
C GLY E 301 10.71 -15.70 19.31
N GLU E 302 11.35 -16.17 20.37
CA GLU E 302 12.12 -15.35 21.29
C GLU E 302 13.59 -15.45 20.88
N CYS E 303 14.04 -14.56 20.00
CA CYS E 303 15.09 -14.88 19.06
C CYS E 303 16.36 -14.08 19.27
N PRO E 304 17.45 -14.47 18.61
CA PRO E 304 18.55 -13.54 18.37
C PRO E 304 18.19 -12.50 17.32
N LYS E 305 19.23 -11.76 16.90
CA LYS E 305 19.11 -10.84 15.78
C LYS E 305 20.23 -11.04 14.77
N TYR E 306 19.88 -10.78 13.52
CA TYR E 306 20.69 -11.11 12.38
C TYR E 306 21.73 -10.03 12.15
N VAL E 307 22.86 -10.43 11.58
CA VAL E 307 23.77 -9.51 10.93
C VAL E 307 24.26 -10.12 9.63
N ARG E 308 24.98 -9.32 8.87
CA ARG E 308 25.89 -9.79 7.84
C ARG E 308 27.27 -9.67 8.48
N SER E 309 27.75 -10.77 9.06
CA SER E 309 29.10 -10.79 9.58
C SER E 309 29.55 -12.24 9.65
N ALA E 310 30.83 -12.41 9.97
CA ALA E 310 31.42 -13.74 10.10
C ALA E 310 31.38 -14.22 11.54
N LYS E 311 31.74 -13.35 12.47
CA LYS E 311 32.04 -13.76 13.81
C LYS E 311 32.09 -12.54 14.71
N LEU E 312 31.75 -12.75 15.99
CA LEU E 312 31.86 -11.72 17.01
C LEU E 312 32.20 -12.36 18.32
N ARG E 313 33.36 -11.99 18.86
CA ARG E 313 33.94 -12.65 20.02
C ARG E 313 34.52 -11.59 20.94
N MET E 314 33.92 -11.44 22.10
CA MET E 314 34.47 -10.60 23.14
C MET E 314 35.62 -11.33 23.82
N VAL E 315 36.60 -10.56 24.26
CA VAL E 315 37.63 -11.08 25.14
C VAL E 315 37.09 -11.08 26.56
N THR E 316 37.13 -12.26 27.17
CA THR E 316 37.12 -12.38 28.61
C THR E 316 38.52 -12.23 29.17
N GLY E 317 39.45 -13.01 28.64
CA GLY E 317 40.80 -13.10 29.17
C GLY E 317 41.67 -11.95 28.71
N LEU E 318 42.85 -12.29 28.19
CA LEU E 318 43.81 -11.33 27.62
C LEU E 318 44.90 -12.16 26.95
N ARG E 319 45.94 -11.46 26.47
CA ARG E 319 46.98 -11.97 25.58
C ARG E 319 47.67 -13.22 26.11
N ASN E 320 48.23 -13.99 25.17
CA ASN E 320 48.97 -15.23 25.44
C ASN E 320 50.33 -15.11 24.76
N ILE E 321 51.38 -15.01 25.57
CA ILE E 321 52.76 -15.11 25.11
C ILE E 321 53.53 -15.99 26.09
N PRO E 322 53.98 -17.19 25.71
CA PRO E 322 55.14 -17.80 26.38
C PRO E 322 56.45 -17.36 25.75
N SER E 323 57.57 -17.84 26.26
CA SER E 323 58.86 -17.46 25.73
C SER E 323 59.93 -18.47 26.16
N GLY F 1 50.16 -3.17 27.64
CA GLY F 1 51.05 -2.07 27.92
C GLY F 1 50.64 -0.75 27.31
N LEU F 2 49.34 -0.50 27.25
CA LEU F 2 48.85 0.85 26.98
C LEU F 2 49.38 1.78 28.04
N PHE F 3 49.28 1.36 29.29
CA PHE F 3 49.63 2.16 30.44
C PHE F 3 51.03 1.82 30.95
N GLY F 4 51.70 0.82 30.36
CA GLY F 4 53.15 0.71 30.41
C GLY F 4 53.70 -0.68 30.65
N ALA F 5 52.87 -1.68 30.89
CA ALA F 5 53.32 -2.99 31.35
C ALA F 5 53.38 -4.06 30.26
N ILE F 6 52.22 -4.43 29.70
CA ILE F 6 52.08 -5.71 29.01
C ILE F 6 52.39 -5.48 27.54
N ALA F 7 53.50 -6.08 27.09
CA ALA F 7 54.27 -5.61 25.96
C ALA F 7 54.71 -4.16 26.16
N GLY F 8 55.00 -3.79 27.40
CA GLY F 8 55.33 -2.47 27.86
C GLY F 8 56.71 -2.46 28.49
N PHE F 9 56.74 -2.45 29.84
CA PHE F 9 57.94 -2.89 30.53
C PHE F 9 57.96 -4.40 30.71
N ILE F 10 56.79 -5.05 30.81
CA ILE F 10 56.69 -6.52 30.77
C ILE F 10 56.61 -6.92 29.31
N GLU F 11 57.19 -8.08 29.00
CA GLU F 11 57.30 -8.56 27.63
C GLU F 11 56.26 -9.62 27.33
N GLY F 12 56.09 -10.60 28.23
CA GLY F 12 55.40 -11.83 27.90
C GLY F 12 54.72 -12.48 29.08
N GLY F 13 53.80 -13.40 28.75
CA GLY F 13 52.94 -14.03 29.73
C GLY F 13 53.51 -15.35 30.24
N TRP F 14 52.83 -15.87 31.27
CA TRP F 14 53.26 -17.04 32.02
C TRP F 14 52.16 -18.07 32.04
N THR F 15 52.48 -19.27 31.60
CA THR F 15 51.53 -20.38 31.54
C THR F 15 51.48 -21.22 32.80
N GLY F 16 52.29 -20.92 33.81
CA GLY F 16 52.41 -21.81 34.94
C GLY F 16 51.18 -21.80 35.80
N MET F 17 50.71 -20.60 36.10
CA MET F 17 49.65 -20.38 37.07
C MET F 17 48.33 -20.22 36.33
N VAL F 18 47.28 -20.85 36.87
CA VAL F 18 45.97 -20.97 36.21
C VAL F 18 44.80 -20.67 37.14
N ASP F 19 45.02 -20.57 38.45
CA ASP F 19 43.91 -20.38 39.36
C ASP F 19 43.26 -19.00 39.25
N GLY F 20 43.89 -18.05 38.59
CA GLY F 20 43.37 -16.70 38.53
C GLY F 20 44.31 -15.89 37.68
N TRP F 21 43.76 -14.86 37.07
CA TRP F 21 44.43 -14.20 35.98
C TRP F 21 45.62 -13.35 36.40
N TYR F 22 45.73 -12.98 37.67
CA TYR F 22 46.82 -12.15 38.21
C TYR F 22 47.48 -12.88 39.36
N GLY F 23 48.58 -12.31 39.83
CA GLY F 23 49.24 -12.79 41.02
C GLY F 23 50.63 -12.21 41.15
N TYR F 24 51.42 -12.96 41.91
CA TYR F 24 52.83 -12.72 42.15
C TYR F 24 53.59 -14.01 41.89
N HIS F 25 54.89 -13.86 41.76
CA HIS F 25 55.84 -14.96 41.86
C HIS F 25 56.77 -14.67 43.02
N HIS F 26 56.80 -15.60 43.97
CA HIS F 26 57.65 -15.52 45.15
C HIS F 26 58.95 -16.25 44.84
N GLN F 27 60.06 -15.62 45.22
CA GLN F 27 61.39 -16.20 45.08
C GLN F 27 62.13 -15.92 46.38
N ASN F 28 62.31 -16.96 47.19
CA ASN F 28 63.10 -16.83 48.41
C ASN F 28 63.76 -18.18 48.69
N GLU F 29 64.35 -18.31 49.88
CA GLU F 29 65.28 -19.39 50.16
C GLU F 29 64.60 -20.76 50.14
N GLN F 30 63.34 -20.82 50.54
CA GLN F 30 62.62 -22.08 50.50
C GLN F 30 62.37 -22.54 49.07
N GLY F 31 62.31 -21.61 48.12
CA GLY F 31 62.26 -21.94 46.73
C GLY F 31 61.53 -20.87 45.96
N SER F 32 60.84 -21.32 44.91
CA SER F 32 60.16 -20.48 43.95
C SER F 32 58.72 -20.94 43.83
N GLY F 33 57.85 -20.03 43.44
CA GLY F 33 56.52 -20.45 43.06
C GLY F 33 55.65 -19.29 42.66
N TYR F 34 54.50 -19.64 42.08
CA TYR F 34 53.52 -18.70 41.56
C TYR F 34 52.31 -18.76 42.47
N ALA F 35 51.66 -17.62 42.67
CA ALA F 35 50.51 -17.55 43.57
C ALA F 35 49.60 -16.39 43.18
N ALA F 36 48.32 -16.68 43.00
CA ALA F 36 47.43 -15.77 42.30
C ALA F 36 46.79 -14.74 43.23
N ASP F 37 46.39 -13.60 42.65
CA ASP F 37 45.82 -12.46 43.39
C ASP F 37 44.30 -12.50 43.28
N GLN F 38 43.68 -13.30 44.15
CA GLN F 38 42.26 -13.55 44.05
C GLN F 38 41.42 -12.31 44.39
N LYS F 39 41.96 -11.37 45.17
CA LYS F 39 41.20 -10.20 45.57
C LYS F 39 40.83 -9.35 44.37
N SER F 40 41.84 -8.74 43.77
CA SER F 40 41.61 -7.85 42.65
C SER F 40 41.18 -8.63 41.42
N THR F 41 41.62 -9.89 41.31
CA THR F 41 41.18 -10.76 40.24
C THR F 41 39.68 -10.97 40.29
N GLN F 42 39.18 -11.29 41.47
CA GLN F 42 37.77 -11.56 41.63
C GLN F 42 36.95 -10.29 41.45
N ASN F 43 37.51 -9.14 41.85
CA ASN F 43 36.79 -7.89 41.67
C ASN F 43 36.66 -7.55 40.19
N ALA F 44 37.75 -7.77 39.45
CA ALA F 44 37.75 -7.55 38.02
C ALA F 44 36.74 -8.43 37.33
N ILE F 45 36.73 -9.71 37.72
CA ILE F 45 35.88 -10.70 37.07
C ILE F 45 34.42 -10.41 37.38
N ASN F 46 34.15 -9.85 38.56
CA ASN F 46 32.82 -9.34 38.85
C ASN F 46 32.46 -8.21 37.91
N GLY F 47 33.45 -7.36 37.59
CA GLY F 47 33.23 -6.33 36.59
C GLY F 47 32.84 -6.88 35.23
N ILE F 48 33.49 -7.98 34.83
CA ILE F 48 33.23 -8.54 33.51
C ILE F 48 31.87 -9.20 33.48
N THR F 49 31.49 -9.84 34.60
CA THR F 49 30.16 -10.38 34.76
C THR F 49 29.12 -9.30 34.55
N ASN F 50 29.34 -8.14 35.19
CA ASN F 50 28.40 -7.03 35.05
C ASN F 50 28.38 -6.50 33.63
N LYS F 51 29.50 -6.60 32.92
CA LYS F 51 29.57 -6.17 31.53
C LYS F 51 28.61 -7.00 30.72
N VAL F 52 28.83 -8.31 30.72
CA VAL F 52 28.14 -9.13 29.75
C VAL F 52 26.67 -9.27 30.10
N ASN F 53 26.34 -9.20 31.40
CA ASN F 53 24.94 -9.03 31.75
C ASN F 53 24.39 -7.71 31.23
N SER F 54 25.22 -6.66 31.18
CA SER F 54 24.80 -5.36 30.64
C SER F 54 25.05 -5.19 29.16
N VAL F 55 25.34 -6.26 28.42
CA VAL F 55 25.37 -6.25 26.97
C VAL F 55 24.27 -7.12 26.42
N ILE F 56 24.06 -8.28 27.03
CA ILE F 56 23.08 -9.23 26.56
C ILE F 56 21.71 -8.64 26.85
N GLU F 57 21.52 -8.22 28.11
CA GLU F 57 20.21 -7.84 28.60
C GLU F 57 19.68 -6.58 27.95
N LYS F 58 20.54 -5.77 27.35
CA LYS F 58 20.11 -4.48 26.82
C LYS F 58 19.32 -4.63 25.53
N MET F 59 19.44 -5.76 24.86
CA MET F 59 18.45 -6.18 23.90
C MET F 59 17.10 -6.39 24.59
N ASN F 60 16.02 -6.24 23.83
CA ASN F 60 14.75 -6.90 24.13
C ASN F 60 14.30 -7.64 22.88
N THR F 61 14.18 -8.96 23.01
CA THR F 61 13.84 -9.85 21.91
C THR F 61 12.36 -10.17 21.98
N GLN F 62 11.58 -9.60 21.07
CA GLN F 62 10.15 -9.85 21.06
C GLN F 62 9.85 -11.29 20.65
N PHE F 63 8.62 -11.70 20.94
CA PHE F 63 8.04 -12.85 20.27
C PHE F 63 7.74 -12.44 18.84
N THR F 64 8.74 -12.66 17.98
CA THR F 64 8.86 -11.95 16.72
C THR F 64 8.36 -12.85 15.59
N ALA F 65 7.89 -12.21 14.51
CA ALA F 65 7.65 -12.82 13.20
C ALA F 65 8.32 -11.96 12.16
N VAL F 66 9.36 -12.50 11.50
CA VAL F 66 10.14 -11.65 10.60
C VAL F 66 9.45 -11.47 9.25
N GLY F 67 8.98 -12.54 8.66
CA GLY F 67 8.81 -12.59 7.23
C GLY F 67 7.50 -12.05 6.71
N LYS F 68 7.56 -11.62 5.46
CA LYS F 68 6.42 -11.20 4.66
C LYS F 68 6.64 -11.75 3.27
N GLU F 69 5.60 -11.68 2.45
CA GLU F 69 5.77 -11.96 1.04
C GLU F 69 4.55 -11.44 0.30
N PHE F 70 4.78 -11.13 -0.98
CA PHE F 70 4.01 -10.15 -1.73
C PHE F 70 3.84 -10.63 -3.16
N ASN F 71 2.92 -9.98 -3.87
CA ASN F 71 2.77 -10.19 -5.31
C ASN F 71 3.76 -9.25 -6.00
N LYS F 72 3.53 -9.00 -7.29
CA LYS F 72 4.38 -8.15 -8.12
C LYS F 72 3.73 -6.82 -8.50
N LEU F 73 2.55 -6.49 -7.95
CA LEU F 73 1.95 -5.16 -8.06
C LEU F 73 2.12 -4.36 -6.77
N GLU F 74 3.12 -4.70 -5.97
CA GLU F 74 3.35 -4.17 -4.64
C GLU F 74 4.81 -3.76 -4.48
N ARG F 75 5.46 -3.47 -5.60
CA ARG F 75 6.92 -3.52 -5.68
C ARG F 75 7.52 -2.33 -4.99
N ARG F 76 6.75 -1.24 -4.92
CA ARG F 76 6.90 -0.24 -3.89
C ARG F 76 7.22 -0.91 -2.57
N MET F 77 6.32 -1.76 -2.11
CA MET F 77 6.47 -2.33 -0.79
C MET F 77 7.53 -3.41 -0.74
N GLU F 78 7.80 -4.07 -1.86
CA GLU F 78 8.80 -5.13 -1.85
C GLU F 78 10.16 -4.50 -1.67
N ASN F 79 10.48 -3.54 -2.54
CA ASN F 79 11.79 -2.91 -2.45
C ASN F 79 11.90 -2.07 -1.19
N LEU F 80 10.77 -1.58 -0.68
CA LEU F 80 10.72 -0.96 0.62
C LEU F 80 11.21 -1.95 1.65
N ASN F 81 10.48 -3.05 1.83
CA ASN F 81 10.69 -3.98 2.94
C ASN F 81 12.08 -4.58 2.91
N LYS F 82 12.59 -4.78 1.70
CA LYS F 82 14.01 -5.00 1.50
C LYS F 82 14.86 -3.88 2.10
N LYS F 83 14.55 -2.63 1.73
CA LYS F 83 15.37 -1.48 2.16
C LYS F 83 15.33 -1.32 3.66
N VAL F 84 14.14 -1.47 4.22
CA VAL F 84 13.83 -1.41 5.63
C VAL F 84 14.72 -2.39 6.36
N ASP F 85 14.53 -3.67 6.04
CA ASP F 85 15.14 -4.74 6.80
C ASP F 85 16.65 -4.69 6.68
N ASP F 86 17.13 -4.44 5.47
CA ASP F 86 18.55 -4.35 5.23
C ASP F 86 19.16 -3.16 5.96
N GLY F 87 18.38 -2.09 6.09
CA GLY F 87 18.78 -0.94 6.86
C GLY F 87 19.00 -1.25 8.32
N PHE F 88 17.96 -1.83 8.94
CA PHE F 88 18.03 -2.20 10.35
C PHE F 88 19.14 -3.21 10.62
N ILE F 89 19.27 -4.20 9.73
CA ILE F 89 20.22 -5.28 9.81
C ILE F 89 21.62 -4.70 9.84
N ASP F 90 21.86 -3.79 8.91
CA ASP F 90 23.17 -3.15 8.86
C ASP F 90 23.43 -2.30 10.08
N ILE F 91 22.39 -1.76 10.70
CA ILE F 91 22.61 -0.84 11.80
C ILE F 91 23.02 -1.63 13.03
N TRP F 92 22.27 -2.70 13.31
CA TRP F 92 22.64 -3.59 14.40
C TRP F 92 24.03 -4.18 14.17
N THR F 93 24.34 -4.48 12.90
CA THR F 93 25.62 -5.06 12.54
C THR F 93 26.75 -4.11 12.86
N TYR F 94 26.56 -2.86 12.47
CA TYR F 94 27.62 -1.87 12.58
C TYR F 94 27.86 -1.49 14.02
N ASN F 95 26.75 -1.28 14.74
CA ASN F 95 26.83 -0.94 16.15
C ASN F 95 27.46 -2.05 16.95
N ALA F 96 27.06 -3.28 16.66
CA ALA F 96 27.57 -4.41 17.41
C ALA F 96 29.04 -4.66 17.12
N GLU F 97 29.46 -4.47 15.87
CA GLU F 97 30.85 -4.71 15.52
C GLU F 97 31.77 -3.70 16.18
N LEU F 98 31.38 -2.43 16.11
CA LEU F 98 32.07 -1.39 16.85
C LEU F 98 32.07 -1.68 18.33
N LEU F 99 30.97 -2.24 18.83
CA LEU F 99 30.83 -2.48 20.25
C LEU F 99 31.80 -3.55 20.70
N VAL F 100 31.98 -4.59 19.89
CA VAL F 100 32.90 -5.66 20.26
C VAL F 100 34.33 -5.13 20.22
N LEU F 101 34.64 -4.32 19.21
CA LEU F 101 35.95 -3.71 19.10
C LEU F 101 36.29 -2.84 20.30
N LEU F 102 35.40 -1.91 20.61
CA LEU F 102 35.64 -0.94 21.66
C LEU F 102 35.67 -1.60 23.02
N GLU F 103 34.69 -2.46 23.27
CA GLU F 103 34.60 -3.12 24.56
C GLU F 103 35.80 -4.02 24.80
N ASN F 104 36.33 -4.63 23.75
CA ASN F 104 37.53 -5.43 23.94
C ASN F 104 38.74 -4.56 24.14
N GLU F 105 38.78 -3.39 23.50
CA GLU F 105 39.87 -2.46 23.72
C GLU F 105 39.90 -1.99 25.16
N ARG F 106 38.75 -1.53 25.65
CA ARG F 106 38.62 -1.13 27.04
C ARG F 106 38.81 -2.28 28.00
N THR F 107 38.57 -3.51 27.55
CA THR F 107 38.80 -4.67 28.39
C THR F 107 40.29 -4.92 28.57
N LEU F 108 41.05 -4.78 27.48
CA LEU F 108 42.50 -4.87 27.60
C LEU F 108 43.04 -3.76 28.47
N ASP F 109 42.47 -2.57 28.31
CA ASP F 109 42.89 -1.44 29.12
C ASP F 109 42.51 -1.64 30.57
N PHE F 110 41.40 -2.30 30.82
CA PHE F 110 40.94 -2.61 32.17
C PHE F 110 41.94 -3.54 32.84
N HIS F 111 42.42 -4.54 32.09
CA HIS F 111 43.39 -5.47 32.64
C HIS F 111 44.69 -4.77 32.94
N ASP F 112 45.17 -4.01 31.96
CA ASP F 112 46.39 -3.23 31.99
C ASP F 112 46.41 -2.31 33.20
N SER F 113 45.26 -1.70 33.42
CA SER F 113 45.12 -0.76 34.51
C SER F 113 45.23 -1.46 35.83
N ASN F 114 44.59 -2.63 35.97
CA ASN F 114 44.59 -3.31 37.25
C ASN F 114 45.99 -3.79 37.61
N VAL F 115 46.73 -4.28 36.62
CA VAL F 115 48.08 -4.75 36.89
C VAL F 115 49.00 -3.59 37.23
N LYS F 116 48.80 -2.46 36.56
CA LYS F 116 49.67 -1.32 36.81
C LYS F 116 49.40 -0.74 38.19
N ASN F 117 48.12 -0.70 38.57
CA ASN F 117 47.74 -0.25 39.90
C ASN F 117 48.39 -1.13 40.93
N LEU F 118 48.38 -2.44 40.70
CA LEU F 118 48.97 -3.37 41.65
C LEU F 118 50.47 -3.19 41.73
N TYR F 119 51.08 -2.86 40.60
CA TYR F 119 52.51 -2.58 40.59
C TYR F 119 52.81 -1.38 41.46
N GLU F 120 51.91 -0.39 41.46
CA GLU F 120 52.07 0.73 42.37
C GLU F 120 51.74 0.37 43.80
N LYS F 121 50.87 -0.61 44.03
CA LYS F 121 50.60 -1.04 45.40
C LYS F 121 51.83 -1.70 46.00
N VAL F 122 52.45 -2.58 45.22
CA VAL F 122 53.62 -3.34 45.65
C VAL F 122 54.74 -2.36 45.88
N LYS F 123 54.89 -1.42 44.96
CA LYS F 123 55.90 -0.39 45.11
C LYS F 123 55.62 0.51 46.29
N SER F 124 54.34 0.69 46.66
CA SER F 124 53.98 1.69 47.66
C SER F 124 54.53 1.32 49.03
N GLN F 125 54.65 0.03 49.30
CA GLN F 125 55.21 -0.41 50.57
C GLN F 125 56.72 -0.25 50.59
N LEU F 126 57.39 -0.82 49.60
CA LEU F 126 58.77 -1.24 49.70
C LEU F 126 59.73 -0.23 49.12
N LYS F 127 59.42 1.05 49.33
CA LYS F 127 59.89 2.15 48.51
C LYS F 127 61.40 2.32 48.56
N ASN F 128 61.91 2.63 49.72
CA ASN F 128 63.36 2.68 49.98
C ASN F 128 63.91 1.38 50.51
N ASN F 129 63.05 0.51 51.06
CA ASN F 129 63.54 -0.76 51.59
C ASN F 129 64.05 -1.69 50.52
N ALA F 130 63.59 -1.53 49.28
CA ALA F 130 63.88 -2.50 48.25
C ALA F 130 63.66 -1.84 46.91
N LYS F 131 64.35 -2.37 45.90
CA LYS F 131 64.62 -1.64 44.67
C LYS F 131 63.91 -2.25 43.47
N GLU F 132 63.61 -1.36 42.53
CA GLU F 132 63.33 -1.74 41.16
C GLU F 132 64.49 -2.51 40.58
N ILE F 133 64.16 -3.56 39.83
CA ILE F 133 65.12 -4.33 39.07
C ILE F 133 64.49 -4.57 37.70
N GLY F 134 65.28 -4.38 36.65
CA GLY F 134 65.00 -4.85 35.31
C GLY F 134 63.66 -4.40 34.78
N ASN F 135 62.74 -5.37 34.71
CA ASN F 135 61.32 -5.11 34.58
C ASN F 135 60.58 -6.22 35.32
N GLY F 136 59.39 -5.90 35.81
CA GLY F 136 58.47 -6.90 36.32
C GLY F 136 58.65 -7.26 37.78
N CYS F 137 59.74 -6.82 38.42
CA CYS F 137 60.18 -7.39 39.67
C CYS F 137 60.82 -6.33 40.54
N PHE F 138 61.00 -6.69 41.81
CA PHE F 138 61.75 -5.89 42.77
C PHE F 138 62.67 -6.84 43.54
N GLU F 139 63.91 -6.38 43.77
CA GLU F 139 64.88 -7.09 44.60
C GLU F 139 64.93 -6.43 45.97
N PHE F 140 65.03 -7.27 46.99
CA PHE F 140 65.10 -6.82 48.36
C PHE F 140 66.56 -6.71 48.76
N TYR F 141 66.85 -5.72 49.60
CA TYR F 141 68.11 -5.67 50.34
C TYR F 141 68.04 -6.46 51.66
N HIS F 142 67.05 -7.33 51.84
CA HIS F 142 66.85 -8.10 53.06
C HIS F 142 66.29 -9.46 52.63
N LYS F 143 65.69 -10.22 53.54
CA LYS F 143 65.17 -11.56 53.26
C LYS F 143 63.72 -11.67 53.69
N CYS F 144 62.97 -12.52 52.97
CA CYS F 144 61.51 -12.56 53.01
C CYS F 144 61.06 -14.02 52.97
N ASN F 145 60.22 -14.40 53.92
CA ASN F 145 59.67 -15.74 54.07
C ASN F 145 58.26 -15.79 53.48
N ASP F 146 57.60 -16.93 53.66
CA ASP F 146 56.24 -17.09 53.16
C ASP F 146 55.27 -16.19 53.90
N GLU F 147 55.54 -15.91 55.18
CA GLU F 147 54.74 -14.94 55.93
C GLU F 147 54.87 -13.56 55.32
N CYS F 148 56.09 -13.18 54.96
CA CYS F 148 56.32 -11.91 54.30
C CYS F 148 55.62 -11.84 52.95
N MET F 149 55.55 -12.96 52.24
CA MET F 149 54.83 -13.00 50.98
C MET F 149 53.34 -12.78 51.19
N GLU F 150 52.74 -13.59 52.07
CA GLU F 150 51.29 -13.51 52.30
C GLU F 150 50.89 -12.16 52.88
N SER F 151 51.75 -11.60 53.73
CA SER F 151 51.48 -10.28 54.30
C SER F 151 51.56 -9.20 53.23
N VAL F 152 52.56 -9.30 52.37
CA VAL F 152 52.77 -8.27 51.37
C VAL F 152 51.70 -8.35 50.29
N LYS F 153 51.10 -9.52 50.11
CA LYS F 153 49.94 -9.62 49.22
C LYS F 153 48.78 -8.79 49.72
N ASN F 154 48.42 -8.94 50.99
CA ASN F 154 47.21 -8.31 51.49
C ASN F 154 47.41 -6.86 51.94
N GLY F 155 48.50 -6.20 51.54
CA GLY F 155 48.66 -4.79 51.79
C GLY F 155 49.22 -4.49 53.16
N THR F 156 50.16 -5.30 53.62
CA THR F 156 50.76 -5.19 54.94
C THR F 156 52.23 -5.52 54.80
N TYR F 157 53.11 -4.66 55.35
CA TYR F 157 54.54 -4.93 55.39
C TYR F 157 55.23 -4.74 56.75
N ASP F 158 54.80 -3.74 57.52
CA ASP F 158 55.53 -3.25 58.68
C ASP F 158 56.90 -2.73 58.22
N TYR F 159 56.87 -1.56 57.56
CA TYR F 159 58.04 -0.78 57.13
C TYR F 159 59.27 -0.82 58.04
N PRO F 160 59.19 -0.69 59.37
CA PRO F 160 60.41 -0.77 60.18
C PRO F 160 61.03 -2.14 60.29
N LYS F 161 60.40 -3.19 59.74
CA LYS F 161 60.81 -4.56 60.02
C LYS F 161 62.19 -4.85 59.46
N TYR F 162 62.34 -4.73 58.14
CA TYR F 162 63.63 -4.78 57.48
C TYR F 162 64.06 -3.42 56.98
N SER F 163 63.79 -2.38 57.76
CA SER F 163 64.23 -1.04 57.38
C SER F 163 65.74 -0.94 57.42
N GLU F 164 66.34 -1.44 58.50
CA GLU F 164 67.75 -1.18 58.75
C GLU F 164 68.64 -2.12 57.96
N GLU F 165 68.17 -3.35 57.74
CA GLU F 165 68.86 -4.26 56.83
C GLU F 165 68.94 -3.67 55.44
N SER F 166 67.89 -2.98 55.00
CA SER F 166 67.92 -2.26 53.74
C SER F 166 68.85 -1.07 53.83
N LYS F 167 68.79 -0.34 54.95
CA LYS F 167 69.62 0.84 55.16
C LYS F 167 71.11 0.53 55.19
N LEU F 168 71.51 -0.72 55.44
CA LEU F 168 72.90 -1.14 55.43
C LEU F 168 73.26 -1.85 54.13
N ASN F 169 72.45 -2.81 53.69
CA ASN F 169 72.79 -3.58 52.51
C ASN F 169 72.67 -2.75 51.24
N ARG F 170 71.95 -1.64 51.28
CA ARG F 170 72.13 -0.62 50.26
C ARG F 170 73.57 -0.14 50.18
N GLU F 171 74.18 0.07 51.34
CA GLU F 171 75.28 1.02 51.44
C GLU F 171 76.60 0.46 50.96
N LYS F 172 76.67 -0.84 50.67
CA LYS F 172 77.75 -1.33 49.82
C LYS F 172 77.59 -0.91 48.36
N ILE F 173 76.40 -0.45 47.96
CA ILE F 173 76.07 -0.08 46.60
C ILE F 173 75.69 1.40 46.61
N GLU G 1 -5.49 0.46 -57.21
CA GLU G 1 -6.94 0.28 -56.91
C GLU G 1 -7.63 0.03 -58.26
N ILE G 2 -8.92 -0.28 -58.19
CA ILE G 2 -9.62 -1.11 -59.16
C ILE G 2 -10.34 -0.23 -60.18
N VAL G 3 -10.47 -0.72 -61.41
CA VAL G 3 -11.23 -0.05 -62.45
C VAL G 3 -12.70 -0.12 -62.08
N LEU G 4 -13.32 1.05 -62.07
CA LEU G 4 -14.75 1.25 -61.98
C LEU G 4 -15.37 1.30 -63.36
N THR G 5 -16.69 1.25 -63.38
CA THR G 5 -17.48 1.42 -64.58
C THR G 5 -18.82 1.95 -64.11
N GLN G 6 -19.09 3.20 -64.44
CA GLN G 6 -20.39 3.79 -64.23
C GLN G 6 -21.41 3.16 -65.16
N SER G 7 -22.69 3.44 -64.91
CA SER G 7 -23.74 3.05 -65.80
C SER G 7 -24.91 4.00 -65.59
N PRO G 8 -25.25 4.86 -66.58
CA PRO G 8 -24.63 5.29 -67.84
C PRO G 8 -23.76 6.51 -67.66
N GLY G 9 -22.89 6.76 -68.64
CA GLY G 9 -22.15 8.01 -68.68
C GLY G 9 -22.99 9.19 -69.13
N THR G 10 -24.13 8.94 -69.77
CA THR G 10 -25.08 10.00 -70.06
C THR G 10 -26.45 9.39 -70.31
N LEU G 11 -27.47 10.08 -69.81
CA LEU G 11 -28.86 9.65 -69.91
C LEU G 11 -29.72 10.87 -70.19
N SER G 12 -30.92 10.61 -70.71
CA SER G 12 -31.88 11.64 -71.09
C SER G 12 -33.25 11.21 -70.58
N LEU G 13 -33.83 11.98 -69.66
CA LEU G 13 -35.06 11.60 -68.98
C LEU G 13 -35.90 12.84 -68.70
N SER G 14 -37.17 12.61 -68.32
CA SER G 14 -38.20 13.63 -68.24
C SER G 14 -38.50 14.01 -66.79
N PRO G 15 -39.19 15.15 -66.55
CA PRO G 15 -39.58 15.49 -65.17
C PRO G 15 -40.55 14.49 -64.55
N GLY G 16 -40.57 14.50 -63.23
CA GLY G 16 -41.40 13.59 -62.46
C GLY G 16 -41.00 12.16 -62.69
N GLU G 17 -39.69 11.89 -62.62
CA GLU G 17 -39.15 10.56 -62.91
C GLU G 17 -37.99 10.25 -61.98
N ARG G 18 -37.84 8.97 -61.68
CA ARG G 18 -36.69 8.48 -60.96
C ARG G 18 -35.47 8.47 -61.87
N ALA G 19 -34.32 8.04 -61.32
CA ALA G 19 -33.16 7.76 -62.16
C ALA G 19 -32.19 6.83 -61.44
N THR G 20 -32.03 5.62 -61.98
CA THR G 20 -31.14 4.60 -61.46
C THR G 20 -29.78 4.67 -62.15
N LEU G 21 -28.72 4.77 -61.36
CA LEU G 21 -27.33 4.77 -61.84
C LEU G 21 -26.52 3.76 -61.04
N SER G 22 -25.75 2.91 -61.75
CA SER G 22 -25.03 1.79 -61.15
C SER G 22 -23.54 1.92 -61.48
N CYS G 23 -22.73 2.18 -60.45
CA CYS G 23 -21.27 2.23 -60.57
C CYS G 23 -20.71 0.98 -59.91
N ARG G 24 -20.03 0.16 -60.70
CA ARG G 24 -19.58 -1.17 -60.30
C ARG G 24 -18.17 -1.38 -60.80
N ALA G 25 -17.43 -2.25 -60.11
CA ALA G 25 -16.00 -2.36 -60.30
C ALA G 25 -15.59 -3.77 -60.71
N SER G 26 -14.29 -4.04 -60.77
CA SER G 26 -13.86 -5.43 -60.92
C SER G 26 -14.29 -6.30 -59.75
N GLN G 27 -13.78 -6.03 -58.54
CA GLN G 27 -13.90 -6.89 -57.36
C GLN G 27 -14.99 -6.32 -56.46
N SER G 28 -15.33 -7.08 -55.40
CA SER G 28 -16.29 -6.67 -54.39
C SER G 28 -15.59 -6.01 -53.20
N ILE G 29 -16.06 -4.81 -52.84
CA ILE G 29 -15.21 -3.76 -52.27
C ILE G 29 -15.86 -2.98 -51.10
N SER G 30 -16.73 -3.60 -50.31
CA SER G 30 -16.97 -3.28 -48.88
C SER G 30 -17.86 -2.10 -48.44
N GLY G 31 -18.30 -1.21 -49.33
CA GLY G 31 -19.56 -0.51 -49.11
C GLY G 31 -19.75 0.63 -48.12
N TYR G 32 -18.74 1.01 -47.33
CA TYR G 32 -18.64 2.36 -46.76
C TYR G 32 -17.41 3.05 -47.31
N TYR G 33 -17.29 2.98 -48.61
CA TYR G 33 -16.05 3.00 -49.36
C TYR G 33 -16.10 3.93 -50.56
N LEU G 34 -17.32 4.20 -51.06
CA LEU G 34 -17.63 5.09 -52.16
C LEU G 34 -18.33 6.35 -51.65
N THR G 35 -18.17 7.41 -52.43
CA THR G 35 -18.98 8.60 -52.30
C THR G 35 -19.33 9.17 -53.67
N TRP G 36 -20.42 9.91 -53.69
CA TRP G 36 -21.15 10.28 -54.89
C TRP G 36 -21.36 11.77 -54.95
N TYR G 37 -21.10 12.31 -56.15
CA TYR G 37 -20.98 13.74 -56.38
C TYR G 37 -21.86 14.18 -57.54
N GLN G 38 -22.00 15.50 -57.69
CA GLN G 38 -22.59 16.15 -58.86
C GLN G 38 -21.70 17.32 -59.24
N GLN G 39 -21.78 17.70 -60.52
CA GLN G 39 -21.15 18.92 -61.01
C GLN G 39 -22.04 19.52 -62.08
N LYS G 40 -22.23 20.84 -61.96
CA LYS G 40 -22.67 21.68 -63.07
C LYS G 40 -21.40 22.10 -63.81
N PRO G 41 -21.28 21.92 -65.13
CA PRO G 41 -20.08 22.44 -65.81
C PRO G 41 -20.00 23.96 -65.74
N GLY G 42 -18.81 24.45 -65.37
CA GLY G 42 -18.63 25.78 -64.83
C GLY G 42 -18.47 25.81 -63.32
N GLN G 43 -19.27 25.01 -62.60
CA GLN G 43 -19.20 24.88 -61.16
C GLN G 43 -18.21 23.79 -60.77
N ALA G 44 -17.74 23.83 -59.54
CA ALA G 44 -16.98 22.76 -58.92
C ALA G 44 -17.89 21.58 -58.62
N PRO G 45 -17.37 20.47 -58.11
CA PRO G 45 -18.27 19.39 -57.67
C PRO G 45 -19.09 19.82 -56.46
N ARG G 46 -20.19 19.10 -56.24
CA ARG G 46 -20.87 19.10 -54.95
C ARG G 46 -21.08 17.67 -54.51
N LEU G 47 -21.05 17.48 -53.19
CA LEU G 47 -21.24 16.19 -52.57
C LEU G 47 -22.70 15.91 -52.29
N LEU G 48 -23.09 14.64 -52.49
CA LEU G 48 -24.42 14.16 -52.20
C LEU G 48 -24.43 12.98 -51.24
N ILE G 49 -23.84 11.83 -51.62
CA ILE G 49 -24.17 10.54 -51.00
C ILE G 49 -22.87 9.80 -50.71
N TYR G 50 -22.92 8.88 -49.74
CA TYR G 50 -21.75 8.12 -49.31
C TYR G 50 -22.19 6.77 -48.77
N GLY G 51 -21.30 5.80 -48.95
CA GLY G 51 -21.46 4.45 -48.43
C GLY G 51 -22.65 3.70 -48.96
N ALA G 52 -23.17 4.07 -50.13
CA ALA G 52 -24.26 3.41 -50.85
C ALA G 52 -25.63 3.66 -50.26
N SER G 53 -25.74 4.28 -49.08
CA SER G 53 -27.00 4.55 -48.41
C SER G 53 -27.16 6.02 -48.09
N SER G 54 -26.15 6.60 -47.44
CA SER G 54 -26.41 7.70 -46.53
C SER G 54 -26.01 9.05 -47.09
N ARG G 55 -26.56 10.09 -46.48
CA ARG G 55 -26.84 11.36 -47.14
C ARG G 55 -26.09 12.51 -46.47
N ALA G 56 -25.58 13.43 -47.28
CA ALA G 56 -24.77 14.52 -46.80
C ALA G 56 -25.65 15.66 -46.27
N THR G 57 -25.00 16.76 -45.91
CA THR G 57 -25.63 17.84 -45.19
C THR G 57 -26.28 18.83 -46.17
N GLY G 58 -27.37 19.46 -45.73
CA GLY G 58 -27.98 20.52 -46.52
C GLY G 58 -28.67 20.06 -47.80
N ILE G 59 -29.83 19.43 -47.68
CA ILE G 59 -30.24 18.37 -48.60
C ILE G 59 -31.76 18.36 -48.81
N PRO G 60 -32.23 17.80 -49.96
CA PRO G 60 -33.52 17.10 -50.01
C PRO G 60 -33.45 15.66 -49.51
N ASP G 61 -34.34 14.76 -49.96
CA ASP G 61 -34.27 13.33 -49.68
C ASP G 61 -34.32 12.45 -50.93
N ARG G 62 -34.22 13.03 -52.13
CA ARG G 62 -34.60 12.29 -53.34
C ARG G 62 -33.47 11.40 -53.86
N PHE G 63 -32.25 11.92 -53.92
CA PHE G 63 -31.13 11.09 -54.34
C PHE G 63 -30.84 10.07 -53.25
N SER G 64 -31.08 8.80 -53.54
CA SER G 64 -30.94 7.74 -52.57
C SER G 64 -30.64 6.44 -53.29
N GLY G 65 -29.78 5.62 -52.70
CA GLY G 65 -29.21 4.47 -53.36
C GLY G 65 -29.18 3.22 -52.49
N SER G 66 -28.41 2.25 -52.96
CA SER G 66 -28.18 0.99 -52.26
C SER G 66 -27.01 0.30 -52.95
N GLY G 67 -26.83 -0.98 -52.66
CA GLY G 67 -25.86 -1.79 -53.35
C GLY G 67 -24.62 -1.99 -52.51
N SER G 68 -23.91 -3.04 -52.85
CA SER G 68 -22.85 -3.56 -52.01
C SER G 68 -21.90 -4.32 -52.91
N GLY G 69 -20.75 -4.68 -52.35
CA GLY G 69 -19.71 -5.45 -52.99
C GLY G 69 -19.29 -4.90 -54.32
N THR G 70 -19.47 -5.71 -55.36
CA THR G 70 -18.99 -5.35 -56.69
C THR G 70 -19.82 -4.24 -57.31
N ASP G 71 -21.12 -4.17 -56.96
CA ASP G 71 -22.07 -3.27 -57.61
C ASP G 71 -22.63 -2.29 -56.56
N PHE G 72 -22.17 -1.04 -56.67
CA PHE G 72 -22.71 0.06 -55.89
C PHE G 72 -23.66 0.84 -56.77
N THR G 73 -24.66 1.46 -56.14
CA THR G 73 -25.78 2.02 -56.86
C THR G 73 -26.29 3.26 -56.16
N LEU G 74 -26.52 4.30 -56.96
CA LEU G 74 -27.27 5.47 -56.52
C LEU G 74 -28.47 5.62 -57.43
N THR G 75 -29.65 5.63 -56.81
CA THR G 75 -30.91 5.90 -57.47
C THR G 75 -31.37 7.30 -57.09
N ILE G 76 -32.44 7.72 -57.73
CA ILE G 76 -32.99 9.07 -57.60
C ILE G 76 -34.48 8.92 -57.58
N SER G 77 -35.13 9.62 -56.64
CA SER G 77 -36.58 9.53 -56.49
C SER G 77 -37.29 10.41 -57.50
N ARG G 78 -36.83 11.66 -57.68
CA ARG G 78 -37.41 12.59 -58.63
C ARG G 78 -36.32 13.32 -59.39
N LEU G 79 -36.62 13.59 -60.65
CA LEU G 79 -35.80 14.37 -61.56
C LEU G 79 -36.39 15.79 -61.69
N GLU G 80 -35.50 16.78 -61.83
CA GLU G 80 -35.86 18.19 -62.02
C GLU G 80 -34.85 18.86 -62.94
N PRO G 81 -35.24 19.90 -63.70
CA PRO G 81 -34.28 20.52 -64.62
C PRO G 81 -33.15 21.29 -63.93
N GLU G 82 -33.27 21.59 -62.64
CA GLU G 82 -32.15 22.12 -61.88
C GLU G 82 -31.08 21.08 -61.59
N ASP G 83 -31.38 19.80 -61.75
CA ASP G 83 -30.42 18.73 -61.55
C ASP G 83 -29.56 18.45 -62.77
N PHE G 84 -29.60 19.29 -63.82
CA PHE G 84 -28.90 19.04 -65.09
C PHE G 84 -27.40 19.00 -64.88
N ALA G 85 -26.82 17.80 -64.92
CA ALA G 85 -25.49 17.70 -64.30
C ALA G 85 -24.82 16.34 -64.47
N VAL G 86 -23.51 16.31 -64.26
CA VAL G 86 -22.70 15.12 -64.39
C VAL G 86 -22.40 14.65 -62.97
N TYR G 87 -22.81 13.41 -62.64
CA TYR G 87 -22.62 12.84 -61.31
C TYR G 87 -21.48 11.84 -61.32
N TYR G 88 -20.67 11.86 -60.25
CA TYR G 88 -19.41 11.11 -60.20
C TYR G 88 -19.37 10.13 -59.03
N CYS G 89 -18.37 9.25 -59.09
CA CYS G 89 -18.26 8.01 -58.32
C CYS G 89 -16.83 7.83 -57.81
N GLN G 90 -16.55 8.23 -56.56
CA GLN G 90 -15.18 8.36 -56.01
C GLN G 90 -14.97 7.43 -54.82
N GLN G 91 -14.01 6.50 -54.93
CA GLN G 91 -13.81 5.43 -53.95
C GLN G 91 -12.40 5.38 -53.42
N TYR G 92 -12.30 5.22 -52.09
CA TYR G 92 -11.00 5.14 -51.42
C TYR G 92 -10.47 3.72 -51.43
N GLY G 93 -9.41 3.49 -52.21
CA GLY G 93 -8.73 2.21 -52.19
C GLY G 93 -8.17 1.85 -50.84
N ILE G 94 -7.89 0.56 -50.70
CA ILE G 94 -7.22 -0.01 -49.55
C ILE G 94 -5.74 0.00 -49.87
N SER G 95 -5.42 -0.21 -51.14
CA SER G 95 -4.27 0.46 -51.70
C SER G 95 -4.67 1.92 -51.74
N PRO G 96 -4.17 2.83 -50.85
CA PRO G 96 -4.92 4.08 -50.58
C PRO G 96 -4.99 5.08 -51.74
N VAL G 97 -5.77 4.67 -52.73
CA VAL G 97 -5.78 5.25 -54.07
C VAL G 97 -7.22 5.54 -54.39
N ILE G 98 -7.53 6.81 -54.69
CA ILE G 98 -8.90 7.10 -55.04
C ILE G 98 -9.03 6.59 -56.46
N THR G 99 -10.20 6.01 -56.78
CA THR G 99 -10.57 5.73 -58.17
C THR G 99 -11.91 6.37 -58.48
N PHE G 100 -12.09 6.63 -59.78
CA PHE G 100 -13.06 7.57 -60.31
C PHE G 100 -13.87 6.94 -61.43
N GLY G 101 -15.17 6.87 -61.25
CA GLY G 101 -16.06 6.72 -62.37
C GLY G 101 -16.08 7.97 -63.22
N GLY G 102 -16.34 7.79 -64.51
CA GLY G 102 -16.11 8.82 -65.50
C GLY G 102 -17.26 9.78 -65.80
N GLY G 103 -18.04 10.13 -64.79
CA GLY G 103 -19.09 11.12 -64.94
C GLY G 103 -20.31 10.58 -65.65
N THR G 104 -21.48 11.02 -65.17
CA THR G 104 -22.78 10.53 -65.62
C THR G 104 -23.72 11.72 -65.79
N ASN G 105 -23.85 12.21 -67.02
CA ASN G 105 -24.76 13.31 -67.33
C ASN G 105 -26.20 12.87 -67.15
N VAL G 106 -26.98 13.66 -66.40
CA VAL G 106 -28.43 13.73 -66.58
C VAL G 106 -28.72 14.93 -67.48
N GLU G 107 -29.41 14.63 -68.58
CA GLU G 107 -30.16 15.57 -69.37
C GLU G 107 -31.63 15.47 -68.99
N ILE G 108 -32.21 16.63 -68.69
CA ILE G 108 -33.64 16.76 -68.41
C ILE G 108 -34.30 17.24 -69.69
N LYS G 109 -35.09 16.38 -70.30
CA LYS G 109 -35.83 16.72 -71.51
C LYS G 109 -36.97 17.68 -71.16
N GLY G 110 -37.58 18.24 -72.21
CA GLY G 110 -38.67 19.18 -72.02
C GLY G 110 -39.95 18.50 -71.59
N VAL G 127 -13.02 28.10 -43.71
CA VAL G 127 -13.73 26.98 -44.31
C VAL G 127 -12.99 26.54 -45.56
N GLN G 128 -12.58 27.51 -46.38
CA GLN G 128 -12.35 27.27 -47.79
C GLN G 128 -10.87 27.13 -48.10
N LEU G 129 -10.64 26.48 -49.23
CA LEU G 129 -9.34 26.40 -49.84
C LEU G 129 -9.11 27.59 -50.74
N VAL G 130 -7.88 27.70 -51.25
CA VAL G 130 -7.62 28.50 -52.43
C VAL G 130 -6.40 27.93 -53.14
N GLU G 131 -6.54 27.66 -54.43
CA GLU G 131 -5.47 27.12 -55.24
C GLU G 131 -4.49 28.24 -55.56
N SER G 132 -3.40 27.89 -56.22
CA SER G 132 -2.43 28.90 -56.63
C SER G 132 -1.53 28.36 -57.74
N GLY G 133 -1.66 28.98 -58.92
CA GLY G 133 -0.63 28.97 -59.93
C GLY G 133 -0.98 28.37 -61.27
N GLY G 134 -2.26 28.12 -61.55
CA GLY G 134 -2.61 27.40 -62.77
C GLY G 134 -2.35 28.23 -64.01
N GLY G 135 -1.89 27.57 -65.07
CA GLY G 135 -1.58 28.27 -66.31
C GLY G 135 -0.76 27.40 -67.25
N LEU G 136 0.10 28.07 -68.00
CA LEU G 136 0.88 27.44 -69.05
C LEU G 136 2.28 27.08 -68.58
N VAL G 137 2.82 26.02 -69.18
CA VAL G 137 4.25 25.76 -69.20
C VAL G 137 4.57 25.19 -70.57
N GLN G 138 5.86 25.04 -70.85
CA GLN G 138 6.31 24.33 -72.03
C GLN G 138 6.23 22.82 -71.79
N PRO G 139 5.99 22.00 -72.81
CA PRO G 139 5.97 20.56 -72.57
C PRO G 139 7.36 20.02 -72.28
N GLY G 140 7.42 18.97 -71.46
CA GLY G 140 8.65 18.51 -70.87
C GLY G 140 9.24 19.39 -69.78
N GLY G 141 8.57 20.48 -69.41
CA GLY G 141 9.15 21.50 -68.56
C GLY G 141 8.91 21.27 -67.09
N SER G 142 8.66 22.38 -66.38
CA SER G 142 8.67 22.43 -64.93
C SER G 142 7.83 23.57 -64.41
N LEU G 143 6.98 23.29 -63.42
CA LEU G 143 6.22 24.34 -62.74
C LEU G 143 5.65 23.75 -61.46
N ARG G 144 5.30 24.63 -60.52
CA ARG G 144 4.76 24.27 -59.21
C ARG G 144 3.38 24.89 -59.06
N LEU G 145 2.55 24.21 -58.26
CA LEU G 145 1.31 24.76 -57.73
C LEU G 145 1.36 24.71 -56.22
N SER G 146 0.44 25.46 -55.62
CA SER G 146 0.19 25.39 -54.20
C SER G 146 -1.31 25.42 -53.97
N CYS G 147 -1.68 25.07 -52.73
CA CYS G 147 -2.95 25.48 -52.17
C CYS G 147 -2.68 26.08 -50.80
N ALA G 148 -3.65 26.86 -50.33
CA ALA G 148 -3.60 27.52 -49.04
C ALA G 148 -4.94 27.35 -48.36
N ALA G 149 -4.89 27.31 -47.03
CA ALA G 149 -6.00 26.88 -46.20
C ALA G 149 -6.62 28.07 -45.47
N SER G 150 -7.94 28.03 -45.27
CA SER G 150 -8.69 29.11 -44.62
C SER G 150 -9.71 28.53 -43.67
N GLY G 151 -9.46 28.68 -42.39
CA GLY G 151 -10.50 28.60 -41.37
C GLY G 151 -10.73 27.24 -40.75
N PHE G 152 -9.68 26.47 -40.55
CA PHE G 152 -9.80 25.11 -40.03
C PHE G 152 -8.41 24.67 -39.60
N THR G 153 -8.26 23.38 -39.33
CA THR G 153 -7.04 22.75 -38.84
C THR G 153 -6.53 21.77 -39.89
N PHE G 154 -5.68 22.28 -40.80
CA PHE G 154 -5.04 21.51 -41.86
C PHE G 154 -4.10 20.41 -41.33
N ASN G 155 -3.74 20.43 -40.04
CA ASN G 155 -3.27 19.28 -39.29
C ASN G 155 -3.96 17.98 -39.63
N ILE G 156 -5.29 17.99 -39.54
CA ILE G 156 -5.95 16.71 -39.31
C ILE G 156 -6.11 15.94 -40.62
N TYR G 157 -6.71 16.56 -41.62
CA TYR G 157 -7.31 15.78 -42.69
C TYR G 157 -6.28 15.27 -43.70
N ASP G 158 -6.60 14.10 -44.25
CA ASP G 158 -5.90 13.46 -45.35
C ASP G 158 -6.26 14.19 -46.64
N MET G 159 -5.23 14.66 -47.38
CA MET G 159 -5.48 15.55 -48.53
C MET G 159 -5.29 14.82 -49.85
N HIS G 160 -5.89 15.38 -50.88
CA HIS G 160 -5.83 14.85 -52.24
C HIS G 160 -5.73 15.96 -53.27
N TRP G 161 -4.80 15.80 -54.21
CA TRP G 161 -4.79 16.51 -55.48
C TRP G 161 -5.43 15.63 -56.55
N VAL G 162 -6.27 16.24 -57.39
CA VAL G 162 -7.14 15.55 -58.33
C VAL G 162 -7.10 16.28 -59.68
N ARG G 163 -7.35 15.55 -60.78
CA ARG G 163 -7.45 16.14 -62.12
C ARG G 163 -8.74 15.75 -62.82
N GLN G 164 -9.02 16.52 -63.87
CA GLN G 164 -10.24 16.47 -64.64
C GLN G 164 -10.02 17.16 -65.96
N ALA G 165 -10.11 16.41 -67.07
CA ALA G 165 -10.14 17.04 -68.38
C ALA G 165 -11.53 17.62 -68.64
N PRO G 166 -11.67 18.55 -69.59
CA PRO G 166 -13.01 19.14 -69.81
C PRO G 166 -14.00 18.16 -70.43
N GLY G 167 -15.06 17.89 -69.68
CA GLY G 167 -16.13 17.03 -70.16
C GLY G 167 -15.68 15.61 -70.39
N LYS G 168 -14.90 15.07 -69.46
CA LYS G 168 -14.31 13.75 -69.56
C LYS G 168 -14.41 13.07 -68.20
N GLY G 169 -14.10 11.78 -68.19
CA GLY G 169 -13.90 11.09 -66.93
C GLY G 169 -12.69 11.61 -66.21
N LEU G 170 -12.80 11.67 -64.89
CA LEU G 170 -11.75 12.21 -64.04
C LEU G 170 -10.53 11.31 -64.04
N GLU G 171 -9.43 11.81 -63.49
CA GLU G 171 -8.37 10.98 -62.99
C GLU G 171 -7.82 11.58 -61.70
N TRP G 172 -7.30 10.70 -60.84
CA TRP G 172 -6.76 11.02 -59.53
C TRP G 172 -5.25 11.05 -59.64
N VAL G 173 -4.65 12.20 -59.32
CA VAL G 173 -3.20 12.32 -59.46
C VAL G 173 -2.51 11.86 -58.19
N SER G 174 -2.97 12.28 -57.02
CA SER G 174 -2.17 12.02 -55.83
C SER G 174 -2.93 12.35 -54.57
N GLY G 175 -2.46 11.75 -53.49
CA GLY G 175 -3.00 12.03 -52.18
C GLY G 175 -2.04 11.52 -51.14
N LEU G 176 -2.26 11.95 -49.91
CA LEU G 176 -1.30 11.64 -48.86
C LEU G 176 -1.95 11.76 -47.51
N THR G 177 -1.70 10.75 -46.68
CA THR G 177 -2.14 10.80 -45.30
C THR G 177 -1.20 11.67 -44.49
N THR G 178 -1.71 12.16 -43.36
CA THR G 178 -0.97 13.10 -42.53
C THR G 178 0.21 12.48 -41.79
N GLY G 179 0.41 11.17 -41.86
CA GLY G 179 1.62 10.54 -41.39
C GLY G 179 2.74 10.48 -42.38
N GLY G 180 2.44 10.36 -43.67
CA GLY G 180 3.43 10.33 -44.72
C GLY G 180 3.29 9.23 -45.75
N ASP G 181 2.35 8.31 -45.60
CA ASP G 181 2.10 7.30 -46.61
C ASP G 181 1.44 8.00 -47.79
N THR G 182 2.23 8.16 -48.84
CA THR G 182 1.87 8.65 -50.15
C THR G 182 0.95 7.65 -50.83
N SER G 183 0.14 8.15 -51.75
CA SER G 183 -0.32 7.31 -52.84
C SER G 183 -0.37 8.14 -54.12
N TYR G 184 0.27 7.59 -55.15
CA TYR G 184 0.27 8.09 -56.51
C TYR G 184 -0.25 6.96 -57.39
N SER G 185 -0.42 7.27 -58.68
CA SER G 185 -0.50 6.24 -59.71
C SER G 185 0.90 5.95 -60.23
N GLY G 186 1.10 4.71 -60.69
CA GLY G 186 2.37 4.28 -61.25
C GLY G 186 2.85 5.08 -62.46
N SER G 187 1.93 5.70 -63.20
CA SER G 187 2.28 6.53 -64.35
C SER G 187 2.66 7.94 -63.93
N VAL G 188 1.93 8.48 -62.95
CA VAL G 188 2.11 9.86 -62.52
C VAL G 188 3.30 10.00 -61.58
N ARG G 189 3.67 8.92 -60.89
CA ARG G 189 4.62 9.02 -59.80
C ARG G 189 6.02 9.37 -60.28
N GLY G 190 6.70 10.20 -59.50
CA GLY G 190 8.01 10.69 -59.78
C GLY G 190 8.02 12.00 -60.53
N ARG G 191 7.14 12.15 -61.53
CA ARG G 191 7.12 13.37 -62.32
C ARG G 191 6.53 14.52 -61.51
N PHE G 192 5.56 14.23 -60.67
CA PHE G 192 5.05 15.17 -59.68
C PHE G 192 5.76 14.93 -58.35
N SER G 193 5.50 15.79 -57.39
CA SER G 193 5.98 15.62 -56.02
C SER G 193 5.17 16.52 -55.09
N ILE G 194 4.61 15.94 -54.02
CA ILE G 194 3.78 16.64 -53.05
C ILE G 194 4.61 16.97 -51.82
N SER G 195 4.15 17.98 -51.08
CA SER G 195 4.72 18.27 -49.77
C SER G 195 3.81 19.24 -49.05
N ARG G 196 3.73 19.08 -47.74
CA ARG G 196 2.61 19.56 -46.94
C ARG G 196 3.12 20.38 -45.77
N GLU G 197 2.36 21.40 -45.36
CA GLU G 197 2.72 22.22 -44.20
C GLU G 197 1.46 22.61 -43.41
N ASN G 198 1.48 22.27 -42.12
CA ASN G 198 0.35 22.48 -41.24
C ASN G 198 0.48 23.77 -40.46
N ALA G 199 1.70 24.07 -40.00
CA ALA G 199 1.94 25.31 -39.27
C ALA G 199 1.70 26.51 -40.16
N LYS G 200 2.02 26.40 -41.45
CA LYS G 200 1.77 27.44 -42.43
C LYS G 200 0.36 27.41 -42.99
N ASN G 201 -0.38 26.30 -42.82
CA ASN G 201 -1.73 26.13 -43.39
C ASN G 201 -1.69 26.18 -44.92
N SER G 202 -0.90 25.29 -45.52
CA SER G 202 -0.78 25.28 -46.98
C SER G 202 -0.18 23.97 -47.45
N LEU G 203 -0.33 23.75 -48.77
CA LEU G 203 0.10 22.56 -49.48
C LEU G 203 0.85 22.95 -50.74
N TYR G 204 1.73 22.05 -51.17
CA TYR G 204 2.65 22.29 -52.27
C TYR G 204 2.72 21.09 -53.19
N LEU G 205 2.87 21.36 -54.48
CA LEU G 205 2.97 20.33 -55.51
C LEU G 205 3.95 20.83 -56.56
N GLN G 206 5.20 20.41 -56.45
CA GLN G 206 6.24 20.69 -57.43
C GLN G 206 6.13 19.65 -58.53
N MET G 207 6.10 20.10 -59.78
CA MET G 207 5.78 19.24 -60.93
C MET G 207 6.77 19.46 -62.06
N ASN G 208 7.23 18.35 -62.65
CA ASN G 208 8.25 18.36 -63.69
C ASN G 208 7.92 17.25 -64.67
N ASN G 209 8.52 17.34 -65.86
CA ASN G 209 8.39 16.34 -66.91
C ASN G 209 6.93 16.22 -67.36
N LEU G 210 6.45 17.30 -67.94
CA LEU G 210 5.02 17.54 -68.11
C LEU G 210 4.67 17.49 -69.59
N ARG G 211 3.68 16.66 -69.92
CA ARG G 211 3.21 16.41 -71.28
C ARG G 211 1.72 16.70 -71.35
N ALA G 212 1.13 16.47 -72.52
CA ALA G 212 -0.23 16.90 -72.80
C ALA G 212 -1.30 16.14 -72.00
N GLY G 213 -0.95 15.04 -71.32
CA GLY G 213 -1.91 14.38 -70.45
C GLY G 213 -2.34 15.26 -69.30
N ASP G 214 -1.46 16.14 -68.86
CA ASP G 214 -1.75 17.16 -67.87
C ASP G 214 -2.54 18.35 -68.43
N THR G 215 -2.88 18.36 -69.73
CA THR G 215 -3.63 19.47 -70.30
C THR G 215 -5.07 19.38 -69.84
N ALA G 216 -5.37 19.98 -68.68
CA ALA G 216 -6.65 19.76 -68.04
C ALA G 216 -6.77 20.65 -66.81
N ALA G 217 -7.92 20.59 -66.12
CA ALA G 217 -8.13 21.27 -64.86
C ALA G 217 -7.84 20.35 -63.68
N TYR G 218 -7.43 20.94 -62.57
CA TYR G 218 -7.05 20.27 -61.34
C TYR G 218 -7.82 20.84 -60.17
N PHE G 219 -7.82 20.09 -59.07
CA PHE G 219 -8.46 20.48 -57.81
C PHE G 219 -7.60 20.07 -56.63
N CYS G 220 -7.58 20.94 -55.60
CA CYS G 220 -7.12 20.58 -54.25
C CYS G 220 -8.33 20.28 -53.39
N VAL G 221 -8.21 19.21 -52.59
CA VAL G 221 -9.34 18.49 -52.02
C VAL G 221 -9.00 18.07 -50.59
N ARG G 222 -9.93 18.30 -49.65
CA ARG G 222 -9.76 17.89 -48.25
C ARG G 222 -10.69 16.74 -47.89
N GLY G 223 -10.05 15.64 -47.42
CA GLY G 223 -10.72 14.40 -47.13
C GLY G 223 -10.93 14.14 -45.65
N VAL G 224 -10.11 13.23 -45.12
CA VAL G 224 -10.52 12.41 -43.99
C VAL G 224 -9.90 12.85 -42.69
N ARG G 225 -10.76 13.11 -41.72
CA ARG G 225 -10.40 13.10 -40.31
C ARG G 225 -9.77 11.77 -39.93
N GLU G 226 -8.52 11.85 -39.51
CA GLU G 226 -7.69 10.67 -39.41
C GLU G 226 -8.18 9.73 -38.31
N VAL G 227 -7.95 10.05 -37.02
CA VAL G 227 -8.67 9.38 -35.94
C VAL G 227 -9.20 10.33 -34.90
N GLY G 228 -8.47 11.40 -34.59
CA GLY G 228 -8.83 12.18 -33.43
C GLY G 228 -8.27 13.56 -33.17
N ALA G 229 -9.16 14.39 -32.62
CA ALA G 229 -8.93 15.76 -32.19
C ALA G 229 -10.25 16.25 -31.60
N THR G 230 -10.25 17.46 -31.08
CA THR G 230 -11.47 18.12 -30.67
C THR G 230 -12.13 18.80 -31.87
N GLY G 231 -13.45 18.82 -31.86
CA GLY G 231 -14.24 19.52 -32.85
C GLY G 231 -15.67 19.03 -32.89
N GLY G 232 -16.46 19.76 -33.69
CA GLY G 232 -17.78 19.32 -34.11
C GLY G 232 -17.70 18.69 -35.48
N ASP G 233 -16.62 17.94 -35.72
CA ASP G 233 -16.22 17.41 -37.01
C ASP G 233 -16.23 15.89 -36.96
N PRO G 234 -17.32 15.23 -37.36
CA PRO G 234 -17.27 13.80 -37.59
C PRO G 234 -16.47 13.43 -38.82
N PHE G 235 -16.53 12.15 -39.18
CA PHE G 235 -15.81 11.66 -40.34
C PHE G 235 -16.64 10.67 -41.11
N TYR G 236 -16.40 10.68 -42.41
CA TYR G 236 -16.72 9.58 -43.29
C TYR G 236 -15.39 9.12 -43.86
N TYR G 237 -15.44 8.09 -44.69
CA TYR G 237 -14.42 7.84 -45.70
C TYR G 237 -14.87 8.35 -47.06
N ALA G 238 -15.46 9.53 -47.08
CA ALA G 238 -15.69 10.34 -48.25
C ALA G 238 -14.83 11.58 -48.11
N MET G 239 -15.05 12.55 -49.00
CA MET G 239 -14.43 13.84 -48.82
C MET G 239 -15.02 14.55 -47.61
N ALA G 240 -14.34 15.61 -47.18
CA ALA G 240 -15.01 16.73 -46.54
C ALA G 240 -15.45 17.77 -47.57
N VAL G 241 -14.50 18.46 -48.22
CA VAL G 241 -14.82 19.67 -48.99
C VAL G 241 -13.77 19.76 -50.12
N TRP G 242 -14.04 20.56 -51.13
CA TRP G 242 -13.28 20.74 -52.35
C TRP G 242 -12.72 22.16 -52.41
N GLY G 243 -11.95 22.43 -53.47
CA GLY G 243 -11.58 23.78 -53.87
C GLY G 243 -12.13 24.11 -55.24
N GLN G 244 -11.95 25.34 -55.71
CA GLN G 244 -12.45 25.78 -57.01
C GLN G 244 -11.59 25.33 -58.18
N GLY G 245 -10.50 24.59 -57.93
CA GLY G 245 -9.59 24.17 -58.97
C GLY G 245 -8.91 25.25 -59.79
N THR G 246 -8.10 24.81 -60.77
CA THR G 246 -7.53 25.72 -61.75
C THR G 246 -7.01 24.92 -62.94
N THR G 247 -6.84 25.61 -64.07
CA THR G 247 -6.38 25.00 -65.31
C THR G 247 -4.87 24.92 -65.34
N VAL G 248 -4.36 23.85 -65.96
CA VAL G 248 -2.94 23.72 -66.28
C VAL G 248 -2.82 23.10 -67.66
N THR G 249 -1.81 23.56 -68.41
CA THR G 249 -1.61 23.16 -69.79
C THR G 249 -0.13 23.24 -70.12
N VAL G 250 0.34 22.29 -70.94
CA VAL G 250 1.56 22.42 -71.71
C VAL G 250 1.17 22.90 -73.10
N SER G 251 1.95 23.83 -73.66
CA SER G 251 1.70 24.24 -75.03
C SER G 251 2.88 25.02 -75.55
N SER G 252 3.04 24.96 -76.88
CA SER G 252 4.11 25.67 -77.58
C SER G 252 3.60 26.17 -78.93
N GLU H 1 -47.85 31.84 -2.05
CA GLU H 1 -48.26 30.84 -3.06
C GLU H 1 -49.58 31.37 -3.66
N ILE H 2 -50.06 30.69 -4.70
CA ILE H 2 -50.87 31.26 -5.77
C ILE H 2 -52.35 31.02 -5.48
N VAL H 3 -53.20 31.94 -5.94
CA VAL H 3 -54.64 31.79 -5.85
C VAL H 3 -55.06 30.68 -6.81
N LEU H 4 -55.80 29.72 -6.24
CA LEU H 4 -56.51 28.69 -6.97
C LEU H 4 -57.92 29.14 -7.27
N THR H 5 -58.57 28.37 -8.11
CA THR H 5 -59.98 28.54 -8.44
C THR H 5 -60.47 27.16 -8.84
N GLN H 6 -61.33 26.61 -7.99
CA GLN H 6 -62.03 25.38 -8.32
C GLN H 6 -63.04 25.64 -9.42
N SER H 7 -63.60 24.56 -9.97
CA SER H 7 -64.68 24.65 -10.91
C SER H 7 -65.44 23.33 -10.87
N PRO H 8 -66.71 23.32 -10.37
CA PRO H 8 -67.54 24.28 -9.63
C PRO H 8 -67.41 24.13 -8.14
N GLY H 9 -67.84 25.15 -7.40
CA GLY H 9 -67.96 25.03 -5.97
C GLY H 9 -69.17 24.22 -5.52
N THR H 10 -70.14 24.03 -6.40
CA THR H 10 -71.24 23.13 -6.13
C THR H 10 -71.89 22.72 -7.45
N LEU H 11 -72.27 21.44 -7.51
CA LEU H 11 -72.89 20.86 -8.70
C LEU H 11 -73.98 19.91 -8.24
N SER H 12 -74.89 19.62 -9.17
CA SER H 12 -76.05 18.75 -8.93
C SER H 12 -76.18 17.81 -10.12
N LEU H 13 -76.04 16.50 -9.86
CA LEU H 13 -75.97 15.50 -10.92
C LEU H 13 -76.64 14.22 -10.45
N SER H 14 -76.88 13.31 -11.39
CA SER H 14 -77.71 12.12 -11.22
C SER H 14 -76.87 10.85 -11.11
N PRO H 15 -77.44 9.73 -10.63
CA PRO H 15 -76.69 8.46 -10.62
C PRO H 15 -76.33 7.96 -12.00
N GLY H 16 -75.29 7.13 -12.03
CA GLY H 16 -74.79 6.58 -13.26
C GLY H 16 -74.23 7.65 -14.16
N GLU H 17 -73.42 8.55 -13.59
CA GLU H 17 -72.89 9.70 -14.31
C GLU H 17 -71.47 9.99 -13.85
N ARG H 18 -70.69 10.52 -14.79
CA ARG H 18 -69.35 11.01 -14.50
C ARG H 18 -69.46 12.34 -13.76
N ALA H 19 -68.30 12.92 -13.41
CA ALA H 19 -68.27 14.30 -12.91
C ALA H 19 -66.88 14.89 -13.08
N THR H 20 -66.78 15.91 -13.94
CA THR H 20 -65.55 16.63 -14.22
C THR H 20 -65.44 17.86 -13.34
N LEU H 21 -64.32 17.99 -12.62
CA LEU H 21 -64.00 19.14 -11.77
C LEU H 21 -62.59 19.63 -12.10
N SER H 22 -62.46 20.95 -12.30
CA SER H 22 -61.21 21.56 -12.76
C SER H 22 -60.76 22.63 -11.76
N CYS H 23 -59.66 22.37 -11.06
CA CYS H 23 -59.03 23.31 -10.14
C CYS H 23 -57.78 23.86 -10.81
N ARG H 24 -57.76 25.17 -11.03
CA ARG H 24 -56.73 25.83 -11.82
C ARG H 24 -56.34 27.12 -11.14
N ALA H 25 -55.11 27.56 -11.39
CA ALA H 25 -54.50 28.63 -10.61
C ALA H 25 -54.09 29.80 -11.47
N SER H 26 -53.39 30.78 -10.89
CA SER H 26 -52.79 31.82 -11.73
C SER H 26 -51.76 31.22 -12.71
N GLN H 27 -50.66 30.67 -12.20
CA GLN H 27 -49.49 30.27 -12.98
C GLN H 27 -49.53 28.77 -13.20
N SER H 28 -48.59 28.27 -14.01
CA SER H 28 -48.42 26.85 -14.30
C SER H 28 -47.39 26.22 -13.36
N ILE H 29 -47.77 25.12 -12.70
CA ILE H 29 -47.30 24.80 -11.35
C ILE H 29 -46.99 23.30 -11.14
N SER H 30 -46.58 22.56 -12.17
CA SER H 30 -45.70 21.37 -12.08
C SER H 30 -46.23 19.98 -11.69
N GLY H 31 -47.47 19.82 -11.24
CA GLY H 31 -48.19 18.57 -11.44
C GLY H 31 -47.93 17.29 -10.67
N TYR H 32 -46.95 17.24 -9.76
CA TYR H 32 -46.94 16.30 -8.63
C TYR H 32 -47.01 17.07 -7.34
N TYR H 33 -47.94 18.00 -7.30
CA TYR H 33 -47.91 19.22 -6.52
C TYR H 33 -49.23 19.48 -5.80
N LEU H 34 -50.33 18.90 -6.31
CA LEU H 34 -51.68 18.97 -5.78
C LEU H 34 -52.08 17.62 -5.21
N THR H 35 -53.02 17.69 -4.26
CA THR H 35 -53.75 16.53 -3.80
C THR H 35 -55.21 16.90 -3.54
N TRP H 36 -56.05 15.87 -3.61
CA TRP H 36 -57.49 15.99 -3.75
C TRP H 36 -58.19 15.18 -2.68
N TYR H 37 -59.18 15.82 -2.07
CA TYR H 37 -59.84 15.35 -0.87
C TYR H 37 -61.34 15.33 -1.04
N GLN H 38 -62.02 14.70 -0.07
CA GLN H 38 -63.47 14.74 0.11
C GLN H 38 -63.76 14.96 1.58
N GLN H 39 -64.93 15.52 1.86
CA GLN H 39 -65.46 15.63 3.21
C GLN H 39 -66.96 15.46 3.17
N LYS H 40 -67.45 14.63 4.11
CA LYS H 40 -68.84 14.65 4.52
C LYS H 40 -68.94 15.68 5.63
N PRO H 41 -69.85 16.67 5.59
CA PRO H 41 -69.97 17.58 6.74
C PRO H 41 -70.44 16.85 8.00
N GLY H 42 -69.73 17.12 9.10
CA GLY H 42 -69.70 16.27 10.26
C GLY H 42 -68.45 15.40 10.36
N GLN H 43 -67.99 14.85 9.23
CA GLN H 43 -66.78 14.06 9.15
C GLN H 43 -65.59 14.96 8.86
N ALA H 44 -64.39 14.47 9.17
CA ALA H 44 -63.13 15.06 8.77
C ALA H 44 -62.93 14.88 7.26
N PRO H 45 -61.86 15.42 6.69
CA PRO H 45 -61.56 15.11 5.30
C PRO H 45 -61.19 13.66 5.12
N ARG H 46 -61.30 13.17 3.88
CA ARG H 46 -60.64 11.95 3.44
C ARG H 46 -59.86 12.24 2.17
N LEU H 47 -58.76 11.53 2.03
CA LEU H 47 -57.88 11.66 0.87
C LEU H 47 -58.29 10.70 -0.24
N LEU H 48 -58.18 11.21 -1.47
CA LEU H 48 -58.44 10.43 -2.67
C LEU H 48 -57.26 10.39 -3.64
N ILE H 49 -56.84 11.56 -4.18
CA ILE H 49 -56.05 11.58 -5.42
C ILE H 49 -54.89 12.56 -5.22
N TYR H 50 -53.82 12.36 -6.00
CA TYR H 50 -52.62 13.19 -5.91
C TYR H 50 -51.91 13.23 -7.25
N GLY H 51 -51.26 14.36 -7.48
CA GLY H 51 -50.44 14.60 -8.65
C GLY H 51 -51.16 14.54 -9.98
N ALA H 52 -52.48 14.78 -9.97
CA ALA H 52 -53.36 14.87 -11.14
C ALA H 52 -53.67 13.52 -11.79
N SER H 53 -53.02 12.43 -11.38
CA SER H 53 -53.23 11.10 -11.93
C SER H 53 -53.60 10.09 -10.87
N SER H 54 -52.80 10.05 -9.80
CA SER H 54 -52.61 8.78 -9.10
C SER H 54 -53.35 8.73 -7.76
N ARG H 55 -53.54 7.51 -7.29
CA ARG H 55 -54.66 7.13 -6.43
C ARG H 55 -54.18 6.63 -5.08
N ALA H 56 -54.89 7.01 -4.03
CA ALA H 56 -54.52 6.68 -2.67
C ALA H 56 -54.96 5.26 -2.31
N THR H 57 -54.75 4.92 -1.05
CA THR H 57 -54.90 3.56 -0.57
C THR H 57 -56.36 3.29 -0.16
N GLY H 58 -56.80 2.04 -0.33
CA GLY H 58 -58.12 1.64 0.15
C GLY H 58 -59.29 2.23 -0.61
N ILE H 59 -59.55 1.74 -1.82
CA ILE H 59 -60.08 2.56 -2.90
C ILE H 59 -61.00 1.76 -3.83
N PRO H 60 -61.94 2.46 -4.53
CA PRO H 60 -62.36 2.02 -5.88
C PRO H 60 -61.41 2.46 -6.99
N ASP H 61 -61.88 2.62 -8.23
CA ASP H 61 -61.09 3.16 -9.33
C ASP H 61 -61.77 4.34 -10.04
N ARG H 62 -62.88 4.87 -9.51
CA ARG H 62 -63.75 5.73 -10.31
C ARG H 62 -63.26 7.19 -10.32
N PHE H 63 -62.88 7.73 -9.17
CA PHE H 63 -62.35 9.09 -9.14
C PHE H 63 -60.97 9.09 -9.80
N SER H 64 -60.86 9.73 -10.95
CA SER H 64 -59.63 9.71 -11.73
C SER H 64 -59.57 10.98 -12.57
N GLY H 65 -58.37 11.54 -12.71
CA GLY H 65 -58.19 12.86 -13.27
C GLY H 65 -57.03 12.94 -14.26
N SER H 66 -56.66 14.17 -14.54
CA SER H 66 -55.53 14.48 -15.42
C SER H 66 -55.24 15.96 -15.26
N GLY H 67 -54.44 16.50 -16.17
CA GLY H 67 -54.21 17.93 -16.22
C GLY H 67 -52.86 18.27 -15.64
N SER H 68 -52.37 19.43 -16.04
CA SER H 68 -51.00 19.82 -15.82
C SER H 68 -50.94 21.33 -15.84
N GLY H 69 -49.79 21.86 -15.45
CA GLY H 69 -49.49 23.27 -15.42
C GLY H 69 -50.53 24.10 -14.70
N THR H 70 -51.14 25.03 -15.45
CA THR H 70 -52.07 25.97 -14.85
C THR H 70 -53.38 25.30 -14.46
N ASP H 71 -53.78 24.25 -15.20
CA ASP H 71 -55.09 23.63 -15.04
C ASP H 71 -54.91 22.18 -14.62
N PHE H 72 -55.22 21.92 -13.35
CA PHE H 72 -55.29 20.56 -12.80
C PHE H 72 -56.75 20.15 -12.75
N THR H 73 -56.98 18.84 -12.86
CA THR H 73 -58.31 18.32 -13.09
C THR H 73 -58.47 16.98 -12.41
N LEU H 74 -59.59 16.83 -11.72
CA LEU H 74 -60.06 15.54 -11.25
C LEU H 74 -61.42 15.28 -11.85
N THR H 75 -61.54 14.17 -12.56
CA THR H 75 -62.79 13.66 -13.10
C THR H 75 -63.22 12.47 -12.27
N ILE H 76 -64.42 12.00 -12.58
CA ILE H 76 -65.08 10.94 -11.84
C ILE H 76 -65.77 10.06 -12.86
N SER H 77 -65.62 8.75 -12.71
CA SER H 77 -66.19 7.80 -13.65
C SER H 77 -67.67 7.56 -13.37
N ARG H 78 -68.03 7.37 -12.10
CA ARG H 78 -69.41 7.14 -11.70
C ARG H 78 -69.72 7.94 -10.44
N LEU H 79 -70.96 8.41 -10.40
CA LEU H 79 -71.55 9.09 -9.27
C LEU H 79 -72.47 8.14 -8.50
N GLU H 80 -72.50 8.30 -7.16
CA GLU H 80 -73.34 7.52 -6.26
C GLU H 80 -73.80 8.39 -5.10
N PRO H 81 -74.98 8.12 -4.50
CA PRO H 81 -75.45 8.98 -3.40
C PRO H 81 -74.63 8.88 -2.13
N GLU H 82 -73.79 7.86 -1.97
CA GLU H 82 -72.82 7.83 -0.88
C GLU H 82 -71.67 8.81 -1.07
N ASP H 83 -71.48 9.34 -2.28
CA ASP H 83 -70.45 10.33 -2.54
C ASP H 83 -70.88 11.76 -2.22
N PHE H 84 -72.03 11.98 -1.57
CA PHE H 84 -72.58 13.32 -1.32
C PHE H 84 -71.65 14.13 -0.45
N ALA H 85 -70.95 15.09 -1.05
CA ALA H 85 -69.77 15.58 -0.34
C ALA H 85 -69.06 16.76 -1.01
N VAL H 86 -68.22 17.44 -0.24
CA VAL H 86 -67.48 18.61 -0.69
C VAL H 86 -66.05 18.14 -0.91
N TYR H 87 -65.55 18.27 -2.15
CA TYR H 87 -64.19 17.84 -2.50
C TYR H 87 -63.26 19.03 -2.62
N TYR H 88 -62.03 18.86 -2.12
CA TYR H 88 -61.08 19.96 -1.95
C TYR H 88 -59.78 19.73 -2.73
N CYS H 89 -59.00 20.82 -2.82
CA CYS H 89 -57.89 21.00 -3.75
C CYS H 89 -56.70 21.65 -3.03
N GLN H 90 -55.74 20.86 -2.56
CA GLN H 90 -54.67 21.30 -1.64
C GLN H 90 -53.29 21.14 -2.27
N GLN H 91 -52.55 22.25 -2.43
CA GLN H 91 -51.29 22.28 -3.17
C GLN H 91 -50.15 22.83 -2.37
N TYR H 92 -48.99 22.17 -2.45
CA TYR H 92 -47.79 22.59 -1.74
C TYR H 92 -47.02 23.61 -2.54
N GLY H 93 -47.01 24.86 -2.08
CA GLY H 93 -46.18 25.87 -2.69
C GLY H 93 -44.71 25.56 -2.65
N ILE H 94 -43.99 26.26 -3.51
CA ILE H 94 -42.54 26.23 -3.58
C ILE H 94 -42.05 27.34 -2.67
N SER H 95 -42.80 28.44 -2.61
CA SER H 95 -42.92 29.18 -1.38
C SER H 95 -43.70 28.25 -0.46
N PRO H 96 -43.08 27.57 0.56
CA PRO H 96 -43.70 26.34 1.10
C PRO H 96 -45.01 26.52 1.86
N VAL H 97 -46.02 26.86 1.08
CA VAL H 97 -47.28 27.40 1.54
C VAL H 97 -48.37 26.58 0.92
N ILE H 98 -49.23 25.96 1.75
CA ILE H 98 -50.30 25.18 1.15
C ILE H 98 -51.29 26.24 0.68
N THR H 99 -51.91 25.99 -0.47
CA THR H 99 -53.08 26.76 -0.91
C THR H 99 -54.23 25.82 -1.21
N PHE H 100 -55.44 26.39 -1.09
CA PHE H 100 -56.68 25.66 -0.93
C PHE H 100 -57.74 26.17 -1.90
N GLY H 101 -58.22 25.27 -2.75
CA GLY H 101 -59.49 25.49 -3.39
C GLY H 101 -60.63 25.40 -2.40
N GLY H 102 -61.70 26.14 -2.68
CA GLY H 102 -62.74 26.40 -1.71
C GLY H 102 -63.89 25.41 -1.64
N GLY H 103 -63.62 24.14 -1.83
CA GLY H 103 -64.63 23.10 -1.68
C GLY H 103 -65.61 23.05 -2.84
N THR H 104 -65.98 21.82 -3.21
CA THR H 104 -66.80 21.53 -4.38
C THR H 104 -67.84 20.48 -4.01
N ASN H 105 -69.05 20.92 -3.67
CA ASN H 105 -70.15 20.03 -3.34
C ASN H 105 -70.57 19.22 -4.57
N VAL H 106 -70.66 17.91 -4.43
CA VAL H 106 -71.56 17.09 -5.24
C VAL H 106 -72.85 16.88 -4.44
N GLU H 107 -73.94 17.29 -5.09
CA GLU H 107 -75.28 16.86 -4.78
C GLU H 107 -75.69 15.76 -5.75
N ILE H 108 -76.18 14.66 -5.20
CA ILE H 108 -76.71 13.54 -5.95
C ILE H 108 -78.22 13.69 -5.96
N LYS H 109 -78.78 14.00 -7.13
CA LYS H 109 -80.22 14.13 -7.27
C LYS H 109 -80.88 12.75 -7.20
N GLY H 110 -82.21 12.75 -7.11
CA GLY H 110 -82.95 11.52 -7.03
C GLY H 110 -83.00 10.78 -8.35
N VAL H 127 -51.20 5.49 15.21
CA VAL H 127 -51.61 5.97 13.90
C VAL H 127 -52.06 7.41 14.01
N GLN H 128 -52.85 7.70 15.04
CA GLN H 128 -53.76 8.84 15.01
C GLN H 128 -53.21 10.02 15.78
N LEU H 129 -53.74 11.17 15.44
CA LEU H 129 -53.53 12.40 16.17
C LEU H 129 -54.56 12.53 17.28
N VAL H 130 -54.39 13.55 18.10
CA VAL H 130 -55.48 14.06 18.92
C VAL H 130 -55.20 15.53 19.21
N GLU H 131 -56.19 16.37 18.93
CA GLU H 131 -56.09 17.79 19.16
C GLU H 131 -56.26 18.06 20.65
N SER H 132 -56.11 19.32 21.04
CA SER H 132 -56.32 19.69 22.44
C SER H 132 -56.53 21.19 22.57
N GLY H 133 -57.75 21.55 23.00
CA GLY H 133 -58.03 22.81 23.63
C GLY H 133 -59.03 23.72 22.95
N GLY H 134 -59.80 23.22 21.98
CA GLY H 134 -60.66 24.10 21.21
C GLY H 134 -61.81 24.63 22.05
N GLY H 135 -62.16 25.89 21.82
CA GLY H 135 -63.24 26.52 22.57
C GLY H 135 -63.24 28.03 22.40
N LEU H 136 -63.65 28.71 23.46
CA LEU H 136 -63.85 30.16 23.44
C LEU H 136 -62.65 30.89 24.00
N VAL H 137 -62.46 32.11 23.50
CA VAL H 137 -61.66 33.12 24.16
C VAL H 137 -62.37 34.46 23.92
N GLN H 138 -61.87 35.50 24.57
CA GLN H 138 -62.32 36.86 24.30
C GLN H 138 -61.62 37.38 23.05
N PRO H 139 -62.24 38.27 22.27
CA PRO H 139 -61.53 38.79 21.10
C PRO H 139 -60.41 39.73 21.52
N GLY H 140 -59.36 39.76 20.70
CA GLY H 140 -58.10 40.38 21.07
C GLY H 140 -57.29 39.65 22.11
N GLY H 141 -57.72 38.48 22.58
CA GLY H 141 -57.14 37.82 23.73
C GLY H 141 -56.02 36.86 23.37
N SER H 142 -55.99 35.74 24.10
CA SER H 142 -54.87 34.82 24.11
C SER H 142 -55.31 33.42 24.52
N LEU H 143 -54.86 32.42 23.77
CA LEU H 143 -55.09 31.03 24.13
C LEU H 143 -54.15 30.16 23.29
N ARG H 144 -53.92 28.94 23.77
CA ARG H 144 -53.04 27.97 23.14
C ARG H 144 -53.83 26.71 22.80
N LEU H 145 -53.37 26.04 21.73
CA LEU H 145 -53.78 24.68 21.42
C LEU H 145 -52.56 23.79 21.39
N SER H 146 -52.82 22.48 21.42
CA SER H 146 -51.81 21.48 21.19
C SER H 146 -52.38 20.40 20.30
N CYS H 147 -51.48 19.57 19.79
CA CYS H 147 -51.82 18.23 19.34
C CYS H 147 -50.84 17.27 19.96
N ALA H 148 -51.24 16.00 19.99
CA ALA H 148 -50.44 14.91 20.53
C ALA H 148 -50.52 13.73 19.57
N ALA H 149 -49.44 12.95 19.55
CA ALA H 149 -49.19 11.96 18.51
C ALA H 149 -49.36 10.56 19.08
N SER H 150 -49.85 9.65 18.25
CA SER H 150 -50.11 8.26 18.64
C SER H 150 -49.67 7.31 17.55
N GLY H 151 -48.59 6.59 17.81
CA GLY H 151 -48.28 5.36 17.10
C GLY H 151 -47.42 5.49 15.86
N PHE H 152 -46.46 6.39 15.88
CA PHE H 152 -45.61 6.64 14.73
C PHE H 152 -44.41 7.44 15.21
N THR H 153 -43.65 7.99 14.26
CA THR H 153 -42.42 8.75 14.51
C THR H 153 -42.63 10.20 14.04
N PHE H 154 -43.09 11.02 14.97
CA PHE H 154 -43.32 12.46 14.77
C PHE H 154 -42.04 13.23 14.46
N ASN H 155 -40.86 12.64 14.67
CA ASN H 155 -39.61 13.03 14.03
C ASN H 155 -39.75 13.43 12.59
N ILE H 156 -40.34 12.55 11.78
CA ILE H 156 -40.03 12.61 10.36
C ILE H 156 -40.85 13.71 9.68
N TYR H 157 -42.17 13.65 9.81
CA TYR H 157 -43.01 14.33 8.86
C TYR H 157 -43.10 15.83 9.07
N ASP H 158 -43.27 16.54 7.96
CA ASP H 158 -43.55 17.97 7.89
C ASP H 158 -45.00 18.20 8.27
N MET H 159 -45.24 19.06 9.28
CA MET H 159 -46.58 19.20 9.86
C MET H 159 -47.25 20.48 9.40
N HIS H 160 -48.58 20.48 9.50
CA HIS H 160 -49.41 21.62 9.14
C HIS H 160 -50.57 21.78 10.09
N TRP H 161 -50.79 23.02 10.55
CA TRP H 161 -52.03 23.47 11.13
C TRP H 161 -52.87 24.16 10.06
N VAL H 162 -54.17 23.88 10.05
CA VAL H 162 -55.10 24.25 8.98
C VAL H 162 -56.39 24.76 9.61
N ARG H 163 -57.12 25.65 8.88
CA ARG H 163 -58.43 26.14 9.31
C ARG H 163 -59.49 25.95 8.24
N GLN H 164 -60.73 26.07 8.70
CA GLN H 164 -61.94 25.81 7.92
C GLN H 164 -63.12 26.44 8.63
N ALA H 165 -63.75 27.43 7.99
CA ALA H 165 -65.03 27.92 8.49
C ALA H 165 -66.14 26.95 8.11
N PRO H 166 -67.30 27.00 8.78
CA PRO H 166 -68.36 26.03 8.45
C PRO H 166 -68.97 26.27 7.08
N GLY H 167 -68.82 25.27 6.20
CA GLY H 167 -69.41 25.32 4.88
C GLY H 167 -68.86 26.44 4.03
N LYS H 168 -67.54 26.60 4.05
CA LYS H 168 -66.82 27.65 3.36
C LYS H 168 -65.57 27.08 2.73
N GLY H 169 -64.92 27.89 1.90
CA GLY H 169 -63.60 27.57 1.46
C GLY H 169 -62.60 27.62 2.61
N LEU H 170 -61.64 26.70 2.56
CA LEU H 170 -60.66 26.55 3.60
C LEU H 170 -59.71 27.75 3.63
N GLU H 171 -58.92 27.83 4.69
CA GLU H 171 -57.68 28.59 4.67
C GLU H 171 -56.61 27.83 5.46
N TRP H 172 -55.37 28.06 5.05
CA TRP H 172 -54.18 27.42 5.62
C TRP H 172 -53.52 28.40 6.57
N VAL H 173 -53.39 28.02 7.84
CA VAL H 173 -52.81 28.94 8.81
C VAL H 173 -51.31 28.81 8.85
N SER H 174 -50.78 27.58 8.89
CA SER H 174 -49.35 27.47 9.15
C SER H 174 -48.87 26.06 8.93
N GLY H 175 -47.57 25.97 8.72
CA GLY H 175 -46.91 24.69 8.60
C GLY H 175 -45.43 24.88 8.76
N LEU H 176 -44.73 23.78 8.96
CA LEU H 176 -43.32 23.87 9.28
C LEU H 176 -42.62 22.56 8.95
N THR H 177 -41.47 22.69 8.29
CA THR H 177 -40.63 21.54 8.05
C THR H 177 -39.85 21.19 9.30
N THR H 178 -39.40 19.95 9.37
CA THR H 178 -38.73 19.44 10.55
C THR H 178 -37.33 20.01 10.76
N GLY H 179 -36.80 20.80 9.84
CA GLY H 179 -35.59 21.56 10.06
C GLY H 179 -35.78 22.90 10.71
N GLY H 180 -36.91 23.56 10.44
CA GLY H 180 -37.21 24.85 11.03
C GLY H 180 -37.69 25.93 10.10
N ASP H 181 -37.71 25.69 8.79
CA ASP H 181 -38.25 26.66 7.85
C ASP H 181 -39.77 26.65 8.03
N THR H 182 -40.25 27.71 8.65
CA THR H 182 -41.64 28.06 8.83
C THR H 182 -42.26 28.41 7.49
N SER H 183 -43.58 28.23 7.41
CA SER H 183 -44.35 29.02 6.48
C SER H 183 -45.68 29.38 7.13
N TYR H 184 -45.98 30.69 7.09
CA TYR H 184 -47.21 31.30 7.50
C TYR H 184 -47.75 32.07 6.31
N SER H 185 -48.96 32.61 6.46
CA SER H 185 -49.43 33.70 5.61
C SER H 185 -49.03 35.04 6.24
N GLY H 186 -48.84 36.03 5.37
CA GLY H 186 -48.47 37.37 5.82
C GLY H 186 -49.48 38.03 6.76
N SER H 187 -50.75 37.63 6.70
CA SER H 187 -51.78 38.17 7.59
C SER H 187 -51.78 37.45 8.93
N VAL H 188 -51.58 36.14 8.91
CA VAL H 188 -51.66 35.33 10.11
C VAL H 188 -50.38 35.40 10.93
N ARG H 189 -49.25 35.73 10.29
CA ARG H 189 -47.96 35.58 10.92
C ARG H 189 -47.76 36.58 12.05
N GLY H 190 -47.11 36.11 13.12
CA GLY H 190 -46.86 36.86 14.31
C GLY H 190 -47.93 36.70 15.37
N ARG H 191 -49.19 36.71 14.97
CA ARG H 191 -50.28 36.59 15.93
C ARG H 191 -50.36 35.18 16.49
N PHE H 192 -50.08 34.19 15.65
CA PHE H 192 -49.91 32.81 16.07
C PHE H 192 -48.42 32.55 16.30
N SER H 193 -48.11 31.36 16.82
CA SER H 193 -46.74 30.89 16.93
C SER H 193 -46.75 29.39 17.16
N ILE H 194 -45.98 28.66 16.35
CA ILE H 194 -45.90 27.20 16.39
C ILE H 194 -44.64 26.79 17.13
N SER H 195 -44.66 25.56 17.65
CA SER H 195 -43.45 24.97 18.21
C SER H 195 -43.70 23.48 18.42
N ARG H 196 -42.66 22.69 18.22
CA ARG H 196 -42.77 21.28 17.91
C ARG H 196 -41.89 20.48 18.87
N GLU H 197 -42.33 19.26 19.21
CA GLU H 197 -41.54 18.36 20.06
C GLU H 197 -41.70 16.92 19.61
N ASN H 198 -40.55 16.29 19.33
CA ASN H 198 -40.50 14.93 18.80
C ASN H 198 -40.30 13.91 19.89
N ALA H 199 -39.44 14.23 20.86
CA ALA H 199 -39.20 13.34 21.98
C ALA H 199 -40.47 13.15 22.81
N LYS H 200 -41.26 14.20 22.92
CA LYS H 200 -42.54 14.16 23.62
C LYS H 200 -43.68 13.66 22.74
N ASN H 201 -43.51 13.63 21.42
CA ASN H 201 -44.55 13.23 20.47
C ASN H 201 -45.77 14.18 20.56
N SER H 202 -45.52 15.47 20.33
CA SER H 202 -46.59 16.45 20.41
C SER H 202 -46.19 17.75 19.74
N LEU H 203 -47.20 18.58 19.50
CA LEU H 203 -47.11 19.85 18.81
C LEU H 203 -47.86 20.91 19.60
N TYR H 204 -47.43 22.16 19.43
CA TYR H 204 -47.92 23.30 20.19
C TYR H 204 -48.16 24.49 19.29
N LEU H 205 -49.20 25.25 19.61
CA LEU H 205 -49.57 26.45 18.87
C LEU H 205 -50.11 27.47 19.87
N GLN H 206 -49.23 28.37 20.30
CA GLN H 206 -49.58 29.49 21.17
C GLN H 206 -50.11 30.61 20.28
N MET H 207 -51.28 31.16 20.64
CA MET H 207 -52.03 32.08 19.78
C MET H 207 -52.49 33.30 20.57
N ASN H 208 -52.31 34.47 19.98
CA ASN H 208 -52.62 35.75 20.60
C ASN H 208 -53.14 36.69 19.53
N ASN H 209 -53.82 37.75 19.99
CA ASN H 209 -54.34 38.81 19.12
C ASN H 209 -55.37 38.24 18.15
N LEU H 210 -56.47 37.78 18.74
CA LEU H 210 -57.41 36.90 18.08
C LEU H 210 -58.72 37.62 17.83
N ARG H 211 -59.17 37.62 16.58
CA ARG H 211 -60.38 38.29 16.11
C ARG H 211 -61.29 37.26 15.44
N ALA H 212 -62.41 37.74 14.92
CA ALA H 212 -63.47 36.86 14.44
C ALA H 212 -63.10 36.08 13.18
N GLY H 213 -61.99 36.40 12.50
CA GLY H 213 -61.55 35.58 11.39
C GLY H 213 -61.18 34.17 11.81
N ASP H 214 -60.71 34.02 13.04
CA ASP H 214 -60.47 32.73 13.66
C ASP H 214 -61.74 32.03 14.13
N THR H 215 -62.93 32.61 13.95
CA THR H 215 -64.17 31.97 14.39
C THR H 215 -64.49 30.83 13.45
N ALA H 216 -63.95 29.65 13.72
CA ALA H 216 -64.01 28.56 12.77
C ALA H 216 -63.44 27.29 13.38
N ALA H 217 -63.44 26.19 12.64
CA ALA H 217 -62.82 24.93 13.02
C ALA H 217 -61.41 24.83 12.45
N TYR H 218 -60.54 24.11 13.16
CA TYR H 218 -59.14 23.91 12.83
C TYR H 218 -58.83 22.43 12.81
N PHE H 219 -57.68 22.10 12.20
CA PHE H 219 -57.17 20.74 12.10
C PHE H 219 -55.65 20.73 12.28
N CYS H 220 -55.16 19.69 12.97
CA CYS H 220 -53.75 19.31 12.94
C CYS H 220 -53.56 18.17 11.95
N VAL H 221 -52.48 18.27 11.17
CA VAL H 221 -52.34 17.56 9.90
C VAL H 221 -50.89 17.09 9.76
N ARG H 222 -50.70 15.81 9.36
CA ARG H 222 -49.37 15.24 9.13
C ARG H 222 -49.13 15.00 7.64
N GLY H 223 -48.04 15.62 7.15
CA GLY H 223 -47.70 15.64 5.74
C GLY H 223 -46.54 14.71 5.39
N VAL H 224 -45.38 15.33 5.16
CA VAL H 224 -44.40 14.77 4.23
C VAL H 224 -43.23 14.13 4.96
N ARG H 225 -43.00 12.87 4.61
CA ARG H 225 -41.71 12.23 4.81
C ARG H 225 -40.61 13.01 4.13
N GLU H 226 -39.68 13.49 4.95
CA GLU H 226 -38.75 14.51 4.50
C GLU H 226 -37.78 13.97 3.45
N VAL H 227 -36.78 13.17 3.82
CA VAL H 227 -36.06 12.37 2.84
C VAL H 227 -35.85 10.94 3.26
N GLY H 228 -35.63 10.68 4.55
CA GLY H 228 -35.19 9.36 4.93
C GLY H 228 -35.21 8.88 6.36
N ALA H 229 -35.53 7.60 6.48
CA ALA H 229 -35.59 6.81 7.70
C ALA H 229 -35.97 5.40 7.28
N THR H 230 -36.01 4.49 8.24
CA THR H 230 -36.54 3.15 8.02
C THR H 230 -38.05 3.17 8.19
N GLY H 231 -38.72 2.33 7.39
CA GLY H 231 -40.14 2.13 7.49
C GLY H 231 -40.71 1.50 6.24
N GLY H 232 -42.00 1.16 6.34
CA GLY H 232 -42.83 0.82 5.20
C GLY H 232 -43.63 2.02 4.77
N ASP H 233 -43.00 3.20 4.83
CA ASP H 233 -43.62 4.50 4.66
C ASP H 233 -43.02 5.19 3.45
N PRO H 234 -43.65 5.08 2.27
CA PRO H 234 -43.27 5.96 1.16
C PRO H 234 -43.71 7.38 1.38
N PHE H 235 -43.55 8.19 0.33
CA PHE H 235 -43.92 9.58 0.39
C PHE H 235 -44.57 10.03 -0.89
N TYR H 236 -45.46 10.98 -0.74
CA TYR H 236 -45.91 11.86 -1.79
C TYR H 236 -45.53 13.26 -1.33
N TYR H 237 -45.83 14.24 -2.17
CA TYR H 237 -46.01 15.62 -1.74
C TYR H 237 -47.49 15.94 -1.60
N ALA H 238 -48.23 15.01 -1.01
CA ALA H 238 -49.56 15.21 -0.47
C ALA H 238 -49.48 15.05 1.03
N MET H 239 -50.64 15.01 1.67
CA MET H 239 -50.67 14.65 3.08
C MET H 239 -50.27 13.20 3.27
N ALA H 240 -49.99 12.85 4.53
CA ALA H 240 -50.24 11.50 4.99
C ALA H 240 -51.64 11.36 5.56
N VAL H 241 -51.93 12.02 6.70
CA VAL H 241 -53.14 11.72 7.49
C VAL H 241 -53.52 13.03 8.21
N TRP H 242 -54.75 13.10 8.70
CA TRP H 242 -55.40 14.24 9.31
C TRP H 242 -55.69 13.94 10.78
N GLY H 243 -56.23 14.95 11.48
CA GLY H 243 -56.86 14.78 12.78
C GLY H 243 -58.33 15.13 12.73
N GLN H 244 -59.05 14.94 13.82
CA GLN H 244 -60.48 15.22 13.89
C GLN H 244 -60.80 16.70 14.07
N GLY H 245 -59.79 17.57 14.14
CA GLY H 245 -59.99 18.99 14.37
C GLY H 245 -60.70 19.40 15.64
N THR H 246 -60.90 20.71 15.80
CA THR H 246 -61.72 21.24 16.89
C THR H 246 -62.09 22.68 16.58
N THR H 247 -63.14 23.16 17.24
CA THR H 247 -63.66 24.50 17.06
C THR H 247 -62.90 25.50 17.92
N VAL H 248 -62.73 26.72 17.37
CA VAL H 248 -62.22 27.86 18.13
C VAL H 248 -63.02 29.09 17.73
N THR H 249 -63.27 29.95 18.73
CA THR H 249 -64.10 31.13 18.55
C THR H 249 -63.65 32.21 19.51
N VAL H 250 -63.71 33.47 19.04
CA VAL H 250 -63.75 34.64 19.90
C VAL H 250 -65.21 35.03 20.08
N SER H 251 -65.59 35.41 21.28
CA SER H 251 -66.95 35.91 21.48
C SER H 251 -67.05 36.59 22.83
N SER H 252 -67.98 37.54 22.90
CA SER H 252 -68.27 38.29 24.12
C SER H 252 -69.77 38.58 24.22
N GLU I 1 -37.15 -43.73 -3.60
CA GLU I 1 -37.81 -42.89 -4.62
C GLU I 1 -39.13 -43.58 -4.98
N ILE I 2 -39.93 -42.91 -5.78
CA ILE I 2 -41.39 -43.04 -5.80
C ILE I 2 -41.82 -44.00 -6.88
N VAL I 3 -42.94 -44.70 -6.65
CA VAL I 3 -43.53 -45.58 -7.65
C VAL I 3 -44.10 -44.71 -8.76
N LEU I 4 -43.69 -45.04 -9.98
CA LEU I 4 -44.25 -44.54 -11.21
C LEU I 4 -45.36 -45.45 -11.70
N THR I 5 -46.08 -44.96 -12.69
CA THR I 5 -47.10 -45.72 -13.40
C THR I 5 -47.17 -45.11 -14.78
N GLN I 6 -46.73 -45.88 -15.76
CA GLN I 6 -46.90 -45.51 -17.15
C GLN I 6 -48.38 -45.59 -17.53
N SER I 7 -48.69 -45.06 -18.71
CA SER I 7 -50.02 -45.21 -19.28
C SER I 7 -49.90 -45.07 -20.78
N PRO I 8 -50.14 -46.14 -21.56
CA PRO I 8 -50.32 -47.58 -21.32
C PRO I 8 -49.02 -48.35 -21.40
N GLY I 9 -49.02 -49.56 -20.86
CA GLY I 9 -47.90 -50.47 -21.06
C GLY I 9 -47.87 -51.09 -22.45
N THR I 10 -48.99 -51.07 -23.17
CA THR I 10 -48.99 -51.47 -24.56
C THR I 10 -50.22 -50.87 -25.24
N LEU I 11 -50.01 -50.44 -26.49
CA LEU I 11 -51.04 -49.80 -27.30
C LEU I 11 -50.90 -50.30 -28.73
N SER I 12 -51.98 -50.16 -29.49
CA SER I 12 -52.06 -50.59 -30.88
C SER I 12 -52.73 -49.49 -31.68
N LEU I 13 -51.99 -48.92 -32.64
CA LEU I 13 -52.44 -47.74 -33.38
C LEU I 13 -51.94 -47.82 -34.82
N SER I 14 -52.49 -46.95 -35.67
CA SER I 14 -52.35 -46.99 -37.12
C SER I 14 -51.37 -45.92 -37.62
N PRO I 15 -50.89 -46.01 -38.87
CA PRO I 15 -50.04 -44.94 -39.42
C PRO I 15 -50.78 -43.62 -39.57
N GLY I 16 -49.99 -42.56 -39.61
CA GLY I 16 -50.50 -41.21 -39.72
C GLY I 16 -51.31 -40.84 -38.50
N GLU I 17 -50.78 -41.13 -37.32
CA GLU I 17 -51.49 -40.92 -36.07
C GLU I 17 -50.53 -40.46 -34.98
N ARG I 18 -51.05 -39.65 -34.07
CA ARG I 18 -50.33 -39.26 -32.88
C ARG I 18 -50.28 -40.41 -31.89
N ALA I 19 -49.62 -40.19 -30.75
CA ALA I 19 -49.71 -41.16 -29.65
C ALA I 19 -49.36 -40.48 -28.33
N THR I 20 -50.35 -40.39 -27.44
CA THR I 20 -50.20 -39.80 -26.11
C THR I 20 -49.89 -40.88 -25.08
N LEU I 21 -48.80 -40.68 -24.32
CA LEU I 21 -48.40 -41.57 -23.23
C LEU I 21 -48.13 -40.74 -21.98
N SER I 22 -48.68 -41.18 -20.84
CA SER I 22 -48.63 -40.42 -19.59
C SER I 22 -48.00 -41.28 -18.49
N CYS I 23 -46.80 -40.88 -18.05
CA CYS I 23 -46.10 -41.53 -16.95
C CYS I 23 -46.20 -40.60 -15.75
N ARG I 24 -46.83 -41.09 -14.68
CA ARG I 24 -47.17 -40.29 -13.52
C ARG I 24 -46.90 -41.10 -12.27
N ALA I 25 -46.62 -40.40 -11.17
CA ALA I 25 -46.09 -41.02 -9.96
C ALA I 25 -46.99 -40.81 -8.76
N SER I 26 -46.53 -41.21 -7.58
CA SER I 26 -47.26 -40.82 -6.36
C SER I 26 -47.31 -39.29 -6.19
N GLN I 27 -46.15 -38.66 -5.98
CA GLN I 27 -46.03 -37.27 -5.58
C GLN I 27 -45.69 -36.42 -6.80
N SER I 28 -45.69 -35.09 -6.60
CA SER I 28 -45.31 -34.12 -7.64
C SER I 28 -43.83 -33.75 -7.53
N ILE I 29 -43.12 -33.87 -8.65
CA ILE I 29 -41.69 -34.24 -8.66
C ILE I 29 -40.84 -33.44 -9.68
N SER I 30 -41.19 -32.19 -9.99
CA SER I 30 -40.24 -31.12 -10.41
C SER I 30 -39.71 -31.02 -11.85
N GLY I 31 -39.93 -31.99 -12.72
CA GLY I 31 -40.00 -31.69 -14.15
C GLY I 31 -38.80 -31.39 -15.04
N TYR I 32 -37.58 -31.31 -14.50
CA TYR I 32 -36.35 -31.55 -15.27
C TYR I 32 -35.63 -32.77 -14.73
N TYR I 33 -36.40 -33.81 -14.56
CA TYR I 33 -36.21 -34.87 -13.59
C TYR I 33 -36.40 -36.25 -14.19
N LEU I 34 -37.14 -36.34 -15.30
CA LEU I 34 -37.42 -37.53 -16.08
C LEU I 34 -36.70 -37.49 -17.41
N THR I 35 -36.44 -38.67 -17.94
CA THR I 35 -36.04 -38.85 -19.32
C THR I 35 -36.69 -40.09 -19.91
N TRP I 36 -36.80 -40.06 -21.24
CA TRP I 36 -37.68 -40.94 -22.01
C TRP I 36 -36.90 -41.63 -23.10
N TYR I 37 -37.15 -42.94 -23.21
CA TYR I 37 -36.35 -43.86 -24.00
C TYR I 37 -37.25 -44.67 -24.93
N GLN I 38 -36.60 -45.38 -25.86
CA GLN I 38 -37.20 -46.40 -26.70
C GLN I 38 -36.26 -47.60 -26.74
N GLN I 39 -36.83 -48.77 -27.01
CA GLN I 39 -36.06 -49.98 -27.26
C GLN I 39 -36.78 -50.80 -28.31
N LYS I 40 -36.01 -51.28 -29.29
CA LYS I 40 -36.37 -52.40 -30.12
C LYS I 40 -35.92 -53.65 -29.38
N PRO I 41 -36.77 -54.67 -29.14
CA PRO I 41 -36.24 -55.90 -28.52
C PRO I 41 -35.23 -56.60 -29.40
N GLY I 42 -34.10 -56.97 -28.79
CA GLY I 42 -32.86 -57.25 -29.49
C GLY I 42 -31.86 -56.12 -29.41
N GLN I 43 -32.32 -54.87 -29.56
CA GLN I 43 -31.49 -53.68 -29.47
C GLN I 43 -31.43 -53.22 -28.01
N ALA I 44 -30.42 -52.43 -27.69
CA ALA I 44 -30.31 -51.68 -26.45
C ALA I 44 -31.33 -50.54 -26.44
N PRO I 45 -31.44 -49.79 -25.35
CA PRO I 45 -32.28 -48.59 -25.38
C PRO I 45 -31.72 -47.53 -26.31
N ARG I 46 -32.57 -46.61 -26.74
CA ARG I 46 -32.15 -45.35 -27.30
C ARG I 46 -32.87 -44.22 -26.58
N LEU I 47 -32.17 -43.09 -26.46
CA LEU I 47 -32.69 -41.90 -25.81
C LEU I 47 -33.43 -41.02 -26.79
N LEU I 48 -34.52 -40.42 -26.29
CA LEU I 48 -35.34 -39.47 -27.04
C LEU I 48 -35.48 -38.14 -26.32
N ILE I 49 -36.11 -38.11 -25.14
CA ILE I 49 -36.70 -36.86 -24.61
C ILE I 49 -36.32 -36.75 -23.13
N TYR I 50 -36.32 -35.51 -22.63
CA TYR I 50 -35.94 -35.22 -21.25
C TYR I 50 -36.67 -33.98 -20.76
N GLY I 51 -36.91 -33.99 -19.45
CA GLY I 51 -37.52 -32.87 -18.75
C GLY I 51 -38.89 -32.48 -19.20
N ALA I 52 -39.64 -33.41 -19.81
CA ALA I 52 -41.03 -33.28 -20.23
C ALA I 52 -41.22 -32.42 -21.48
N SER I 53 -40.18 -31.74 -21.96
CA SER I 53 -40.25 -30.88 -23.14
C SER I 53 -39.23 -31.28 -24.19
N SER I 54 -37.97 -31.41 -23.77
CA SER I 54 -36.88 -31.11 -24.68
C SER I 54 -36.19 -32.37 -25.20
N ARG I 55 -35.46 -32.17 -26.30
CA ARG I 55 -35.22 -33.21 -27.29
C ARG I 55 -33.74 -33.50 -27.43
N ALA I 56 -33.40 -34.77 -27.60
CA ALA I 56 -32.02 -35.21 -27.66
C ALA I 56 -31.45 -35.02 -29.06
N THR I 57 -30.23 -35.50 -29.25
CA THR I 57 -29.45 -35.22 -30.43
C THR I 57 -29.76 -36.25 -31.53
N GLY I 58 -29.66 -35.81 -32.80
CA GLY I 58 -29.81 -36.73 -33.92
C GLY I 58 -31.21 -37.27 -34.13
N ILE I 59 -32.11 -36.45 -34.65
CA ILE I 59 -33.53 -36.51 -34.29
C ILE I 59 -34.43 -36.12 -35.46
N PRO I 60 -35.71 -36.60 -35.46
CA PRO I 60 -36.82 -35.83 -36.04
C PRO I 60 -37.37 -34.78 -35.09
N ASP I 61 -38.64 -34.38 -35.21
CA ASP I 61 -39.31 -33.49 -34.27
C ASP I 61 -40.64 -34.03 -33.73
N ARG I 62 -40.96 -35.32 -33.98
CA ARG I 62 -42.34 -35.78 -33.79
C ARG I 62 -42.62 -36.17 -32.35
N PHE I 63 -41.71 -36.92 -31.72
CA PHE I 63 -41.91 -37.27 -30.31
C PHE I 63 -41.73 -36.00 -29.47
N SER I 64 -42.82 -35.54 -28.86
CA SER I 64 -42.80 -34.30 -28.12
C SER I 64 -43.89 -34.36 -27.06
N GLY I 65 -43.60 -33.81 -25.88
CA GLY I 65 -44.42 -33.98 -24.70
C GLY I 65 -44.64 -32.70 -23.93
N SER I 66 -45.12 -32.89 -22.70
CA SER I 66 -45.36 -31.80 -21.75
C SER I 66 -45.61 -32.44 -20.39
N GLY I 67 -46.13 -31.66 -19.46
CA GLY I 67 -46.55 -32.17 -18.18
C GLY I 67 -45.54 -31.86 -17.11
N SER I 68 -46.03 -31.88 -15.88
CA SER I 68 -45.30 -31.35 -14.75
C SER I 68 -45.83 -32.04 -13.51
N GLY I 69 -45.12 -31.83 -12.41
CA GLY I 69 -45.46 -32.35 -11.10
C GLY I 69 -45.71 -33.84 -11.08
N THR I 70 -46.93 -34.21 -10.69
CA THR I 70 -47.26 -35.61 -10.51
C THR I 70 -47.37 -36.34 -11.85
N ASP I 71 -47.79 -35.63 -12.92
CA ASP I 71 -48.10 -36.23 -14.21
C ASP I 71 -47.16 -35.67 -15.26
N PHE I 72 -46.22 -36.51 -15.70
CA PHE I 72 -45.35 -36.23 -16.81
C PHE I 72 -45.88 -36.97 -18.03
N THR I 73 -45.62 -36.40 -19.21
CA THR I 73 -46.28 -36.84 -20.42
C THR I 73 -45.36 -36.70 -21.60
N LEU I 74 -45.32 -37.74 -22.42
CA LEU I 74 -44.72 -37.69 -23.74
C LEU I 74 -45.79 -38.05 -24.75
N THR I 75 -46.01 -37.14 -25.70
CA THR I 75 -46.88 -37.34 -26.84
C THR I 75 -46.02 -37.53 -28.06
N ILE I 76 -46.70 -37.85 -29.16
CA ILE I 76 -46.06 -38.20 -30.42
C ILE I 76 -46.91 -37.57 -31.51
N SER I 77 -46.24 -36.93 -32.47
CA SER I 77 -46.94 -36.25 -33.55
C SER I 77 -47.37 -37.21 -34.64
N ARG I 78 -46.47 -38.12 -35.04
CA ARG I 78 -46.77 -39.12 -36.07
C ARG I 78 -46.22 -40.47 -35.65
N LEU I 79 -46.98 -41.50 -36.02
CA LEU I 79 -46.63 -42.90 -35.86
C LEU I 79 -46.14 -43.48 -37.18
N GLU I 80 -45.15 -44.38 -37.11
CA GLU I 80 -44.59 -45.08 -38.27
C GLU I 80 -44.23 -46.51 -37.88
N PRO I 81 -44.25 -47.48 -38.82
CA PRO I 81 -43.93 -48.86 -38.43
C PRO I 81 -42.46 -49.09 -38.05
N GLU I 82 -41.56 -48.17 -38.36
CA GLU I 82 -40.20 -48.22 -37.83
C GLU I 82 -40.12 -47.87 -36.35
N ASP I 83 -41.17 -47.27 -35.79
CA ASP I 83 -41.21 -46.95 -34.37
C ASP I 83 -41.69 -48.11 -33.49
N PHE I 84 -41.83 -49.33 -34.04
CA PHE I 84 -42.38 -50.47 -33.30
C PHE I 84 -41.52 -50.83 -32.11
N ALA I 85 -41.99 -50.49 -30.90
CA ALA I 85 -41.00 -50.44 -29.82
C ALA I 85 -41.60 -50.16 -28.45
N VAL I 86 -40.82 -50.45 -27.41
CA VAL I 86 -41.22 -50.28 -26.02
C VAL I 86 -40.50 -49.03 -25.53
N TYR I 87 -41.27 -48.02 -25.09
CA TYR I 87 -40.73 -46.75 -24.61
C TYR I 87 -40.77 -46.68 -23.09
N TYR I 88 -39.70 -46.15 -22.50
CA TYR I 88 -39.47 -46.20 -21.05
C TYR I 88 -39.36 -44.80 -20.44
N CYS I 89 -39.42 -44.79 -19.09
CA CYS I 89 -39.66 -43.62 -18.25
C CYS I 89 -38.74 -43.65 -17.03
N GLN I 90 -37.60 -42.95 -17.09
CA GLN I 90 -36.50 -43.07 -16.13
C GLN I 90 -36.24 -41.75 -15.39
N GLN I 91 -36.39 -41.74 -14.07
CA GLN I 91 -36.37 -40.51 -13.27
C GLN I 91 -35.34 -40.56 -12.16
N TYR I 92 -34.60 -39.47 -11.99
CA TYR I 92 -33.58 -39.38 -10.95
C TYR I 92 -34.19 -38.90 -9.65
N GLY I 93 -34.27 -39.78 -8.65
CA GLY I 93 -34.69 -39.40 -7.33
C GLY I 93 -33.81 -38.35 -6.69
N ILE I 94 -34.37 -37.72 -5.68
CA ILE I 94 -33.69 -36.77 -4.82
C ILE I 94 -33.13 -37.57 -3.67
N SER I 95 -33.86 -38.59 -3.25
CA SER I 95 -33.20 -39.80 -2.76
C SER I 95 -32.53 -40.38 -3.99
N PRO I 96 -31.18 -40.29 -4.18
CA PRO I 96 -30.63 -40.41 -5.55
C PRO I 96 -30.75 -41.78 -6.21
N VAL I 97 -31.99 -42.10 -6.53
CA VAL I 97 -32.45 -43.43 -6.88
C VAL I 97 -33.20 -43.32 -8.19
N ILE I 98 -32.75 -44.05 -9.21
CA ILE I 98 -33.49 -43.98 -10.45
C ILE I 98 -34.73 -44.81 -10.21
N THR I 99 -35.87 -44.37 -10.74
CA THR I 99 -37.06 -45.20 -10.83
C THR I 99 -37.55 -45.27 -12.27
N PHE I 100 -38.25 -46.37 -12.54
CA PHE I 100 -38.49 -46.88 -13.87
C PHE I 100 -39.97 -47.19 -14.09
N GLY I 101 -40.56 -46.53 -15.07
CA GLY I 101 -41.79 -47.02 -15.65
C GLY I 101 -41.55 -48.30 -16.43
N GLY I 102 -42.57 -49.15 -16.48
CA GLY I 102 -42.42 -50.52 -16.92
C GLY I 102 -42.59 -50.79 -18.41
N GLY I 103 -42.15 -49.88 -19.26
CA GLY I 103 -42.17 -50.10 -20.70
C GLY I 103 -43.55 -49.96 -21.30
N THR I 104 -43.59 -49.36 -22.50
CA THR I 104 -44.83 -49.01 -23.19
C THR I 104 -44.68 -49.38 -24.67
N ASN I 105 -45.18 -50.55 -25.05
CA ASN I 105 -45.15 -51.00 -26.45
C ASN I 105 -46.04 -50.12 -27.30
N VAL I 106 -45.51 -49.61 -28.41
CA VAL I 106 -46.31 -49.27 -29.58
C VAL I 106 -46.25 -50.46 -30.54
N GLU I 107 -47.46 -50.94 -30.87
CA GLU I 107 -47.73 -51.75 -32.02
C GLU I 107 -48.31 -50.87 -33.12
N ILE I 108 -47.72 -50.98 -34.31
CA ILE I 108 -48.19 -50.30 -35.50
C ILE I 108 -49.00 -51.31 -36.30
N LYS I 109 -50.31 -51.09 -36.36
CA LYS I 109 -51.20 -51.95 -37.12
C LYS I 109 -50.99 -51.73 -38.62
N GLY I 110 -51.58 -52.60 -39.42
CA GLY I 110 -51.45 -52.52 -40.86
C GLY I 110 -52.25 -51.38 -41.45
N VAL I 127 -15.84 -43.57 -27.04
CA VAL I 127 -17.25 -43.26 -26.86
C VAL I 127 -17.90 -44.31 -25.99
N GLN I 128 -17.59 -45.58 -26.27
CA GLN I 128 -18.48 -46.67 -25.89
C GLN I 128 -18.00 -47.39 -24.65
N LEU I 129 -18.96 -48.06 -24.04
CA LEU I 129 -18.72 -48.98 -22.95
C LEU I 129 -18.41 -50.36 -23.50
N VAL I 130 -18.03 -51.26 -22.61
CA VAL I 130 -18.12 -52.68 -22.87
C VAL I 130 -18.28 -53.41 -21.55
N GLU I 131 -19.29 -54.26 -21.46
CA GLU I 131 -19.56 -55.04 -20.26
C GLU I 131 -18.57 -56.19 -20.19
N SER I 132 -18.63 -56.95 -19.11
CA SER I 132 -17.78 -58.11 -18.97
C SER I 132 -18.32 -59.07 -17.92
N GLY I 133 -18.71 -60.25 -18.37
CA GLY I 133 -18.81 -61.43 -17.54
C GLY I 133 -20.16 -62.08 -17.41
N GLY I 134 -21.14 -61.72 -18.24
CA GLY I 134 -22.49 -62.21 -18.04
C GLY I 134 -22.59 -63.70 -18.34
N GLY I 135 -23.41 -64.38 -17.54
CA GLY I 135 -23.58 -65.82 -17.72
C GLY I 135 -24.25 -66.44 -16.51
N LEU I 136 -23.85 -67.68 -16.22
CA LEU I 136 -24.49 -68.51 -15.20
C LEU I 136 -23.71 -68.46 -13.90
N VAL I 137 -24.45 -68.63 -12.81
CA VAL I 137 -23.89 -69.03 -11.53
C VAL I 137 -24.90 -69.97 -10.89
N GLN I 138 -24.51 -70.59 -9.77
CA GLN I 138 -25.43 -71.35 -8.96
C GLN I 138 -26.24 -70.40 -8.09
N PRO I 139 -27.50 -70.74 -7.73
CA PRO I 139 -28.25 -69.83 -6.86
C PRO I 139 -27.69 -69.86 -5.44
N GLY I 140 -27.82 -68.72 -4.76
CA GLY I 140 -27.12 -68.47 -3.52
C GLY I 140 -25.63 -68.24 -3.64
N GLY I 141 -25.07 -68.23 -4.85
CA GLY I 141 -23.63 -68.26 -5.05
C GLY I 141 -23.00 -66.87 -5.13
N SER I 142 -22.02 -66.76 -6.02
CA SER I 142 -21.12 -65.63 -6.08
C SER I 142 -20.52 -65.46 -7.47
N LEU I 143 -20.53 -64.23 -7.97
CA LEU I 143 -19.86 -63.92 -9.23
C LEU I 143 -19.74 -62.40 -9.33
N ARG I 144 -18.81 -61.96 -10.19
CA ARG I 144 -18.52 -60.54 -10.41
C ARG I 144 -18.74 -60.22 -11.88
N LEU I 145 -19.11 -58.96 -12.12
CA LEU I 145 -19.08 -58.35 -13.44
C LEU I 145 -18.17 -57.13 -13.42
N SER I 146 -17.82 -56.68 -14.61
CA SER I 146 -17.12 -55.43 -14.80
C SER I 146 -17.74 -54.71 -15.99
N CYS I 147 -17.40 -53.43 -16.09
CA CYS I 147 -17.44 -52.71 -17.34
C CYS I 147 -16.11 -52.02 -17.53
N ALA I 148 -15.84 -51.66 -18.79
CA ALA I 148 -14.63 -50.97 -19.19
C ALA I 148 -15.00 -49.86 -20.16
N ALA I 149 -14.19 -48.79 -20.12
CA ALA I 149 -14.53 -47.52 -20.73
C ALA I 149 -13.68 -47.29 -21.97
N SER I 150 -14.25 -46.63 -22.99
CA SER I 150 -13.57 -46.37 -24.25
C SER I 150 -13.88 -44.95 -24.71
N GLY I 151 -12.88 -44.09 -24.64
CA GLY I 151 -12.84 -42.87 -25.42
C GLY I 151 -13.42 -41.63 -24.77
N PHE I 152 -13.25 -41.48 -23.47
CA PHE I 152 -13.83 -40.37 -22.73
C PHE I 152 -13.12 -40.32 -21.37
N THR I 153 -13.69 -39.53 -20.46
CA THR I 153 -13.15 -39.29 -19.12
C THR I 153 -14.13 -39.84 -18.08
N PHE I 154 -13.93 -41.11 -17.73
CA PHE I 154 -14.71 -41.82 -16.72
C PHE I 154 -14.60 -41.22 -15.31
N ASN I 155 -13.62 -40.32 -15.08
CA ASN I 155 -13.64 -39.34 -14.00
C ASN I 155 -14.99 -38.73 -13.73
N ILE I 156 -15.61 -38.18 -14.77
CA ILE I 156 -16.59 -37.15 -14.50
C ILE I 156 -17.94 -37.76 -14.10
N TYR I 157 -18.47 -38.63 -14.95
CA TYR I 157 -19.89 -38.90 -14.90
C TYR I 157 -20.30 -39.83 -13.76
N ASP I 158 -21.51 -39.58 -13.26
CA ASP I 158 -22.22 -40.41 -12.29
C ASP I 158 -22.73 -41.66 -13.00
N MET I 159 -22.35 -42.85 -12.47
CA MET I 159 -22.63 -44.10 -13.19
C MET I 159 -23.78 -44.86 -12.56
N HIS I 160 -24.37 -45.75 -13.36
CA HIS I 160 -25.48 -46.59 -12.95
C HIS I 160 -25.37 -47.99 -13.54
N TRP I 161 -25.56 -49.00 -12.70
CA TRP I 161 -25.88 -50.36 -13.11
C TRP I 161 -27.39 -50.55 -13.03
N VAL I 162 -27.95 -51.21 -14.05
CA VAL I 162 -29.39 -51.31 -14.28
C VAL I 162 -29.73 -52.75 -14.67
N ARG I 163 -30.98 -53.19 -14.39
CA ARG I 163 -31.48 -54.50 -14.80
C ARG I 163 -32.79 -54.40 -15.56
N GLN I 164 -33.09 -55.51 -16.23
CA GLN I 164 -34.20 -55.65 -17.14
C GLN I 164 -34.47 -57.13 -17.36
N ALA I 165 -35.65 -57.61 -16.94
CA ALA I 165 -36.06 -58.95 -17.34
C ALA I 165 -36.57 -58.93 -18.78
N PRO I 166 -36.65 -60.08 -19.45
CA PRO I 166 -37.09 -60.07 -20.85
C PRO I 166 -38.56 -59.72 -21.00
N GLY I 167 -38.84 -58.60 -21.67
CA GLY I 167 -40.18 -58.18 -21.96
C GLY I 167 -40.98 -57.85 -20.73
N LYS I 168 -40.35 -57.13 -19.79
CA LYS I 168 -40.92 -56.78 -18.51
C LYS I 168 -40.57 -55.33 -18.19
N GLY I 169 -41.20 -54.82 -17.14
CA GLY I 169 -40.76 -53.56 -16.59
C GLY I 169 -39.38 -53.68 -15.98
N LEU I 170 -38.61 -52.61 -16.13
CA LEU I 170 -37.24 -52.57 -15.67
C LEU I 170 -37.17 -52.58 -14.15
N GLU I 171 -35.96 -52.79 -13.63
CA GLU I 171 -35.63 -52.37 -12.28
C GLU I 171 -34.20 -51.82 -12.25
N TRP I 172 -33.97 -50.91 -11.32
CA TRP I 172 -32.71 -50.22 -11.12
C TRP I 172 -31.99 -50.87 -9.97
N VAL I 173 -30.79 -51.39 -10.22
CA VAL I 173 -30.06 -52.08 -9.17
C VAL I 173 -29.21 -51.11 -8.36
N SER I 174 -28.48 -50.20 -9.01
CA SER I 174 -27.52 -49.42 -8.25
C SER I 174 -26.95 -48.30 -9.08
N GLY I 175 -26.42 -47.32 -8.36
CA GLY I 175 -25.74 -46.21 -8.98
C GLY I 175 -24.93 -45.49 -7.94
N LEU I 176 -24.04 -44.64 -8.40
CA LEU I 176 -23.11 -44.00 -7.49
C LEU I 176 -22.55 -42.74 -8.10
N THR I 177 -22.54 -41.68 -7.29
CA THR I 177 -21.90 -40.45 -7.69
C THR I 177 -20.40 -40.57 -7.52
N THR I 178 -19.67 -39.72 -8.24
CA THR I 178 -18.23 -39.78 -8.28
C THR I 178 -17.56 -39.32 -6.99
N GLY I 179 -18.30 -38.81 -6.01
CA GLY I 179 -17.80 -38.57 -4.69
C GLY I 179 -17.85 -39.74 -3.75
N GLY I 180 -18.87 -40.60 -3.89
CA GLY I 180 -19.01 -41.78 -3.05
C GLY I 180 -20.37 -42.03 -2.46
N ASP I 181 -21.33 -41.11 -2.63
CA ASP I 181 -22.69 -41.35 -2.17
C ASP I 181 -23.30 -42.39 -3.10
N THR I 182 -23.44 -43.59 -2.55
CA THR I 182 -24.12 -44.73 -3.12
C THR I 182 -25.61 -44.46 -3.19
N SER I 183 -26.27 -45.14 -4.12
CA SER I 183 -27.67 -45.44 -3.93
C SER I 183 -27.96 -46.83 -4.47
N TYR I 184 -28.60 -47.62 -3.60
CA TYR I 184 -29.11 -48.95 -3.87
C TYR I 184 -30.60 -48.93 -3.56
N SER I 185 -31.28 -50.03 -3.86
CA SER I 185 -32.57 -50.33 -3.25
C SER I 185 -32.35 -51.12 -1.96
N GLY I 186 -33.29 -50.95 -1.03
CA GLY I 186 -33.24 -51.66 0.24
C GLY I 186 -33.24 -53.18 0.15
N SER I 187 -33.77 -53.73 -0.94
CA SER I 187 -33.78 -55.18 -1.15
C SER I 187 -32.47 -55.65 -1.76
N VAL I 188 -31.91 -54.88 -2.68
CA VAL I 188 -30.72 -55.27 -3.42
C VAL I 188 -29.46 -55.01 -2.59
N ARG I 189 -29.52 -54.08 -1.64
CA ARG I 189 -28.31 -53.60 -0.99
C ARG I 189 -27.68 -54.66 -0.10
N GLY I 190 -26.36 -54.69 -0.11
CA GLY I 190 -25.56 -55.64 0.62
C GLY I 190 -25.20 -56.86 -0.19
N ARG I 191 -26.15 -57.40 -0.93
CA ARG I 191 -25.88 -58.61 -1.70
C ARG I 191 -25.00 -58.32 -2.89
N PHE I 192 -25.15 -57.15 -3.49
CA PHE I 192 -24.25 -56.62 -4.50
C PHE I 192 -23.23 -55.72 -3.81
N SER I 193 -22.25 -55.27 -4.59
CA SER I 193 -21.29 -54.26 -4.13
C SER I 193 -20.58 -53.67 -5.34
N ILE I 194 -20.58 -52.34 -5.44
CA ILE I 194 -19.99 -51.59 -6.55
C ILE I 194 -18.62 -51.08 -6.13
N SER I 195 -17.79 -50.80 -7.14
CA SER I 195 -16.53 -50.12 -6.91
C SER I 195 -15.96 -49.68 -8.24
N ARG I 196 -15.31 -48.53 -8.24
CA ARG I 196 -15.10 -47.70 -9.42
C ARG I 196 -13.63 -47.36 -9.56
N GLU I 197 -13.14 -47.24 -10.80
CA GLU I 197 -11.76 -46.85 -11.06
C GLU I 197 -11.68 -45.96 -12.29
N ASN I 198 -11.10 -44.77 -12.10
CA ASN I 198 -11.01 -43.75 -13.14
C ASN I 198 -9.67 -43.80 -13.86
N ALA I 199 -8.60 -44.02 -13.10
CA ALA I 199 -7.28 -44.13 -13.70
C ALA I 199 -7.20 -45.33 -14.63
N LYS I 200 -7.88 -46.41 -14.27
CA LYS I 200 -7.95 -47.61 -15.10
C LYS I 200 -9.05 -47.53 -16.17
N ASN I 201 -9.99 -46.59 -16.06
CA ASN I 201 -11.12 -46.47 -16.98
C ASN I 201 -11.99 -47.73 -16.95
N SER I 202 -12.51 -48.07 -15.77
CA SER I 202 -13.33 -49.27 -15.64
C SER I 202 -14.12 -49.23 -14.34
N LEU I 203 -15.11 -50.12 -14.29
CA LEU I 203 -16.06 -50.27 -13.19
C LEU I 203 -16.20 -51.73 -12.83
N TYR I 204 -16.57 -51.96 -11.57
CA TYR I 204 -16.61 -53.30 -10.97
C TYR I 204 -17.87 -53.46 -10.15
N LEU I 205 -18.41 -54.68 -10.17
CA LEU I 205 -19.61 -55.04 -9.43
C LEU I 205 -19.45 -56.48 -8.96
N GLN I 206 -18.99 -56.64 -7.72
CA GLN I 206 -18.88 -57.93 -7.06
C GLN I 206 -20.25 -58.27 -6.48
N MET I 207 -20.75 -59.48 -6.75
CA MET I 207 -22.12 -59.86 -6.43
C MET I 207 -22.17 -61.22 -5.78
N ASN I 208 -22.97 -61.32 -4.71
CA ASN I 208 -23.08 -62.52 -3.90
C ASN I 208 -24.52 -62.65 -3.44
N ASN I 209 -24.88 -63.87 -3.00
CA ASN I 209 -26.20 -64.18 -2.46
C ASN I 209 -27.28 -63.94 -3.51
N LEU I 210 -27.21 -64.76 -4.56
CA LEU I 210 -27.89 -64.49 -5.81
C LEU I 210 -29.00 -65.51 -6.02
N ARG I 211 -30.21 -65.01 -6.27
CA ARG I 211 -31.42 -65.81 -6.45
C ARG I 211 -32.03 -65.45 -7.80
N ALA I 212 -33.19 -66.07 -8.08
CA ALA I 212 -33.78 -65.99 -9.42
C ALA I 212 -34.31 -64.61 -9.79
N GLY I 213 -34.40 -63.67 -8.84
CA GLY I 213 -34.76 -62.31 -9.20
C GLY I 213 -33.75 -61.65 -10.10
N ASP I 214 -32.49 -62.05 -9.98
CA ASP I 214 -31.42 -61.65 -10.88
C ASP I 214 -31.44 -62.38 -12.21
N THR I 215 -32.38 -63.30 -12.45
CA THR I 215 -32.43 -64.02 -13.72
C THR I 215 -32.94 -63.09 -14.81
N ALA I 216 -32.03 -62.35 -15.43
CA ALA I 216 -32.41 -61.26 -16.32
C ALA I 216 -31.19 -60.67 -17.00
N ALA I 217 -31.39 -59.67 -17.86
CA ALA I 217 -30.32 -58.91 -18.49
C ALA I 217 -30.03 -57.63 -17.71
N TYR I 218 -28.78 -57.19 -17.78
CA TYR I 218 -28.26 -56.02 -17.08
C TYR I 218 -27.60 -55.08 -18.07
N PHE I 219 -27.39 -53.84 -17.63
CA PHE I 219 -26.72 -52.80 -18.40
C PHE I 219 -25.82 -51.97 -17.50
N CYS I 220 -24.66 -51.58 -18.04
CA CYS I 220 -23.83 -50.49 -17.50
C CYS I 220 -24.12 -49.21 -18.27
N VAL I 221 -24.22 -48.11 -17.52
CA VAL I 221 -24.89 -46.89 -17.97
C VAL I 221 -24.12 -45.68 -17.47
N ARG I 222 -23.88 -44.70 -18.37
CA ARG I 222 -23.20 -43.46 -18.01
C ARG I 222 -24.16 -42.27 -18.02
N GLY I 223 -24.22 -41.60 -16.85
CA GLY I 223 -25.15 -40.53 -16.61
C GLY I 223 -24.53 -39.14 -16.64
N VAL I 224 -24.35 -38.59 -15.44
CA VAL I 224 -24.38 -37.13 -15.27
C VAL I 224 -23.00 -36.54 -15.08
N ARG I 225 -22.71 -35.57 -15.95
CA ARG I 225 -21.68 -34.59 -15.69
C ARG I 225 -21.93 -33.87 -14.38
N GLU I 226 -21.00 -34.03 -13.46
CA GLU I 226 -21.25 -33.67 -12.08
C GLU I 226 -21.40 -32.17 -11.90
N VAL I 227 -20.32 -31.39 -11.94
CA VAL I 227 -20.44 -29.93 -12.11
C VAL I 227 -19.49 -29.37 -13.14
N GLY I 228 -18.29 -29.91 -13.25
CA GLY I 228 -17.29 -29.23 -14.05
C GLY I 228 -16.00 -29.89 -14.47
N ALA I 229 -15.61 -29.53 -15.69
CA ALA I 229 -14.41 -29.92 -16.39
C ALA I 229 -14.41 -29.22 -17.73
N THR I 230 -13.35 -29.38 -18.50
CA THR I 230 -13.32 -28.93 -19.87
C THR I 230 -13.95 -29.98 -20.78
N GLY I 231 -14.61 -29.49 -21.83
CA GLY I 231 -15.18 -30.34 -22.86
C GLY I 231 -16.23 -29.61 -23.67
N GLY I 232 -16.67 -30.31 -24.72
CA GLY I 232 -17.86 -29.96 -25.47
C GLY I 232 -19.03 -30.77 -24.98
N ASP I 233 -19.08 -30.99 -23.67
CA ASP I 233 -20.00 -31.91 -22.99
C ASP I 233 -20.91 -31.13 -22.05
N PRO I 234 -22.10 -30.73 -22.50
CA PRO I 234 -23.10 -30.25 -21.54
C PRO I 234 -23.66 -31.34 -20.68
N PHE I 235 -24.69 -31.00 -19.92
CA PHE I 235 -25.32 -31.94 -19.02
C PHE I 235 -26.82 -31.78 -19.04
N TYR I 236 -27.49 -32.90 -18.82
CA TYR I 236 -28.85 -32.95 -18.35
C TYR I 236 -28.80 -33.68 -17.03
N TYR I 237 -29.96 -33.82 -16.40
CA TYR I 237 -30.21 -34.88 -15.43
C TYR I 237 -30.95 -36.05 -16.07
N ALA I 238 -30.53 -36.40 -17.26
CA ALA I 238 -30.84 -37.65 -17.92
C ALA I 238 -29.56 -38.46 -18.03
N MET I 239 -29.62 -39.54 -18.78
CA MET I 239 -28.40 -40.26 -19.12
C MET I 239 -27.53 -39.42 -20.05
N ALA I 240 -26.28 -39.84 -20.19
CA ALA I 240 -25.55 -39.62 -21.42
C ALA I 240 -25.76 -40.78 -22.38
N VAL I 241 -25.24 -41.98 -22.07
CA VAL I 241 -25.12 -43.07 -23.05
C VAL I 241 -25.21 -44.38 -22.26
N TRP I 242 -25.47 -45.49 -22.96
CA TRP I 242 -25.71 -46.81 -22.45
C TRP I 242 -24.60 -47.75 -22.90
N GLY I 243 -24.67 -49.01 -22.44
CA GLY I 243 -23.90 -50.12 -22.98
C GLY I 243 -24.80 -51.17 -23.58
N GLN I 244 -24.23 -52.20 -24.21
CA GLN I 244 -25.01 -53.26 -24.83
C GLN I 244 -25.56 -54.29 -23.85
N GLY I 245 -25.30 -54.14 -22.56
CA GLY I 245 -25.72 -55.10 -21.56
C GLY I 245 -25.22 -56.51 -21.68
N THR I 246 -25.66 -57.37 -20.77
CA THR I 246 -25.41 -58.81 -20.86
C THR I 246 -26.35 -59.55 -19.92
N THR I 247 -26.53 -60.84 -20.21
CA THR I 247 -27.42 -61.71 -19.44
C THR I 247 -26.71 -62.24 -18.20
N VAL I 248 -27.48 -62.41 -17.12
CA VAL I 248 -27.03 -63.12 -15.92
C VAL I 248 -28.19 -63.97 -15.42
N THR I 249 -27.84 -65.15 -14.90
CA THR I 249 -28.82 -66.12 -14.46
C THR I 249 -28.22 -66.97 -13.34
N VAL I 250 -29.06 -67.33 -12.37
CA VAL I 250 -28.82 -68.46 -11.48
C VAL I 250 -29.56 -69.65 -12.05
N SER I 251 -28.94 -70.81 -12.01
CA SER I 251 -29.65 -72.02 -12.44
C SER I 251 -28.88 -73.24 -11.99
N SER I 252 -29.63 -74.33 -11.79
CA SER I 252 -29.09 -75.62 -11.40
C SER I 252 -29.85 -76.76 -12.07
C1 NAG J . 6.95 17.72 -26.92
C2 NAG J . 5.57 17.83 -27.59
C3 NAG J . 5.39 19.19 -28.24
C4 NAG J . 5.69 20.31 -27.26
C5 NAG J . 7.10 20.12 -26.73
C6 NAG J . 7.49 21.15 -25.72
C7 NAG J . 5.02 15.54 -28.28
C8 NAG J . 4.91 14.62 -29.45
N2 NAG J . 5.41 16.79 -28.57
O3 NAG J . 4.05 19.31 -28.69
O4 NAG J . 5.65 21.54 -27.96
O5 NAG J . 7.16 18.84 -26.08
O6 NAG J . 6.53 21.26 -24.68
O7 NAG J . 4.81 15.18 -27.14
H1 NAG J . 7.62 17.68 -27.62
H2 NAG J . 4.89 17.75 -26.90
H3 NAG J . 6.00 19.25 -28.99
H4 NAG J . 5.05 20.28 -26.53
H5 NAG J . 7.73 20.13 -27.47
H61 NAG J . 8.37 20.92 -25.34
H62 NAG J . 7.56 22.02 -26.17
H81 NAG J . 4.50 15.09 -30.20
H82 NAG J . 5.80 14.31 -29.69
H83 NAG J . 4.35 13.85 -29.21
HN2 NAG J . 5.56 17.00 -29.44
HO3 NAG J . 3.96 20.08 -29.15
HO6 NAG J . 6.39 22.12 -24.48
C1 NAG J . 4.91 22.59 -27.34
C2 NAG J . 4.96 23.75 -28.34
C3 NAG J . 4.03 24.89 -27.91
C4 NAG J . 2.63 24.34 -27.72
C5 NAG J . 2.70 23.29 -26.63
C6 NAG J . 1.36 22.71 -26.25
C7 NAG J . 7.20 23.69 -29.34
C8 NAG J . 8.55 24.32 -29.39
N2 NAG J . 6.31 24.25 -28.51
O3 NAG J . 4.02 25.91 -28.92
O4 NAG J . 1.68 25.35 -27.40
O5 NAG J . 3.52 22.22 -27.09
O6 NAG J . 0.53 23.69 -25.65
O7 NAG J . 6.93 22.68 -29.99
H1 NAG J . 5.33 22.87 -26.50
H2 NAG J . 4.64 23.42 -29.20
H3 NAG J . 4.36 25.27 -27.08
H4 NAG J . 2.41 23.89 -28.55
H5 NAG J . 3.11 23.68 -25.83
H61 NAG J . 1.50 21.97 -25.63
H62 NAG J . 0.92 22.37 -27.06
H81 NAG J . 9.19 23.67 -29.72
H82 NAG J . 8.51 25.09 -29.99
H83 NAG J . 8.78 24.62 -28.49
HN2 NAG J . 6.57 24.99 -28.05
HO3 NAG J . 4.17 26.69 -28.53
HO6 NAG J . -0.26 23.34 -25.45
C1 BMA J . 0.51 25.26 -28.26
C2 BMA J . -0.63 26.03 -27.67
C3 BMA J . -1.85 25.78 -28.57
C4 BMA J . -1.55 26.09 -30.02
C5 BMA J . -0.27 25.45 -30.49
C6 BMA J . 0.18 26.02 -31.79
O2 BMA J . -0.35 27.41 -27.69
O3 BMA J . -2.98 26.50 -28.14
O4 BMA J . -2.61 25.61 -30.81
O5 BMA J . 0.77 25.71 -29.55
O6 BMA J . 1.12 25.13 -32.37
H1 BMA J . 0.14 24.23 -28.32
H2 BMA J . -0.81 25.67 -26.65
H3 BMA J . -2.15 24.73 -28.53
H4 BMA J . -1.44 27.17 -30.13
H5 BMA J . -0.42 24.38 -30.62
H61 BMA J . -0.69 26.15 -32.43
H62 BMA J . 0.61 27.00 -31.59
HO2 BMA J . 0.17 27.60 -26.89
HO3 BMA J . -3.73 25.89 -28.28
HO4 BMA J . -2.80 26.32 -31.42
C1 NAG K . 13.84 20.43 -24.80
C2 NAG K . 14.11 20.37 -26.28
C3 NAG K . 14.73 21.66 -26.76
C4 NAG K . 13.82 22.83 -26.38
C5 NAG K . 13.58 22.81 -24.88
C6 NAG K . 12.59 23.84 -24.42
C7 NAG K . 14.53 18.04 -27.01
C8 NAG K . 15.58 17.01 -27.23
N2 NAG K . 14.97 19.24 -26.58
O3 NAG K . 14.94 21.62 -28.17
O4 NAG K . 14.41 24.08 -26.77
O5 NAG K . 13.03 21.54 -24.51
O6 NAG K . 13.20 24.81 -23.59
O7 NAG K . 13.34 17.83 -27.21
H1 NAG K . 14.69 20.54 -24.35
H2 NAG K . 13.25 20.29 -26.74
H3 NAG K . 15.59 21.79 -26.31
H4 NAG K . 12.95 22.66 -26.79
H5 NAG K . 14.43 22.94 -24.42
H61 NAG K . 12.18 24.26 -25.20
H62 NAG K . 11.88 23.40 -23.90
H81 NAG K . 15.15 16.14 -27.41
H82 NAG K . 16.15 17.25 -27.98
H83 NAG K . 16.12 16.92 -26.42
HN2 NAG K . 15.87 19.34 -26.44
HO3 NAG K . 15.78 21.84 -28.34
HO6 NAG K . 12.60 25.09 -22.99
C1 NAG K . 14.15 24.55 -28.12
C2 NAG K . 13.90 26.05 -28.09
C3 NAG K . 13.53 26.52 -29.48
C4 NAG K . 14.67 26.19 -30.44
C5 NAG K . 14.95 24.69 -30.39
C6 NAG K . 16.14 24.30 -31.23
C7 NAG K . 13.12 26.84 -25.88
C8 NAG K . 11.92 27.15 -25.04
N2 NAG K . 12.86 26.39 -27.13
O3 NAG K . 13.28 27.92 -29.47
O4 NAG K . 14.34 26.56 -31.78
O5 NAG K . 15.22 24.26 -29.04
O6 NAG K . 16.43 22.91 -31.11
O7 NAG K . 14.26 26.96 -25.46
H1 NAG K . 13.35 24.16 -28.50
H2 NAG K . 14.75 26.48 -27.87
H3 NAG K . 12.73 26.07 -29.77
H4 NAG K . 15.47 26.67 -30.16
H5 NAG K . 14.17 24.22 -30.73
H61 NAG K . 16.92 24.82 -30.94
H62 NAG K . 15.96 24.51 -32.16
H81 NAG K . 12.18 27.17 -24.10
H82 NAG K . 11.55 28.01 -25.30
H83 NAG K . 11.25 26.45 -25.16
HN2 NAG K . 12.00 26.32 -27.39
HO3 NAG K . 12.40 28.06 -29.46
HO4 NAG K . 15.08 26.55 -32.27
HO6 NAG K . 16.86 22.63 -31.83
C1 NAG L . -24.01 12.41 18.74
C2 NAG L . -25.27 11.93 18.01
C3 NAG L . -26.37 11.57 19.01
C4 NAG L . -25.87 10.64 20.09
C5 NAG L . -24.67 11.29 20.75
C6 NAG L . -24.07 10.44 21.84
C7 NAG L . -25.26 13.14 15.88
C8 NAG L . -25.89 14.24 15.10
N2 NAG L . -25.75 12.95 17.10
O3 NAG L . -27.45 10.96 18.31
O4 NAG L . -26.89 10.48 21.06
O5 NAG L . -23.66 11.49 19.77
O6 NAG L . -23.79 9.12 21.38
O7 NAG L . -24.32 12.48 15.45
H1 NAG L . -24.19 13.29 19.11
H2 NAG L . -25.05 11.11 17.53
H3 NAG L . -26.68 12.40 19.42
H4 NAG L . -25.60 9.80 19.68
H5 NAG L . -24.94 12.16 21.12
H61 NAG L . -23.25 10.85 22.17
H62 NAG L . -24.71 10.39 22.58
H81 NAG L . -26.85 14.24 15.26
H82 NAG L . -25.50 15.08 15.38
H83 NAG L . -25.72 14.10 14.15
HN2 NAG L . -26.44 13.47 17.38
HO3 NAG L . -28.16 10.91 18.84
HO6 NAG L . -24.05 8.53 22.00
C1 NAG L . -27.17 9.13 21.44
C2 NAG L . -28.36 9.22 22.41
C3 NAG L . -28.90 7.84 22.75
C4 NAG L . -29.25 7.11 21.47
C5 NAG L . -27.98 6.99 20.65
C6 NAG L . -28.16 6.21 19.37
C7 NAG L . -28.00 11.27 23.72
C8 NAG L . -27.61 11.82 25.04
N2 NAG L . -28.00 9.94 23.62
O3 NAG L . -30.05 7.96 23.58
O4 NAG L . -29.85 5.84 21.69
O5 NAG L . -27.54 8.30 20.30
O6 NAG L . -28.46 4.85 19.63
O7 NAG L . -28.27 11.99 22.77
H1 NAG L . -26.40 8.74 21.90
H2 NAG L . -29.07 9.72 21.96
H3 NAG L . -28.22 7.34 23.23
H4 NAG L . -29.86 7.71 20.99
H5 NAG L . -27.30 6.56 21.19
H61 NAG L . -27.34 6.27 18.85
H62 NAG L . -28.89 6.61 18.86
H81 NAG L . -27.30 12.75 24.92
H82 NAG L . -28.38 11.81 25.63
H83 NAG L . -26.89 11.28 25.42
HN2 NAG L . -27.78 9.45 24.36
HO3 NAG L . -29.96 7.43 24.29
HO6 NAG L . -28.56 4.40 18.87
C1 BMA L . -31.08 5.69 20.94
C2 BMA L . -31.46 4.25 20.85
C3 BMA L . -32.69 4.17 19.93
C4 BMA L . -33.81 5.10 20.39
C5 BMA L . -33.30 6.49 20.68
C6 BMA L . -34.31 7.30 21.42
O2 BMA L . -31.85 3.76 22.13
O3 BMA L . -33.18 2.85 19.81
O4 BMA L . -34.77 5.16 19.37
O5 BMA L . -32.12 6.43 21.49
O6 BMA L . -33.98 8.67 21.28
H1 BMA L . -30.95 6.00 19.89
H2 BMA L . -30.63 3.69 20.44
H3 BMA L . -32.43 4.47 18.91
H4 BMA L . -34.23 4.70 21.31
H5 BMA L . -33.10 7.00 19.72
H61 BMA L . -35.30 7.06 21.02
H62 BMA L . -34.28 6.96 22.46
HO2 BMA L . -31.02 3.50 22.57
HO3 BMA L . -33.49 2.78 18.89
HO4 BMA L . -35.61 5.04 19.83
C1 NAG M . -19.89 14.03 25.02
C2 NAG M . -20.89 15.18 25.14
C3 NAG M . -21.42 15.26 26.57
C4 NAG M . -22.03 13.93 26.96
C5 NAG M . -20.98 12.83 26.79
C6 NAG M . -21.51 11.44 27.05
C7 NAG M . -20.38 16.99 23.55
C8 NAG M . -19.62 18.27 23.34
N2 NAG M . -20.25 16.43 24.76
O3 NAG M . -22.39 16.29 26.65
O4 NAG M . -22.50 13.96 28.31
O5 NAG M . -20.50 12.83 25.43
O6 NAG M . -20.92 10.88 28.20
O7 NAG M . -21.06 16.49 22.66
H1 NAG M . -19.14 14.23 25.62
H2 NAG M . -21.64 14.97 24.57
H3 NAG M . -20.68 15.46 27.18
H4 NAG M . -22.73 13.71 26.31
H5 NAG M . -20.24 13.02 27.40
H61 NAG M . -22.47 11.48 27.13
H62 NAG M . -21.28 10.88 26.28
H81 NAG M . -19.65 18.51 22.40
H82 NAG M . -20.02 18.98 23.88
H83 NAG M . -18.69 18.13 23.61
HN2 NAG M . -19.72 16.85 25.38
HO3 NAG M . -22.20 16.81 27.35
HO6 NAG M . -20.90 9.99 28.12
C1 NAG M . -23.87 14.42 28.55
C2 NAG M . -24.52 13.53 29.59
C3 NAG M . -25.96 13.95 29.77
C4 NAG M . -26.02 15.40 30.20
C5 NAG M . -25.30 16.27 29.17
C6 NAG M . -25.22 17.71 29.59
C7 NAG M . -23.50 11.29 29.75
C8 NAG M . -23.56 9.87 29.27
N2 NAG M . -24.41 12.13 29.24
O3 NAG M . -26.60 13.11 30.73
O4 NAG M . -27.36 15.85 30.33
O5 NAG M . -23.95 15.81 28.97
O6 NAG M . -24.51 18.51 28.64
O7 NAG M . -22.65 11.66 30.56
H1 NAG M . -24.42 14.34 27.75
H2 NAG M . -24.08 13.72 30.45
H3 NAG M . -26.43 13.85 28.92
H4 NAG M . -25.57 15.51 31.06
H5 NAG M . -25.79 16.21 28.33
H61 NAG M . -24.77 17.76 30.46
H62 NAG M . -26.12 18.07 29.69
H81 NAG M . -22.70 9.45 29.43
H82 NAG M . -24.26 9.39 29.75
H83 NAG M . -23.75 9.86 28.31
HN2 NAG M . -25.02 11.79 28.64
HO3 NAG M . -27.10 12.51 30.30
HO4 NAG M . -27.38 16.61 30.79
HO6 NAG M . -24.78 19.35 28.69
C1 NAG N . -1.93 -32.54 -4.97
C2 NAG N . -2.94 -32.62 -6.11
C3 NAG N . -2.60 -33.74 -7.08
C4 NAG N . -1.16 -33.66 -7.53
C5 NAG N . -0.27 -33.66 -6.31
C6 NAG N . 1.19 -33.57 -6.63
C7 NAG N . -5.06 -31.84 -5.13
C8 NAG N . -6.40 -32.26 -4.62
N2 NAG N . -4.29 -32.83 -5.58
O3 NAG N . -3.47 -33.66 -8.21
O4 NAG N . -0.86 -34.82 -8.30
O5 NAG N . -0.61 -32.53 -5.50
O6 NAG N . 1.46 -32.50 -7.54
O7 NAG N . -4.69 -30.67 -5.09
H1 NAG N . -2.05 -33.31 -4.39
H2 NAG N . -2.92 -31.78 -6.61
H3 NAG N . -2.75 -34.59 -6.62
H4 NAG N . -1.03 -32.84 -8.03
H5 NAG N . -0.44 -34.47 -5.79
H61 NAG N . 1.71 -33.45 -5.81
H62 NAG N . 1.46 -34.41 -7.06
H81 NAG N . -6.78 -32.93 -5.22
H82 NAG N . -6.29 -32.64 -3.73
H83 NAG N . -6.99 -31.48 -4.57
HN2 NAG N . -4.61 -33.67 -5.57
HO3 NAG N . -3.46 -34.42 -8.65
HO6 NAG N . 1.94 -32.80 -8.22
C1 NAG N . -0.22 -34.59 -9.56
C2 NAG N . -0.10 -35.99 -10.20
C3 NAG N . 0.37 -35.88 -11.64
C4 NAG N . -0.56 -34.96 -12.41
C5 NAG N . -0.49 -33.59 -11.75
C6 NAG N . -1.32 -32.54 -12.45
C7 NAG N . 0.38 -37.53 -8.36
C8 NAG N . 1.41 -38.40 -7.71
N2 NAG N . 0.78 -36.85 -9.44
O3 NAG N . 0.39 -37.17 -12.24
O4 NAG N . -0.24 -34.87 -13.80
O5 NAG N . -1.00 -33.72 -10.41
O6 NAG N . -0.78 -32.26 -13.74
O7 NAG N . -0.75 -37.44 -7.91
H1 NAG N . 0.67 -34.22 -9.42
H2 NAG N . -0.99 -36.38 -10.21
H3 NAG N . 1.28 -35.52 -11.66
H4 NAG N . -1.46 -35.31 -12.27
H5 NAG N . 0.44 -33.30 -11.71
H61 NAG N . -1.32 -31.73 -11.91
H62 NAG N . -2.22 -32.87 -12.54
H81 NAG N . 1.17 -38.52 -6.78
H82 NAG N . 1.45 -39.25 -8.17
H83 NAG N . 2.28 -37.94 -7.78
HN2 NAG N . 1.63 -36.97 -9.73
HO3 NAG N . 1.19 -37.33 -12.60
HO6 NAG N . -1.24 -31.60 -14.11
C1 BMA N . -1.42 -35.09 -14.63
C2 BMA N . -1.19 -34.58 -16.02
C3 BMA N . -2.50 -34.75 -16.78
C4 BMA N . -2.98 -36.19 -16.74
C5 BMA N . -3.02 -36.71 -15.32
C6 BMA N . -3.22 -38.19 -15.28
O2 BMA N . -0.20 -35.36 -16.66
O3 BMA N . -2.40 -34.33 -18.13
O4 BMA N . -4.26 -36.25 -17.28
O5 BMA N . -1.77 -36.44 -14.67
O6 BMA N . -3.61 -38.55 -13.97
H1 BMA N . -2.28 -34.51 -14.26
H2 BMA N . -0.89 -33.53 -15.97
H3 BMA N . -3.29 -34.14 -16.35
H4 BMA N . -2.28 -36.81 -17.29
H5 BMA N . -3.84 -36.24 -14.78
H61 BMA N . -3.97 -38.46 -16.03
H62 BMA N . -2.28 -38.66 -15.58
HO2 BMA N . 0.66 -35.00 -16.36
HO3 BMA N . -3.26 -33.94 -18.33
HO4 BMA N . -4.24 -37.01 -17.87
C1 NAG O . 4.47 -34.68 -1.29
C2 NAG O . 3.64 -35.92 -0.99
C3 NAG O . 4.45 -37.17 -1.29
C4 NAG O . 4.93 -37.14 -2.73
C5 NAG O . 5.74 -35.86 -2.96
C6 NAG O . 6.14 -35.66 -4.40
C7 NAG O . 1.98 -35.49 0.78
C8 NAG O . 1.72 -35.53 2.26
N2 NAG O . 3.20 -35.90 0.39
O3 NAG O . 3.65 -38.32 -1.06
O4 NAG O . 5.73 -38.28 -3.03
O5 NAG O . 4.94 -34.72 -2.62
O6 NAG O . 7.56 -35.74 -4.55
O7 NAG O . 1.13 -35.11 -0.02
H1 NAG O . 5.24 -34.68 -0.68
H2 NAG O . 2.89 -35.92 -1.61
H3 NAG O . 5.23 -37.19 -0.70
H4 NAG O . 4.14 -37.06 -3.30
H5 NAG O . 6.53 -35.89 -2.39
H61 NAG O . 5.71 -36.32 -4.95
H62 NAG O . 5.86 -34.77 -4.68
H81 NAG O . 0.88 -35.09 2.44
H82 NAG O . 1.68 -36.46 2.56
H83 NAG O . 2.44 -35.06 2.71
HN2 NAG O . 3.79 -36.16 1.03
HO3 NAG O . 4.08 -38.87 -0.50
HO6 NAG O . 7.80 -35.22 -5.22
C1 NAG O . 5.06 -39.50 -3.48
C2 NAG O . 5.87 -40.13 -4.60
C3 NAG O . 5.13 -41.34 -5.13
C4 NAG O . 4.92 -42.33 -4.01
C5 NAG O . 4.16 -41.66 -2.87
C6 NAG O . 4.00 -42.55 -1.66
C7 NAG O . 7.29 -38.50 -5.79
C8 NAG O . 7.37 -37.57 -6.97
N2 NAG O . 6.14 -39.18 -5.67
O3 NAG O . 5.87 -41.93 -6.21
O4 NAG O . 4.18 -43.47 -4.45
O5 NAG O . 4.85 -40.47 -2.43
O6 NAG O . 3.34 -41.88 -0.60
O7 NAG O . 8.21 -38.62 -5.00
H1 NAG O . 4.19 -39.31 -3.86
H2 NAG O . 6.69 -40.46 -4.21
H3 NAG O . 4.26 -41.05 -5.49
H4 NAG O . 5.78 -42.63 -3.67
H5 NAG O . 3.27 -41.41 -3.19
H61 NAG O . 4.89 -42.84 -1.37
H62 NAG O . 3.50 -43.34 -1.92
H81 NAG O . 8.11 -36.94 -6.83
H82 NAG O . 7.53 -38.08 -7.78
H83 NAG O . 6.54 -37.06 -7.05
HN2 NAG O . 5.48 -39.04 -6.30
HO3 NAG O . 5.52 -41.67 -6.97
HO4 NAG O . 4.28 -44.12 -3.86
HO6 NAG O . 2.96 -42.47 -0.06
C1 NAG P . -11.40 -12.09 -41.29
C2 NAG P . -10.38 -13.14 -40.90
C3 NAG P . -10.34 -14.21 -41.97
C4 NAG P . -11.72 -14.82 -42.12
C5 NAG P . -12.77 -13.74 -42.38
C6 NAG P . -14.19 -14.26 -42.33
C7 NAG P . -8.61 -12.19 -39.48
C8 NAG P . -7.25 -11.56 -39.43
N2 NAG P . -9.06 -12.56 -40.68
O3 NAG P . -9.39 -15.21 -41.61
O4 NAG P . -11.73 -15.73 -43.22
O5 NAG P . -12.68 -12.69 -41.39
O6 NAG P . -14.55 -14.90 -43.55
O7 NAG P . -9.29 -12.33 -38.46
H1 NAG P . -11.20 -11.81 -42.20
H2 NAG P . -10.71 -13.60 -40.10
H3 NAG P . -10.06 -13.80 -42.82
H4 NAG P . -11.94 -15.29 -41.31
H5 NAG P . -12.63 -13.35 -43.27
H61 NAG P . -14.28 -14.89 -41.60
H62 NAG P . -14.79 -13.51 -42.18
H81 NAG P . -7.35 -10.62 -39.68
H82 NAG P . -6.90 -11.60 -38.53
H83 NAG P . -6.64 -12.00 -40.04
HN2 NAG P . -8.52 -12.41 -41.41
HO3 NAG P . -8.64 -15.09 -42.08
HO4 NAG P . -10.97 -16.19 -43.21
HO6 NAG P . -15.44 -14.95 -43.60
C1 NAG Q . -19.46 -9.71 -30.89
C2 NAG Q . -19.49 -11.21 -31.19
C3 NAG Q . -20.93 -11.68 -31.36
C4 NAG Q . -21.77 -11.26 -30.17
C5 NAG Q . -21.62 -9.77 -29.89
C6 NAG Q . -22.29 -9.32 -28.61
C7 NAG Q . -17.45 -11.95 -32.36
C8 NAG Q . -16.81 -12.17 -33.70
N2 NAG Q . -18.71 -11.51 -32.38
O3 NAG Q . -20.94 -13.09 -31.49
O4 NAG Q . -23.14 -11.56 -30.43
O5 NAG Q . -20.23 -9.44 -29.74
O6 NAG Q . -23.40 -10.16 -28.27
O7 NAG Q . -16.83 -12.14 -31.31
H1 NAG Q . -19.86 -9.24 -31.64
H2 NAG Q . -19.14 -11.67 -30.41
H3 NAG Q . -21.30 -11.28 -32.17
H4 NAG Q . -21.48 -11.77 -29.39
H5 NAG Q . -22.00 -9.26 -30.63
H61 NAG Q . -21.65 -9.34 -27.88
H62 NAG Q . -22.62 -8.42 -28.73
H81 NAG Q . -16.75 -11.31 -34.17
H82 NAG Q . -15.90 -12.51 -33.57
H83 NAG Q . -17.34 -12.79 -34.22
HN2 NAG Q . -19.09 -11.37 -33.20
HO3 NAG Q . -21.04 -13.32 -32.35
HO4 NAG Q . -23.19 -12.34 -30.86
HO6 NAG Q . -23.58 -10.07 -27.41
C1 NAG R . 52.24 24.80 5.77
C2 NAG R . 51.79 25.65 4.62
C3 NAG R . 51.17 24.77 3.56
C4 NAG R . 52.20 23.76 3.09
C5 NAG R . 52.83 23.00 4.28
C6 NAG R . 54.05 22.22 3.87
C7 NAG R . 51.23 27.94 5.35
C8 NAG R . 50.13 28.86 5.76
N2 NAG R . 50.86 26.68 5.05
O3 NAG R . 50.72 25.56 2.46
O4 NAG R . 51.59 22.81 2.22
O5 NAG R . 53.24 23.89 5.32
O6 NAG R . 55.18 23.06 3.70
O7 NAG R . 52.40 28.31 5.29
H1 NAG R . 51.46 24.28 6.07
H2 NAG R . 52.59 26.05 4.22
H3 NAG R . 50.41 24.29 3.94
H4 NAG R . 52.91 24.21 2.61
H5 NAG R . 52.16 22.39 4.63
H61 NAG R . 54.26 21.56 4.58
H62 NAG R . 53.88 21.75 3.04
H81 NAG R . 50.47 29.77 5.79
H82 NAG R . 49.81 28.61 6.65
H83 NAG R . 49.40 28.80 5.12
HN2 NAG R . 49.98 26.47 5.11
HO3 NAG R . 49.90 25.31 2.24
HO4 NAG R . 51.79 23.00 1.38
HO6 NAG R . 55.92 22.58 3.67
C1 NAG S . 37.86 27.98 19.02
C2 NAG S . 38.26 29.35 18.48
C3 NAG S . 38.81 30.20 19.61
C4 NAG S . 37.77 30.29 20.74
C5 NAG S . 37.27 28.91 21.15
C6 NAG S . 36.07 28.98 22.07
C7 NAG S . 38.89 29.27 16.10
C8 NAG S . 40.02 29.16 15.14
N2 NAG S . 39.23 29.25 17.40
O3 NAG S . 39.12 31.49 19.12
O4 NAG S . 38.37 30.93 21.86
O5 NAG S . 36.86 28.14 20.01
O6 NAG S . 36.22 29.95 23.08
O7 NAG S . 37.72 29.35 15.72
H1 NAG S . 38.64 27.65 19.51
H2 NAG S . 37.45 29.80 18.18
H3 NAG S . 39.62 29.78 19.95
H4 NAG S . 37.02 30.82 20.42
H5 NAG S . 37.98 28.44 21.63
H61 NAG S . 35.27 29.18 21.54
H62 NAG S . 35.94 28.11 22.49
H81 NAG S . 40.63 29.92 15.26
H82 NAG S . 40.50 28.33 15.32
H83 NAG S . 39.68 29.15 14.23
HN2 NAG S . 40.11 29.19 17.61
HO3 NAG S . 39.77 31.44 18.51
HO4 NAG S . 38.97 31.52 21.59
HO6 NAG S . 35.56 29.88 23.67
C1 NAG T . 38.69 10.16 -5.61
C2 NAG T . 39.67 10.95 -6.43
C3 NAG T . 41.06 10.32 -6.31
C4 NAG T . 41.45 10.22 -4.84
C5 NAG T . 40.35 9.55 -4.02
C6 NAG T . 40.57 9.65 -2.53
C7 NAG T . 38.44 11.96 -8.32
C8 NAG T . 38.12 11.86 -9.77
N2 NAG T . 39.26 11.02 -7.84
O3 NAG T . 42.00 11.12 -7.02
O4 NAG T . 42.64 9.45 -4.72
O5 NAG T . 39.08 10.16 -4.27
O6 NAG T . 40.19 10.93 -2.03
O7 NAG T . 37.94 12.82 -7.60
H1 NAG T . 38.71 9.24 -5.94
H2 NAG T . 39.72 11.85 -6.07
H3 NAG T . 41.04 9.44 -6.70
H4 NAG T . 41.60 11.11 -4.49
H5 NAG T . 40.29 8.60 -4.26
H61 NAG T . 40.03 8.98 -2.08
H62 NAG T . 41.52 9.50 -2.33
H81 NAG T . 38.93 12.07 -10.29
H82 NAG T . 37.43 12.52 -9.99
H83 NAG T . 37.81 10.97 -9.98
HN2 NAG T . 39.59 10.40 -8.41
HO3 NAG T . 42.36 10.63 -7.67
HO4 NAG T . 43.12 9.74 -4.03
HO6 NAG T . 39.89 10.86 -1.20
C1 NAG U . 71.61 -0.23 19.70
C2 NAG U . 71.83 -1.28 18.60
C3 NAG U . 73.29 -1.69 18.51
C4 NAG U . 74.17 -0.45 18.35
C5 NAG U . 73.89 0.52 19.49
C6 NAG U . 74.68 1.80 19.38
C7 NAG U . 69.83 -2.69 18.18
C8 NAG U . 69.13 -3.95 18.56
N2 NAG U . 70.99 -2.44 18.82
O3 NAG U . 73.49 -2.57 17.41
O4 NAG U . 75.54 -0.83 18.34
O5 NAG U . 72.50 0.88 19.49
O6 NAG U . 73.97 2.92 19.91
O7 NAG U . 69.38 -1.91 17.34
H1 NAG U . 71.83 -0.64 20.56
H2 NAG U . 71.62 -0.86 17.74
H3 NAG U . 73.55 -2.13 19.34
H4 NAG U . 73.96 -0.03 17.50
H5 NAG U . 74.10 0.09 20.34
H61 NAG U . 75.52 1.71 19.88
H62 NAG U . 74.90 1.98 18.45
H81 NAG U . 68.97 -3.96 19.53
H82 NAG U . 69.67 -4.72 18.31
H83 NAG U . 68.27 -3.99 18.09
HN2 NAG U . 71.27 -3.06 19.44
HO3 NAG U . 74.36 -2.70 17.30
HO4 NAG U . 75.72 -1.23 17.57
HO6 NAG U . 74.54 3.56 20.12
C1 NAG V . -33.63 24.39 -15.85
C2 NAG V . -32.44 25.30 -16.08
C3 NAG V . -32.88 26.50 -16.91
C4 NAG V . -33.48 26.00 -18.22
C5 NAG V . -34.58 24.97 -17.98
C6 NAG V . -35.05 24.30 -19.24
C7 NAG V . -30.77 25.10 -14.28
C8 NAG V . -30.30 25.64 -12.97
N2 NAG V . -31.82 25.74 -14.83
O3 NAG V . -31.77 27.36 -17.14
O4 NAG V . -34.03 27.10 -18.95
O5 NAG V . -34.12 23.92 -17.10
O6 NAG V . -36.02 25.06 -19.92
O7 NAG V . -30.25 24.12 -14.81
H1 NAG V . -34.35 24.93 -15.48
H2 NAG V . -31.80 24.84 -16.65
H3 NAG V . -33.57 26.99 -16.40
H4 NAG V . -32.76 25.59 -18.74
H5 NAG V . -35.35 25.42 -17.57
H61 NAG V . -34.29 24.13 -19.83
H62 NAG V . -35.45 23.43 -19.00
H81 NAG V . -30.87 25.27 -12.26
H82 NAG V . -29.38 25.33 -12.80
H83 NAG V . -30.32 26.61 -12.95
HN2 NAG V . -32.19 26.44 -14.39
HO3 NAG V . -31.75 27.99 -16.52
HO4 NAG V . -33.45 27.76 -18.96
HO6 NAG V . -36.46 24.55 -20.50
C1 NAG W . -30.37 11.81 -19.01
C2 NAG W . -30.10 12.68 -20.22
C3 NAG W . -30.80 12.10 -21.45
C4 NAG W . -30.44 10.63 -21.63
C5 NAG W . -30.66 9.85 -20.34
C6 NAG W . -30.16 8.43 -20.40
C7 NAG W . -29.73 15.03 -19.59
C8 NAG W . -30.39 16.35 -19.36
N2 NAG W . -30.54 14.04 -19.98
O3 NAG W . -30.41 12.83 -22.61
O4 NAG W . -31.25 10.07 -22.67
O5 NAG W . -29.95 10.48 -19.26
O6 NAG W . -30.18 7.92 -21.73
O7 NAG W . -28.53 14.86 -19.39
H1 NAG W . -31.33 11.79 -18.84
H2 NAG W . -29.15 12.64 -20.41
H3 NAG W . -31.76 12.18 -21.34
H4 NAG W . -29.51 10.57 -21.90
H5 NAG W . -31.62 9.84 -20.14
H61 NAG W . -29.26 8.39 -20.06
H62 NAG W . -30.74 7.87 -19.85
H81 NAG W . -31.06 16.25 -18.65
H82 NAG W . -29.72 17.01 -19.08
H83 NAG W . -30.82 16.65 -20.18
HN2 NAG W . -31.43 14.23 -20.09
HO3 NAG W . -31.03 13.44 -22.80
HO4 NAG W . -31.30 10.64 -23.34
HO6 NAG W . -29.57 7.28 -21.81
C1 NAG X . 21.76 16.65 51.23
C2 NAG X . 20.33 16.67 51.68
C3 NAG X . 19.50 17.39 50.63
C4 NAG X . 20.03 18.81 50.45
C5 NAG X . 21.54 18.81 50.19
C6 NAG X . 22.15 20.19 50.29
C7 NAG X . 19.81 14.76 53.14
C8 NAG X . 19.25 13.38 53.19
N2 NAG X . 19.82 15.34 51.93
O3 NAG X . 18.13 17.42 51.03
O4 NAG X . 19.37 19.43 49.35
O5 NAG X . 22.25 17.98 51.14
O6 NAG X . 22.31 20.59 51.64
O7 NAG X . 20.26 15.32 54.13
H1 NAG X . 21.79 16.24 50.35
H2 NAG X . 20.28 17.22 52.48
H3 NAG X . 19.57 16.91 49.79
H4 NAG X . 19.85 19.32 51.26
H5 NAG X . 21.70 18.44 49.30
H61 NAG X . 23.03 20.19 49.85
H62 NAG X . 21.58 20.82 49.83
H81 NAG X . 19.11 13.13 54.13
H82 NAG X . 19.87 12.76 52.78
H83 NAG X . 18.40 13.35 52.71
HN2 NAG X . 19.48 14.87 51.22
HO3 NAG X . 17.63 17.11 50.36
HO4 NAG X . 18.69 19.91 49.65
HO6 NAG X . 22.95 21.19 51.70
C1 NAG Y . 23.80 -1.99 44.81
C2 NAG Y . 23.15 -2.06 46.19
C3 NAG Y . 24.06 -2.81 47.13
C4 NAG Y . 24.38 -4.20 46.56
C5 NAG Y . 24.86 -4.12 45.11
C6 NAG Y . 24.91 -5.47 44.44
C7 NAG Y . 21.65 -0.15 46.59
C8 NAG Y . 21.54 1.21 47.20
N2 NAG Y . 22.84 -0.74 46.72
O3 NAG Y . 23.45 -2.92 48.41
O4 NAG Y . 25.38 -4.82 47.35
O5 NAG Y . 23.97 -3.31 44.32
O6 NAG Y . 25.39 -6.48 45.31
O7 NAG Y . 20.72 -0.67 45.99
H1 NAG Y . 24.70 -1.65 44.95
H2 NAG Y . 22.34 -2.59 46.12
H3 NAG Y . 24.90 -2.31 47.23
H4 NAG Y . 23.56 -4.74 46.60
H5 NAG Y . 25.76 -3.75 45.09
H61 NAG Y . 24.01 -5.71 44.13
H62 NAG Y . 25.50 -5.42 43.67
H81 NAG Y . 21.67 1.15 48.16
H82 NAG Y . 22.22 1.78 46.80
H83 NAG Y . 20.65 1.57 47.01
HN2 NAG Y . 23.50 -0.29 47.17
HO3 NAG Y . 23.56 -2.15 48.84
HO4 NAG Y . 25.32 -4.54 48.19
HO6 NAG Y . 25.58 -7.21 44.84
C1 NAG Z . 11.38 22.42 31.58
C2 NAG Z . 10.96 23.09 32.86
C3 NAG Z . 11.98 24.15 33.24
C4 NAG Z . 13.36 23.53 33.34
C5 NAG Z . 13.70 22.71 32.08
C6 NAG Z . 14.94 21.85 32.26
C7 NAG Z . 8.50 23.00 32.99
C8 NAG Z . 7.22 23.77 32.81
N2 NAG Z . 9.62 23.67 32.74
O3 NAG Z . 11.61 24.74 34.48
O4 NAG Z . 14.34 24.55 33.49
O5 NAG Z . 12.63 21.81 31.76
O6 NAG Z . 14.63 20.66 32.97
O7 NAG Z . 8.50 21.82 33.33
H1 NAG Z . 11.45 23.10 30.88
H2 NAG Z . 10.95 22.42 33.56
H3 NAG Z . 11.99 24.84 32.56
H4 NAG Z . 13.39 22.93 34.11
H5 NAG Z . 13.84 23.32 31.34
H61 NAG Z . 15.27 21.61 31.37
H62 NAG Z . 15.62 22.36 32.74
H81 NAG Z . 7.18 24.46 33.50
H82 NAG Z . 6.46 23.16 32.91
H83 NAG Z . 7.21 24.16 31.93
HN2 NAG Z . 9.56 24.55 32.48
HO3 NAG Z . 11.51 25.62 34.37
HO4 NAG Z . 15.01 24.26 34.01
HO6 NAG Z . 15.31 20.08 32.91
C1 NAG AA . 51.47 32.18 42.78
C2 NAG AA . 51.11 33.50 42.09
C3 NAG AA . 51.94 34.64 42.66
C4 NAG AA . 51.82 34.68 44.17
C5 NAG AA . 52.20 33.34 44.75
C6 NAG AA . 52.07 33.26 46.26
C7 NAG AA . 50.33 33.19 39.76
C8 NAG AA . 50.75 33.12 38.32
N2 NAG AA . 51.31 33.40 40.64
O3 NAG AA . 51.51 35.88 42.10
O4 NAG AA . 52.65 35.71 44.69
O5 NAG AA . 51.35 32.32 44.20
O6 NAG AA . 51.65 31.98 46.68
O7 NAG AA . 49.16 33.05 40.10
H1 NAG AA . 52.40 31.97 42.56
H2 NAG AA . 50.18 33.70 42.30
H3 NAG AA . 52.88 34.50 42.43
H4 NAG AA . 50.89 34.89 44.40
H5 NAG AA . 53.13 33.14 44.51
H61 NAG AA . 52.94 33.46 46.66
H62 NAG AA . 51.42 33.93 46.55
H81 NAG AA . 51.44 32.44 38.22
H82 NAG AA . 51.10 33.99 38.03
H83 NAG AA . 49.97 32.90 37.77
HN2 NAG AA . 52.15 33.50 40.32
HO3 NAG AA . 51.97 36.55 42.47
HO4 NAG AA . 52.29 36.50 44.50
HO6 NAG AA . 52.05 31.77 47.45
C1 NAG BA . -38.23 -22.81 -0.65
C2 NAG BA . -38.09 -22.30 0.79
C3 NAG BA . -39.37 -22.60 1.55
C4 NAG BA . -40.53 -21.92 0.83
C5 NAG BA . -40.58 -22.32 -0.64
C6 NAG BA . -41.57 -21.50 -1.44
C7 NAG BA . -35.74 -22.26 1.52
C8 NAG BA . -34.64 -23.02 2.20
N2 NAG BA . -36.93 -22.88 1.47
O3 NAG BA . -39.24 -22.13 2.88
O4 NAG BA . -41.76 -22.30 1.45
O5 NAG BA . -39.29 -22.12 -1.28
O6 NAG BA . -42.90 -22.00 -1.31
O7 NAG BA . -35.54 -21.16 1.02
H1 NAG BA . -38.51 -23.74 -0.60
H2 NAG BA . -38.03 -21.33 0.76
H3 NAG BA . -39.51 -23.56 1.56
H4 NAG BA . -40.41 -20.96 0.90
H5 NAG BA . -40.83 -23.26 -0.72
H61 NAG BA . -41.55 -20.57 -1.14
H62 NAG BA . -41.32 -21.54 -2.38
H81 NAG BA . -34.26 -23.65 1.56
H82 NAG BA . -33.95 -22.39 2.49
H83 NAG BA . -34.98 -23.50 2.98
HN2 NAG BA . -37.01 -23.71 1.83
HO3 NAG BA . -39.06 -22.82 3.42
HO4 NAG BA . -41.66 -22.29 2.33
HO6 NAG BA . -43.41 -21.66 -1.94
C1 NAG CA . -34.50 -12.78 -8.65
C2 NAG CA . -35.58 -12.25 -7.72
C3 NAG CA . -36.71 -11.62 -8.53
C4 NAG CA . -36.15 -10.56 -9.49
C5 NAG CA . -35.00 -11.15 -10.31
C6 NAG CA . -34.29 -10.11 -11.14
C7 NAG CA . -35.71 -13.54 -5.61
C8 NAG CA . -36.34 -14.71 -4.93
N2 NAG CA . -36.11 -13.32 -6.88
O3 NAG CA . -37.63 -10.99 -7.64
O4 NAG CA . -37.19 -10.12 -10.35
O5 NAG CA . -34.02 -11.73 -9.45
O6 NAG CA . -35.16 -9.06 -11.55
O7 NAG CA . -34.87 -12.83 -5.06
H1 NAG CA . -34.90 -13.46 -9.23
H2 NAG CA . -35.20 -11.54 -7.19
H3 NAG CA . -37.17 -12.31 -9.04
H4 NAG CA . -35.81 -9.81 -8.96
H5 NAG CA . -35.36 -11.84 -10.91
H61 NAG CA . -33.55 -9.73 -10.63
H62 NAG CA . -33.92 -10.54 -11.94
H81 NAG CA . -36.08 -15.53 -5.40
H82 NAG CA . -36.02 -14.77 -4.01
H83 NAG CA . -37.31 -14.62 -4.94
HN2 NAG CA . -36.72 -13.89 -7.23
HO3 NAG CA . -38.40 -11.44 -7.64
HO4 NAG CA . -37.95 -10.07 -9.89
HO6 NAG CA . -34.68 -8.32 -11.69
C1 NAG DA . 44.97 -26.42 25.56
C2 NAG DA . 44.59 -27.56 24.64
C3 NAG DA . 43.09 -27.74 24.68
C4 NAG DA . 42.66 -28.04 26.11
C5 NAG DA . 43.22 -26.99 27.09
C6 NAG DA . 43.06 -27.41 28.54
C7 NAG DA . 46.20 -27.82 22.78
C8 NAG DA . 46.49 -27.48 21.36
N2 NAG DA . 45.06 -27.33 23.28
O3 NAG DA . 42.69 -28.79 23.81
O4 NAG DA . 41.24 -28.04 26.20
O5 NAG DA . 44.63 -26.77 26.89
O6 NAG DA . 44.04 -28.38 28.90
O7 NAG DA . 46.96 -28.50 23.46
H1 NAG DA . 44.45 -25.65 25.28
H2 NAG DA . 44.98 -28.37 25.00
H3 NAG DA . 42.66 -26.92 24.38
H4 NAG DA . 43.00 -28.92 26.37
H5 NAG DA . 42.76 -26.15 26.94
H61 NAG DA . 43.17 -26.62 29.11
H62 NAG DA . 42.17 -27.79 28.66
H81 NAG DA . 47.24 -28.02 21.05
H82 NAG DA . 46.74 -26.54 21.29
H83 NAG DA . 45.70 -27.66 20.82
HN2 NAG DA . 44.52 -26.83 22.72
HO3 NAG DA . 42.00 -28.53 23.33
HO4 NAG DA . 40.93 -28.86 26.08
HO6 NAG DA . 44.19 -28.32 29.78
C1 NAG EA . 47.76 -12.19 12.04
C2 NAG EA . 48.50 -13.39 11.52
C3 NAG EA . 49.99 -13.05 11.43
C4 NAG EA . 50.18 -11.81 10.56
C5 NAG EA . 49.27 -10.67 10.98
C6 NAG EA . 49.22 -9.53 9.97
C7 NAG EA . 47.37 -15.50 12.09
C8 NAG EA . 47.31 -16.63 13.06
N2 NAG EA . 48.30 -14.57 12.34
O3 NAG EA . 50.69 -14.16 10.89
O4 NAG EA . 51.54 -11.39 10.65
O5 NAG EA . 47.91 -11.11 11.15
O6 NAG EA . 50.51 -9.21 9.49
O7 NAG EA . 46.60 -15.41 11.14
H1 NAG EA . 48.21 -11.91 12.85
H2 NAG EA . 48.22 -13.56 10.61
H3 NAG EA . 50.32 -12.87 12.33
H4 NAG EA . 49.99 -12.05 9.63
H5 NAG EA . 49.60 -10.29 11.83
H61 NAG EA . 48.66 -9.81 9.23
H62 NAG EA . 48.83 -8.75 10.39
H81 NAG EA . 48.15 -17.12 13.04
H82 NAG EA . 47.16 -16.27 13.95
H83 NAG EA . 46.57 -17.22 12.80
HN2 NAG EA . 48.84 -14.69 13.07
HO3 NAG EA . 50.63 -14.85 11.44
HO4 NAG EA . 52.05 -12.07 10.91
HO6 NAG EA . 50.45 -8.48 8.98
C1 NAG FA . 22.24 -23.44 24.21
C2 NAG FA . 22.75 -24.85 24.47
C3 NAG FA . 23.16 -24.98 25.93
C4 NAG FA . 24.17 -23.91 26.29
C5 NAG FA . 23.68 -22.53 25.87
C6 NAG FA . 24.74 -21.46 25.98
C7 NAG FA . 21.62 -26.37 22.89
C8 NAG FA . 20.53 -27.38 22.71
N2 NAG FA . 21.75 -25.85 24.12
O3 NAG FA . 23.70 -26.28 26.15
O4 NAG FA . 24.40 -23.91 27.69
O5 NAG FA . 23.26 -22.52 24.50
O6 NAG FA . 25.67 -21.53 24.89
O7 NAG FA . 22.34 -26.02 21.95
H1 NAG FA . 21.48 -23.29 24.81
H2 NAG FA . 23.54 -24.98 23.92
H3 NAG FA . 22.36 -24.88 26.49
H4 NAG FA . 25.01 -24.10 25.82
H5 NAG FA . 22.93 -22.27 26.44
H61 NAG FA . 24.32 -20.58 25.96
H62 NAG FA . 25.23 -21.57 26.82
H81 NAG FA . 20.76 -28.19 23.21
H82 NAG FA . 20.44 -27.59 21.77
H83 NAG FA . 19.70 -27.01 23.05
HN2 NAG FA . 21.18 -26.14 24.77
HO3 NAG FA . 23.16 -26.74 26.68
HO4 NAG FA . 25.24 -23.68 27.86
HO6 NAG FA . 25.86 -20.72 24.61
C1 NAG GA . 47.55 -10.57 56.00
C2 NAG GA . 46.36 -10.98 56.87
C3 NAG GA . 46.82 -11.37 58.27
C4 NAG GA . 47.91 -12.42 58.19
C5 NAG GA . 49.05 -11.91 57.32
C6 NAG GA . 50.16 -12.92 57.13
C7 NAG GA . 44.25 -9.87 56.18
C8 NAG GA . 43.36 -8.69 56.41
N2 NAG GA . 45.36 -9.92 56.94
O3 NAG GA . 45.72 -11.86 59.02
O4 NAG GA . 48.39 -12.72 59.50
O5 NAG GA . 48.55 -11.60 56.00
O6 NAG GA . 50.80 -12.78 55.87
O7 NAG GA . 44.00 -10.73 55.34
H1 NAG GA . 47.94 -9.76 56.40
H2 NAG GA . 45.97 -11.79 56.48
H3 NAG GA . 47.19 -10.57 58.71
H4 NAG GA . 47.53 -13.23 57.79
H5 NAG GA . 49.42 -11.09 57.71
H61 NAG GA . 50.83 -12.79 57.84
H62 NAG GA . 49.79 -13.82 57.21
H81 NAG GA . 43.86 -7.86 56.27
H82 NAG GA . 43.01 -8.71 57.32
H83 NAG GA . 42.62 -8.72 55.77
HN2 NAG GA . 45.49 -9.26 57.54
HO3 NAG GA . 46.01 -12.14 59.82
HO4 NAG GA . 47.80 -13.24 59.90
HO6 NAG GA . 51.64 -13.06 55.93
#